data_8X01
#
_entry.id   8X01
#
loop_
_entity.id
_entity.type
_entity.pdbx_description
1 polymer 'RNA-directed RNA polymerase L'
2 polymer Phosphoprotein
3 non-polymer 'ZINC ION'
#
loop_
_entity_poly.entity_id
_entity_poly.type
_entity_poly.pdbx_seq_one_letter_code
_entity_poly.pdbx_strand_id
1 'polypeptide(L)'
;MAGLNEILLPEVHLNSPIVRYKLFYYILHGQLPNDLEPDDLGPLANQNWKAIRAEESQVHARLKQIRVELIARIPSLRWT
RSQREIAILIWPRILPILQAYDLRQSMQLPTVWEKLTQSTVNLISDGLERVVLHISNQLTGKPNLFTRSRAGQDTKDYSI
PSTRELSQIWFNNEWSGSVKTWLMIKYRMRQLITNQKTGELTDLVTIVDTRSTLCIITPELVALYSSEHKALTYLTFEMV
LMVTDMLEGRLNVSSLCTASHYLSPLKKRIEVLLTLVDDLALLMGDKVYGIVSSLESFVYAQLQYGDPVIDIKGTFYGFI
CNEILDLLTEDNIFTEEEANKVLLDLTSQFDNLSPDLTAELLCIMRLWGHPTLTASQAASKVRESMCAPKVLDFQTIMKT
LAFFHAILINGYRRSHNGIWPPTTLHGNAPKSLIEMRHDNSELKYEYVLKNWKSISMLRIHKCFDASPDEDLSIFMKDKA
ISCPRQDWMGVFRRSLIKQRYRDANRPLPQPFNRRLLLNFLEDDRFDPIKELEYVTSGEYLRDPEFCASYSLKEKEIKAT
GRIFAKMTKRMRSCQVIAESLLANHAGKLMRENGVVLDQLKLTKSLLTMNQIGIISEHSRRSTADNMTLAHSGSNKHRIN
NSQFKKNKDNKHEMPDDGFEIAACFLTTDLTKYCLNWRYQVIIPFARTLNSMYGIPHLFEWIHLRLMRSTLYVGDPFNPP
SDPTQLDLDTALNDDIFIVSPRGGIEGLCQKLWTMISISTIILSATEANTRVMSMVQGDNQAIAITTRVVRSLSHSEKKE
QAYKASKLFFERLRANNHGIGHHLKEQETILSSDFFIYSKRVFYKGRILTQALKNVSKMCLTADILGDCSQASCSNLATT
VMRLTENGVEKDLCYFLNAFMTIRQLCYDLVFPQTKSLSQDITNAYLNHPILISRLCLLPSQLGGLNFLSCSRLFNRNIG
DPLVSAIADVKRLIKAGCLDIWVLYNILGRRPGKGKWSTLAADPYTLNIDYLVPSTTFLKKHAQYTLMERSVNPMLRGVF
SENAAEEEEELAQYLLDREVVMPRVAHVILAQSSCGRRKQIQGYLDSTRTIIRYSLEVRPLSAKKLNTVIEYNLLYLSYN
LEIIEKPNIVQPFLNAINVDTCSIDIARSLRKLSWATLLNGRPIEGLETPDPIELVHGCLIIGSDECEHCSSGDDKFTWF
FLPKGIRLDDDPASNPPIRVPYIGSKTDERRVASMAYIKGASVSLKSALRLAGVYIWAFGDTEESWQDAYELASTRVNLT
LEQLQSLTPLPTSANLVHRLDDGTTQLKFTPASSYAFSSFVHISNDCQILEIDDQVTDSNLIYQQVMITGLALIETWNNP
PINFSVYETTLHLHTGSSCCIRPVESCVVNPPLLPVPLINVPQMNKFVYDPEPLSLLEMEKIEDIAYQTRIGGLDQIPLL
EKIPLLAHLTAKQMVNSITGLDEATSIMNDAVVQADYTSNWISECCYTYIDSVFVYSGWALLLELSYQMYYLRIQGIQGI
LDYVYMTLRRIPGMAITGISSTISHPRILRRCINLDVIAPINSPHIASLDYTKLSIDAVMWGTKQVLTNISQGIDYEIVV
PSESQLTLSDRVLNLVARKLSLLAIIWANYNYPPKVKGMSPEDKCQALTTHLLQTVEYVEYIQIEKTNIRRMIIEPKLTA
YPSNLFYLSRKLLNAIRDSEEGQFLIASYYNSFGYLEPILMESKIFNLSSSESASLTEFDFILNLELSDASLEKYSLPSL
LMTAENMDNPFPQPPLHHVLRPLGLSSTSWYKTISVLNYISHMKISDGAHLYLAEGSGASMSLIETFLPGETIWYNSLFN
SGENPPQRNFAPLPTQFIESVPYRLIQAGIAAGNGIVQSFYPLWNGNSDITDLSTKTSVEYIIHKVGADTCALVHVDLEG
VPGSMNSMLERAQVHALLITVTVLKPGGLLILKASWEPFNRFSFLLTVLWQFFSTIRILRSSYSDPNNHEVYIIATLAVD
PTTSSFTTALNRARTLNEQGFSLIPPELVSEYWRKRVEQGQIIQDCIDKVISECVRDQYLADNNIILQAGGTPSTRKWLD
LPDYSSFNELQSEMARLITIHLKEVIEILKGQASDHDTLLFTSYNVGPLGKINTILRLIVERILMYTVRNWCILPTQTRL
TLRQSIELGEFRLRDVITPMEILKLSPNRKYLKSALNQSTFNHLMGETSDILLNRAYQKRIWKAIGCVIYCFGLLTPDVE
GSERIDVDNDIPDYDIHGDII
;
A
2 'polypeptide(L)'
;MDQFIKQDETGDLIETGMNVANHFLSTPIQGTNSLSKASILPGVAPVLIGNPEQKNIQHPTASHQGSKTKGRGSGVRSII
VSPSEAGNGGTQIPEPLFAQTGQGGIVTTVYQDPTIQPTGSYRSVELAKIGKERMINRFVEKPRTSTPVTEFKRGGPGAA
AQGQTIQEEGIDGNGASAGSKERSGSLSGATLYAHLSLPQQDSTPANVGIAPQSAISANEIMDLLRGMDARLQHLEQKVD
KVLAQGSMVTQIKNELSTVKTTLATIEGMMATVKIMDPGNPTGVPVDELRRSFSDHVTIVSGPGDVSFSSSEKPTLYLDE
LARPVSKPRPAKQTKSQPVKDLAGQKVMITKMITDCVANPQMKQAFEQRLAKASTEDALNDIKRDIIRSAI
;
B,C,D,E
#
loop_
_chem_comp.id
_chem_comp.type
_chem_comp.name
_chem_comp.formula
ZN non-polymer 'ZINC ION' 'Zn 2'
#
# COMPACT_ATOMS: atom_id res chain seq x y z
N LEU A 4 28.97 -5.93 24.76
CA LEU A 4 28.14 -5.54 23.63
C LEU A 4 27.19 -6.67 23.24
N ASN A 5 27.64 -7.91 23.40
CA ASN A 5 26.84 -9.07 23.06
C ASN A 5 25.63 -9.24 23.97
N GLU A 6 25.56 -8.52 25.09
CA GLU A 6 24.40 -8.58 25.97
C GLU A 6 23.25 -7.71 25.47
N ILE A 7 23.48 -6.87 24.46
CA ILE A 7 22.42 -6.10 23.84
C ILE A 7 21.98 -6.71 22.52
N LEU A 8 22.93 -7.13 21.69
CA LEU A 8 22.63 -7.78 20.41
C LEU A 8 22.36 -9.27 20.63
N LEU A 9 21.37 -9.53 21.47
CA LEU A 9 21.00 -10.90 21.80
C LEU A 9 20.31 -11.56 20.62
N PRO A 10 20.34 -12.90 20.55
CA PRO A 10 19.62 -13.60 19.48
C PRO A 10 18.13 -13.28 19.53
N GLU A 11 17.52 -13.24 18.36
CA GLU A 11 16.12 -12.84 18.23
C GLU A 11 15.22 -13.84 18.96
N VAL A 12 14.14 -13.31 19.53
CA VAL A 12 13.20 -14.14 20.28
C VAL A 12 12.10 -14.71 19.39
N HIS A 13 11.78 -14.03 18.29
CA HIS A 13 10.71 -14.47 17.40
C HIS A 13 11.24 -14.64 15.99
N LEU A 14 10.53 -15.45 15.21
CA LEU A 14 10.96 -15.79 13.86
C LEU A 14 10.91 -14.54 12.97
N ASN A 15 12.02 -14.29 12.27
CA ASN A 15 12.09 -13.21 11.32
C ASN A 15 12.80 -13.59 10.03
N SER A 16 13.20 -14.84 9.86
CA SER A 16 13.91 -15.32 8.70
C SER A 16 13.26 -16.59 8.18
N PRO A 17 13.38 -16.88 6.88
CA PRO A 17 12.80 -18.11 6.35
C PRO A 17 13.49 -19.34 6.89
N ILE A 18 12.73 -20.42 6.99
CA ILE A 18 13.27 -21.70 7.41
C ILE A 18 13.90 -22.37 6.19
N VAL A 19 15.20 -22.59 6.24
CA VAL A 19 15.95 -23.16 5.13
C VAL A 19 16.19 -24.64 5.44
N ARG A 20 15.68 -25.52 4.57
CA ARG A 20 15.85 -26.95 4.76
C ARG A 20 17.33 -27.34 4.66
N TYR A 21 18.05 -26.76 3.72
CA TYR A 21 19.44 -27.15 3.50
C TYR A 21 20.35 -26.70 4.63
N LYS A 22 19.95 -25.69 5.41
CA LYS A 22 20.73 -25.35 6.60
C LYS A 22 20.68 -26.49 7.62
N LEU A 23 19.48 -27.01 7.90
CA LEU A 23 19.36 -28.16 8.78
C LEU A 23 20.07 -29.37 8.21
N PHE A 24 19.96 -29.58 6.89
CA PHE A 24 20.65 -30.71 6.27
C PHE A 24 22.17 -30.58 6.40
N TYR A 25 22.68 -29.36 6.23
CA TYR A 25 24.11 -29.11 6.41
C TYR A 25 24.55 -29.41 7.83
N TYR A 26 23.76 -28.98 8.81
CA TYR A 26 24.11 -29.27 10.20
C TYR A 26 24.06 -30.76 10.49
N ILE A 27 23.05 -31.46 9.96
CA ILE A 27 22.94 -32.90 10.20
C ILE A 27 24.10 -33.65 9.56
N LEU A 28 24.45 -33.32 8.33
CA LEU A 28 25.53 -34.01 7.64
C LEU A 28 26.91 -33.63 8.15
N HIS A 29 27.04 -32.44 8.76
CA HIS A 29 28.34 -32.00 9.24
C HIS A 29 28.87 -32.92 10.34
N GLY A 30 28.01 -33.28 11.29
CA GLY A 30 28.39 -34.14 12.40
C GLY A 30 28.07 -35.60 12.23
N GLN A 31 27.69 -36.04 11.02
CA GLN A 31 27.31 -37.43 10.76
C GLN A 31 26.17 -37.87 11.69
N LEU A 32 25.23 -36.97 11.92
CA LEU A 32 24.09 -37.29 12.77
C LEU A 32 23.24 -38.36 12.12
N PRO A 33 22.64 -39.26 12.90
CA PRO A 33 21.78 -40.29 12.32
C PRO A 33 20.59 -39.69 11.59
N ASN A 34 20.29 -40.22 10.41
CA ASN A 34 19.19 -39.71 9.61
C ASN A 34 18.83 -40.75 8.55
N ASP A 35 17.63 -40.61 8.00
CA ASP A 35 17.17 -41.43 6.89
C ASP A 35 16.90 -40.59 5.65
N LEU A 36 17.70 -39.55 5.45
CA LEU A 36 17.50 -38.66 4.31
C LEU A 36 17.97 -39.33 3.03
N GLU A 37 17.13 -39.28 2.00
CA GLU A 37 17.49 -39.83 0.71
C GLU A 37 18.51 -38.94 0.02
N PRO A 38 19.30 -39.49 -0.90
CA PRO A 38 20.24 -38.65 -1.67
C PRO A 38 19.55 -37.51 -2.41
N ASP A 39 18.31 -37.72 -2.85
CA ASP A 39 17.58 -36.64 -3.52
C ASP A 39 17.23 -35.52 -2.54
N ASP A 40 16.95 -35.87 -1.28
CA ASP A 40 16.62 -34.85 -0.29
C ASP A 40 17.80 -33.92 -0.03
N LEU A 41 19.02 -34.47 0.05
CA LEU A 41 20.19 -33.66 0.34
C LEU A 41 20.48 -32.66 -0.76
N GLY A 42 20.07 -32.96 -1.99
CA GLY A 42 20.33 -32.09 -3.12
C GLY A 42 21.82 -31.91 -3.37
N PRO A 43 22.25 -30.66 -3.53
CA PRO A 43 23.68 -30.39 -3.77
C PRO A 43 24.58 -30.77 -2.60
N LEU A 44 24.03 -30.88 -1.39
CA LEU A 44 24.86 -31.16 -0.21
C LEU A 44 25.40 -32.59 -0.19
N ALA A 45 24.84 -33.49 -1.01
CA ALA A 45 25.29 -34.87 -0.99
C ALA A 45 26.69 -35.03 -1.59
N ASN A 46 27.00 -34.21 -2.60
CA ASN A 46 28.29 -34.36 -3.31
C ASN A 46 29.36 -33.41 -2.75
N GLN A 47 29.10 -32.72 -1.65
CA GLN A 47 30.11 -31.89 -1.02
C GLN A 47 31.15 -32.73 -0.32
N ASN A 48 32.41 -32.30 -0.39
CA ASN A 48 33.51 -32.98 0.29
C ASN A 48 33.43 -32.63 1.77
N TRP A 49 32.76 -33.49 2.53
CA TRP A 49 32.53 -33.21 3.94
C TRP A 49 33.78 -33.37 4.78
N LYS A 50 34.82 -34.04 4.26
CA LYS A 50 36.06 -34.18 5.01
C LYS A 50 36.73 -32.83 5.21
N ALA A 51 36.83 -32.02 4.16
CA ALA A 51 37.42 -30.69 4.30
C ALA A 51 36.55 -29.79 5.16
N ILE A 52 35.23 -29.86 4.98
CA ILE A 52 34.31 -29.02 5.75
C ILE A 52 34.42 -29.36 7.23
N ARG A 53 34.60 -30.64 7.56
CA ARG A 53 34.80 -31.03 8.95
C ARG A 53 36.20 -30.67 9.43
N ALA A 54 37.18 -30.64 8.53
CA ALA A 54 38.51 -30.19 8.90
C ALA A 54 38.49 -28.73 9.35
N GLU A 55 37.78 -27.88 8.61
CA GLU A 55 37.48 -26.55 9.12
C GLU A 55 36.30 -26.64 10.08
N GLU A 56 35.96 -25.51 10.71
CA GLU A 56 34.87 -25.45 11.69
C GLU A 56 35.03 -26.54 12.74
N SER A 57 36.09 -26.76 13.36
CA SER A 57 36.25 -27.91 14.26
C SER A 57 35.44 -27.75 15.55
N GLN A 58 35.23 -26.47 16.05
CA GLN A 58 34.34 -26.40 17.21
C GLN A 58 32.94 -26.89 16.87
N VAL A 59 32.42 -26.50 15.70
CA VAL A 59 31.07 -26.91 15.30
C VAL A 59 31.01 -28.43 15.14
N HIS A 60 32.00 -28.99 14.45
CA HIS A 60 32.03 -30.43 14.26
C HIS A 60 32.22 -31.16 15.59
N ALA A 61 33.00 -30.59 16.51
CA ALA A 61 33.18 -31.20 17.82
C ALA A 61 31.86 -31.24 18.59
N ARG A 62 31.10 -30.14 18.56
CA ARG A 62 29.81 -30.10 19.23
C ARG A 62 28.85 -31.11 18.60
N LEU A 63 28.83 -31.18 17.27
CA LEU A 63 27.94 -32.11 16.59
C LEU A 63 28.33 -33.55 16.88
N LYS A 64 29.62 -33.85 16.93
CA LYS A 64 30.07 -35.19 17.28
C LYS A 64 29.69 -35.52 18.73
N GLN A 65 29.78 -34.53 19.62
CA GLN A 65 29.38 -34.75 21.01
C GLN A 65 27.91 -35.10 21.11
N ILE A 66 27.06 -34.35 20.42
CA ILE A 66 25.63 -34.66 20.50
C ILE A 66 25.33 -35.99 19.82
N ARG A 67 26.08 -36.33 18.76
CA ARG A 67 25.87 -37.62 18.10
C ARG A 67 26.24 -38.77 19.02
N VAL A 68 27.37 -38.68 19.71
CA VAL A 68 27.76 -39.76 20.61
C VAL A 68 26.84 -39.83 21.81
N GLU A 69 26.31 -38.68 22.27
CA GLU A 69 25.31 -38.72 23.33
C GLU A 69 24.04 -39.42 22.87
N LEU A 70 23.61 -39.15 21.64
CA LEU A 70 22.44 -39.83 21.09
C LEU A 70 22.68 -41.34 20.98
N ILE A 71 23.88 -41.72 20.53
CA ILE A 71 24.20 -43.14 20.39
C ILE A 71 24.21 -43.82 21.75
N ALA A 72 24.82 -43.17 22.75
CA ALA A 72 24.88 -43.76 24.09
C ALA A 72 23.49 -43.88 24.71
N ARG A 73 22.65 -42.86 24.56
CA ARG A 73 21.31 -42.91 25.12
C ARG A 73 20.44 -43.95 24.40
N ILE A 74 20.49 -43.97 23.08
CA ILE A 74 19.72 -44.90 22.27
C ILE A 74 20.68 -45.76 21.47
N PRO A 75 20.97 -46.98 21.94
CA PRO A 75 21.87 -47.86 21.18
C PRO A 75 21.35 -48.21 19.81
N SER A 76 20.04 -48.21 19.61
CA SER A 76 19.45 -48.63 18.35
C SER A 76 19.76 -47.66 17.20
N LEU A 77 20.21 -46.44 17.52
CA LEU A 77 20.48 -45.46 16.47
C LEU A 77 21.69 -45.83 15.63
N ARG A 78 22.54 -46.74 16.10
CA ARG A 78 23.68 -47.18 15.30
C ARG A 78 23.24 -48.03 14.11
N TRP A 79 22.07 -48.66 14.20
CA TRP A 79 21.56 -49.46 13.10
C TRP A 79 21.27 -48.57 11.90
N THR A 80 21.67 -49.03 10.72
CA THR A 80 21.48 -48.30 9.49
C THR A 80 20.38 -48.95 8.65
N ARG A 81 20.16 -48.43 7.44
CA ARG A 81 19.18 -48.95 6.49
C ARG A 81 17.76 -48.92 7.03
N SER A 82 17.50 -48.06 8.04
CA SER A 82 16.18 -47.88 8.63
C SER A 82 15.60 -49.17 9.19
N GLN A 83 16.46 -50.16 9.48
CA GLN A 83 16.00 -51.39 10.12
C GLN A 83 15.69 -51.21 11.60
N ARG A 84 16.04 -50.05 12.16
CA ARG A 84 15.73 -49.73 13.54
C ARG A 84 14.26 -49.34 13.68
N GLU A 85 13.78 -49.31 14.92
CA GLU A 85 12.41 -48.89 15.21
C GLU A 85 12.27 -47.38 15.33
N ILE A 86 13.38 -46.64 15.31
CA ILE A 86 13.36 -45.20 15.48
C ILE A 86 13.36 -44.55 14.09
N ALA A 87 12.45 -43.62 13.87
CA ALA A 87 12.33 -42.91 12.61
C ALA A 87 12.77 -41.46 12.78
N ILE A 88 13.70 -41.03 11.92
CA ILE A 88 14.20 -39.66 11.95
C ILE A 88 13.26 -38.80 11.11
N LEU A 89 12.67 -37.80 11.72
CA LEU A 89 11.66 -36.96 11.08
C LEU A 89 12.14 -35.52 10.99
N ILE A 90 11.86 -34.89 9.86
CA ILE A 90 12.14 -33.47 9.66
C ILE A 90 10.91 -32.69 10.10
N TRP A 91 11.10 -31.40 10.40
CA TRP A 91 10.13 -30.52 11.05
C TRP A 91 8.68 -30.74 10.62
N PRO A 92 8.33 -30.70 9.33
CA PRO A 92 6.91 -30.77 8.97
C PRO A 92 6.25 -32.07 9.40
N ARG A 93 7.02 -33.14 9.63
CA ARG A 93 6.47 -34.43 9.99
C ARG A 93 6.48 -34.68 11.50
N ILE A 94 6.90 -33.70 12.30
CA ILE A 94 6.87 -33.84 13.76
C ILE A 94 5.71 -33.06 14.37
N LEU A 95 4.81 -32.54 13.54
CA LEU A 95 3.66 -31.79 14.05
C LEU A 95 2.77 -32.61 14.98
N PRO A 96 2.39 -33.86 14.67
CA PRO A 96 1.50 -34.59 15.58
C PRO A 96 2.17 -35.10 16.84
N ILE A 97 3.47 -34.91 17.03
CA ILE A 97 4.17 -35.41 18.21
C ILE A 97 4.76 -34.27 19.03
N LEU A 98 4.28 -33.04 18.83
CA LEU A 98 4.78 -31.91 19.62
C LEU A 98 4.40 -32.05 21.09
N GLN A 99 3.18 -32.52 21.37
CA GLN A 99 2.75 -32.70 22.75
C GLN A 99 3.51 -33.82 23.45
N ALA A 100 4.16 -34.71 22.70
CA ALA A 100 4.93 -35.78 23.32
C ALA A 100 6.14 -35.22 24.08
N TYR A 101 6.79 -34.21 23.52
CA TYR A 101 7.95 -33.60 24.16
C TYR A 101 7.48 -32.80 25.38
N ASP A 102 7.84 -33.26 26.57
CA ASP A 102 7.36 -32.66 27.81
C ASP A 102 8.45 -31.96 28.60
N LEU A 103 9.53 -32.68 28.94
CA LEU A 103 10.62 -32.15 29.77
C LEU A 103 10.11 -31.56 31.08
N ARG A 104 8.98 -32.05 31.58
CA ARG A 104 8.38 -31.47 32.79
C ARG A 104 9.30 -31.67 34.00
N GLN A 105 9.87 -32.86 34.14
CA GLN A 105 10.83 -33.08 35.21
C GLN A 105 12.19 -32.50 34.79
N SER A 106 13.04 -32.27 35.80
CA SER A 106 14.33 -31.60 35.61
C SER A 106 14.13 -30.26 34.91
N MET A 107 13.09 -29.55 35.31
CA MET A 107 12.76 -28.25 34.73
C MET A 107 11.91 -27.50 35.73
N GLN A 108 12.44 -26.44 36.32
CA GLN A 108 11.77 -25.73 37.39
C GLN A 108 11.36 -24.31 37.06
N LEU A 109 12.04 -23.65 36.11
CA LEU A 109 11.72 -22.26 35.81
C LEU A 109 10.29 -22.06 35.32
N PRO A 110 9.77 -22.84 34.37
CA PRO A 110 8.36 -22.63 33.97
C PRO A 110 7.37 -22.82 35.11
N THR A 111 7.61 -23.79 35.99
CA THR A 111 6.71 -23.99 37.12
C THR A 111 6.75 -22.81 38.08
N VAL A 112 7.94 -22.27 38.33
CA VAL A 112 8.05 -21.09 39.19
C VAL A 112 7.34 -19.90 38.54
N TRP A 113 7.48 -19.76 37.23
CA TRP A 113 6.83 -18.66 36.52
C TRP A 113 5.30 -18.79 36.62
N GLU A 114 4.78 -20.00 36.41
CA GLU A 114 3.33 -20.20 36.51
C GLU A 114 2.83 -19.94 37.93
N LYS A 115 3.57 -20.44 38.93
CA LYS A 115 3.14 -20.22 40.32
C LYS A 115 3.17 -18.74 40.67
N LEU A 116 4.21 -18.02 40.24
CA LEU A 116 4.29 -16.59 40.54
C LEU A 116 3.15 -15.83 39.86
N THR A 117 2.87 -16.15 38.59
CA THR A 117 1.77 -15.49 37.89
C THR A 117 0.44 -15.76 38.59
N GLN A 118 0.21 -17.01 38.99
CA GLN A 118 -1.04 -17.32 39.69
C GLN A 118 -1.13 -16.57 41.02
N SER A 119 -0.04 -16.53 41.78
CA SER A 119 -0.08 -15.86 43.07
C SER A 119 -0.32 -14.37 42.92
N THR A 120 0.28 -13.75 41.90
CA THR A 120 0.07 -12.32 41.68
C THR A 120 -1.34 -12.04 41.19
N VAL A 121 -1.87 -12.89 40.29
CA VAL A 121 -3.21 -12.66 39.76
C VAL A 121 -4.28 -12.86 40.82
N ASN A 122 -4.05 -13.79 41.76
CA ASN A 122 -5.05 -14.07 42.78
C ASN A 122 -5.34 -12.87 43.67
N LEU A 123 -4.49 -11.85 43.67
CA LEU A 123 -4.64 -10.71 44.56
C LEU A 123 -5.46 -9.57 43.97
N ILE A 124 -5.68 -9.56 42.65
CA ILE A 124 -6.29 -8.41 41.99
C ILE A 124 -7.52 -8.76 41.17
N SER A 125 -7.94 -10.03 41.14
CA SER A 125 -9.09 -10.41 40.34
C SER A 125 -10.36 -9.72 40.83
N ASP A 126 -10.62 -9.78 42.14
CA ASP A 126 -11.81 -9.17 42.71
C ASP A 126 -11.80 -7.67 42.53
N GLY A 127 -10.63 -7.04 42.71
CA GLY A 127 -10.54 -5.60 42.52
C GLY A 127 -10.86 -5.19 41.09
N LEU A 128 -10.39 -5.94 40.11
CA LEU A 128 -10.69 -5.62 38.71
C LEU A 128 -12.16 -5.85 38.41
N GLU A 129 -12.77 -6.89 39.01
CA GLU A 129 -14.20 -7.09 38.86
C GLU A 129 -14.98 -5.89 39.41
N ARG A 130 -14.56 -5.40 40.58
CA ARG A 130 -15.20 -4.21 41.14
C ARG A 130 -14.98 -3.00 40.26
N VAL A 131 -13.79 -2.87 39.67
CA VAL A 131 -13.50 -1.72 38.80
C VAL A 131 -14.44 -1.73 37.60
N VAL A 132 -14.57 -2.88 36.94
CA VAL A 132 -15.42 -2.92 35.74
C VAL A 132 -16.90 -2.78 36.11
N LEU A 133 -17.29 -3.30 37.28
CA LEU A 133 -18.66 -3.09 37.74
C LEU A 133 -18.95 -1.61 37.95
N HIS A 134 -18.01 -0.89 38.59
CA HIS A 134 -18.18 0.54 38.80
C HIS A 134 -18.22 1.28 37.47
N ILE A 135 -17.38 0.88 36.51
CA ILE A 135 -17.38 1.51 35.20
C ILE A 135 -18.73 1.34 34.52
N SER A 136 -19.27 0.12 34.55
CA SER A 136 -20.58 -0.13 33.94
C SER A 136 -21.67 0.69 34.64
N ASN A 137 -21.64 0.74 35.97
CA ASN A 137 -22.64 1.50 36.71
C ASN A 137 -22.55 2.98 36.37
N GLN A 138 -21.33 3.50 36.21
CA GLN A 138 -21.16 4.92 35.93
C GLN A 138 -21.53 5.27 34.50
N LEU A 139 -21.29 4.36 33.55
CA LEU A 139 -21.51 4.67 32.14
C LEU A 139 -22.91 4.31 31.65
N THR A 140 -23.64 3.46 32.37
CA THR A 140 -24.99 3.09 31.95
C THR A 140 -26.04 3.23 33.04
N GLY A 141 -25.66 3.28 34.31
CA GLY A 141 -26.63 3.25 35.39
C GLY A 141 -27.12 1.87 35.76
N LYS A 142 -26.66 0.83 35.06
CA LYS A 142 -27.04 -0.55 35.32
C LYS A 142 -25.79 -1.41 35.39
N PRO A 143 -25.81 -2.47 36.20
CA PRO A 143 -24.60 -3.27 36.42
C PRO A 143 -24.36 -4.40 35.43
N ASN A 144 -25.08 -4.43 34.30
CA ASN A 144 -24.95 -5.51 33.32
C ASN A 144 -24.61 -4.97 31.94
N LEU A 145 -23.68 -4.01 31.88
CA LEU A 145 -23.25 -3.48 30.59
C LEU A 145 -22.38 -4.50 29.85
N PHE A 146 -21.42 -5.11 30.55
CA PHE A 146 -20.50 -6.04 29.93
C PHE A 146 -20.99 -7.48 29.95
N THR A 147 -21.99 -7.80 30.76
CA THR A 147 -22.43 -9.17 30.95
C THR A 147 -23.79 -9.45 30.32
N ARG A 148 -24.32 -8.53 29.51
CA ARG A 148 -25.62 -8.76 28.89
C ARG A 148 -25.54 -9.85 27.81
N SER A 149 -24.54 -9.77 26.94
CA SER A 149 -24.41 -10.75 25.87
C SER A 149 -24.05 -12.13 26.42
N ARG A 150 -23.31 -12.18 27.53
CA ARG A 150 -22.92 -13.44 28.13
C ARG A 150 -23.96 -13.99 29.10
N ALA A 151 -25.01 -13.23 29.38
CA ALA A 151 -26.05 -13.70 30.29
C ALA A 151 -27.40 -13.06 29.96
N TYR A 158 -24.21 -16.99 31.04
CA TYR A 158 -23.28 -18.11 30.95
C TYR A 158 -22.25 -18.05 32.07
N SER A 159 -21.01 -17.76 31.72
CA SER A 159 -19.92 -17.65 32.68
C SER A 159 -19.12 -16.39 32.40
N ILE A 160 -18.76 -15.67 33.47
CA ILE A 160 -18.00 -14.43 33.37
C ILE A 160 -16.57 -14.74 33.78
N PRO A 161 -15.60 -14.70 32.86
CA PRO A 161 -14.21 -15.02 33.22
C PRO A 161 -13.51 -13.80 33.82
N SER A 162 -13.01 -13.96 35.04
CA SER A 162 -12.25 -12.91 35.70
C SER A 162 -10.76 -13.09 35.39
N THR A 163 -9.90 -12.33 36.06
CA THR A 163 -8.47 -12.46 35.83
C THR A 163 -7.94 -13.79 36.35
N ARG A 164 -8.40 -14.22 37.53
CA ARG A 164 -7.99 -15.52 38.05
C ARG A 164 -8.46 -16.66 37.15
N GLU A 165 -9.70 -16.56 36.66
CA GLU A 165 -10.20 -17.57 35.72
C GLU A 165 -9.39 -17.56 34.44
N LEU A 166 -9.04 -16.38 33.95
CA LEU A 166 -8.22 -16.28 32.73
C LEU A 166 -6.87 -16.95 32.93
N SER A 167 -6.22 -16.69 34.07
CA SER A 167 -4.95 -17.33 34.35
C SER A 167 -5.09 -18.84 34.47
N GLN A 168 -6.15 -19.30 35.12
CA GLN A 168 -6.36 -20.74 35.26
C GLN A 168 -6.52 -21.41 33.91
N ILE A 169 -7.38 -20.87 33.05
CA ILE A 169 -7.60 -21.47 31.73
C ILE A 169 -6.47 -21.18 30.75
N TRP A 170 -5.56 -20.27 31.09
CA TRP A 170 -4.38 -20.05 30.26
C TRP A 170 -3.22 -20.96 30.64
N PHE A 171 -3.13 -21.37 31.91
CA PHE A 171 -2.05 -22.23 32.37
C PHE A 171 -2.46 -23.68 32.52
N ASN A 172 -3.76 -24.01 32.40
CA ASN A 172 -4.22 -25.38 32.59
C ASN A 172 -4.76 -26.02 31.32
N ASN A 173 -4.98 -25.26 30.26
CA ASN A 173 -5.52 -25.82 29.03
C ASN A 173 -4.46 -26.64 28.30
N GLU A 174 -4.83 -27.18 27.15
CA GLU A 174 -3.87 -27.88 26.32
C GLU A 174 -2.88 -26.89 25.72
N TRP A 175 -1.76 -27.43 25.23
CA TRP A 175 -0.61 -26.70 24.70
C TRP A 175 0.14 -25.92 25.76
N SER A 176 -0.34 -25.87 27.01
CA SER A 176 0.36 -25.11 28.03
C SER A 176 1.69 -25.76 28.39
N GLY A 177 1.68 -27.08 28.59
CA GLY A 177 2.93 -27.77 28.85
C GLY A 177 3.89 -27.68 27.67
N SER A 178 3.37 -27.78 26.45
CA SER A 178 4.21 -27.64 25.27
C SER A 178 4.82 -26.25 25.17
N VAL A 179 4.03 -25.21 25.45
CA VAL A 179 4.56 -23.85 25.43
C VAL A 179 5.64 -23.69 26.49
N LYS A 180 5.42 -24.21 27.70
CA LYS A 180 6.43 -24.09 28.74
C LYS A 180 7.71 -24.82 28.35
N THR A 181 7.66 -26.04 27.78
CA THR A 181 8.85 -26.84 27.38
C THR A 181 9.56 -26.27 26.17
N TRP A 182 8.86 -25.59 25.30
CA TRP A 182 9.57 -24.97 24.19
C TRP A 182 10.09 -23.58 24.58
N LEU A 183 9.44 -22.90 25.52
CA LEU A 183 9.99 -21.67 26.06
C LEU A 183 11.29 -21.94 26.80
N MET A 184 11.33 -23.00 27.61
CA MET A 184 12.58 -23.37 28.27
C MET A 184 13.65 -23.76 27.27
N ILE A 185 13.28 -24.50 26.22
CA ILE A 185 14.24 -24.91 25.20
C ILE A 185 14.81 -23.69 24.50
N LYS A 186 13.94 -22.75 24.13
CA LYS A 186 14.40 -21.53 23.45
C LYS A 186 15.28 -20.70 24.37
N TYR A 187 14.92 -20.58 25.65
CA TYR A 187 15.74 -19.83 26.58
C TYR A 187 17.12 -20.45 26.73
N ARG A 188 17.18 -21.77 26.89
CA ARG A 188 18.46 -22.45 27.02
C ARG A 188 19.30 -22.30 25.76
N MET A 189 18.67 -22.41 24.58
CA MET A 189 19.43 -22.32 23.34
C MET A 189 19.93 -20.90 23.11
N ARG A 190 19.12 -19.89 23.48
CA ARG A 190 19.58 -18.51 23.39
C ARG A 190 20.74 -18.27 24.35
N GLN A 191 20.68 -18.84 25.56
CA GLN A 191 21.81 -18.75 26.46
C GLN A 191 23.07 -19.36 25.86
N LEU A 192 22.92 -20.54 25.23
CA LEU A 192 24.06 -21.21 24.62
C LEU A 192 24.63 -20.39 23.46
N ILE A 193 23.75 -19.80 22.65
CA ILE A 193 24.21 -18.96 21.53
C ILE A 193 24.97 -17.74 22.06
N THR A 194 24.43 -17.11 23.11
CA THR A 194 25.12 -15.96 23.69
C THR A 194 26.49 -16.35 24.26
N ASN A 195 26.55 -17.50 24.93
CA ASN A 195 27.83 -17.98 25.45
C ASN A 195 28.82 -18.26 24.33
N GLN A 196 28.35 -18.87 23.24
CA GLN A 196 29.22 -19.16 22.11
C GLN A 196 29.73 -17.88 21.45
N LYS A 197 28.88 -16.86 21.38
CA LYS A 197 29.31 -15.59 20.80
C LYS A 197 30.45 -14.98 21.61
N THR A 198 30.38 -15.07 22.93
CA THR A 198 31.44 -14.55 23.79
C THR A 198 32.72 -15.38 23.71
N GLY A 199 32.68 -16.55 23.08
CA GLY A 199 33.86 -17.38 22.98
C GLY A 199 34.15 -18.22 24.21
N GLU A 200 33.12 -18.57 24.99
CA GLU A 200 33.33 -19.39 26.17
C GLU A 200 33.86 -20.77 25.79
N LEU A 201 33.29 -21.38 24.75
CA LEU A 201 33.80 -22.61 24.16
C LEU A 201 33.66 -23.82 25.08
N THR A 202 33.17 -23.59 26.31
CA THR A 202 33.04 -24.64 27.30
C THR A 202 31.57 -24.85 27.65
N ASP A 203 31.23 -26.09 27.98
CA ASP A 203 29.88 -26.53 28.32
C ASP A 203 28.84 -25.90 27.39
N LEU A 204 29.01 -26.12 26.09
CA LEU A 204 28.11 -25.61 25.08
C LEU A 204 27.11 -26.65 24.60
N VAL A 205 27.02 -27.80 25.28
CA VAL A 205 26.05 -28.83 24.97
C VAL A 205 25.23 -29.08 26.23
N THR A 206 23.92 -28.93 26.13
CA THR A 206 23.01 -29.10 27.26
C THR A 206 22.14 -30.32 27.03
N ILE A 207 22.11 -31.22 28.01
CA ILE A 207 21.30 -32.43 27.97
C ILE A 207 20.36 -32.41 29.16
N VAL A 208 19.07 -32.59 28.89
CA VAL A 208 18.06 -32.62 29.94
C VAL A 208 17.72 -34.04 30.35
N ASP A 209 17.66 -34.96 29.39
CA ASP A 209 17.50 -36.39 29.65
C ASP A 209 16.24 -36.67 30.50
N THR A 210 15.14 -36.03 30.13
CA THR A 210 13.86 -36.33 30.75
C THR A 210 13.43 -37.75 30.40
N ARG A 211 12.70 -38.38 31.32
CA ARG A 211 12.17 -39.72 31.06
C ARG A 211 11.23 -39.67 29.86
N SER A 212 11.44 -40.61 28.93
CA SER A 212 10.65 -40.75 27.70
C SER A 212 10.80 -39.57 26.75
N THR A 213 11.71 -38.63 27.04
CA THR A 213 11.93 -37.50 26.14
C THR A 213 13.36 -36.98 26.38
N LEU A 214 14.26 -37.29 25.47
CA LEU A 214 15.65 -36.85 25.54
C LEU A 214 15.86 -35.68 24.58
N CYS A 215 16.33 -34.56 25.12
CA CYS A 215 16.59 -33.37 24.32
C CYS A 215 18.02 -32.90 24.56
N ILE A 216 18.75 -32.65 23.48
CA ILE A 216 20.12 -32.16 23.54
C ILE A 216 20.16 -30.82 22.82
N ILE A 217 20.64 -29.78 23.50
CA ILE A 217 20.62 -28.42 23.02
C ILE A 217 22.03 -27.97 22.67
N THR A 218 22.19 -27.42 21.48
CA THR A 218 23.45 -26.92 20.95
C THR A 218 23.17 -25.56 20.34
N PRO A 219 24.15 -24.65 20.37
CA PRO A 219 23.95 -23.33 19.72
C PRO A 219 23.59 -23.42 18.24
N GLU A 220 23.76 -24.58 17.61
CA GLU A 220 23.45 -24.75 16.19
C GLU A 220 22.11 -25.44 15.96
N LEU A 221 21.85 -26.54 16.66
CA LEU A 221 20.60 -27.27 16.47
C LEU A 221 20.33 -28.11 17.72
N VAL A 222 19.07 -28.53 17.87
CA VAL A 222 18.65 -29.38 18.96
C VAL A 222 18.30 -30.76 18.43
N ALA A 223 18.44 -31.76 19.29
CA ALA A 223 18.10 -33.15 18.96
C ALA A 223 17.06 -33.61 19.96
N LEU A 224 15.82 -33.77 19.49
CA LEU A 224 14.70 -34.16 20.33
C LEU A 224 14.30 -35.59 20.00
N TYR A 225 14.27 -36.45 21.02
CA TYR A 225 13.92 -37.85 20.87
C TYR A 225 12.79 -38.17 21.83
N SER A 226 11.69 -38.72 21.30
CA SER A 226 10.53 -39.10 22.10
C SER A 226 10.46 -40.62 22.14
N SER A 227 10.50 -41.18 23.35
CA SER A 227 10.46 -42.64 23.49
C SER A 227 9.07 -43.19 23.23
N GLU A 228 8.02 -42.42 23.52
CA GLU A 228 6.66 -42.90 23.33
C GLU A 228 6.37 -43.17 21.85
N HIS A 229 6.81 -42.27 20.97
CA HIS A 229 6.59 -42.42 19.54
C HIS A 229 7.81 -42.94 18.80
N LYS A 230 8.96 -43.07 19.48
CA LYS A 230 10.20 -43.56 18.87
C LYS A 230 10.58 -42.74 17.64
N ALA A 231 10.44 -41.42 17.75
CA ALA A 231 10.77 -40.50 16.66
C ALA A 231 11.78 -39.48 17.15
N LEU A 232 12.87 -39.32 16.40
CA LEU A 232 13.92 -38.37 16.72
C LEU A 232 13.97 -37.30 15.63
N THR A 233 14.05 -36.04 16.05
CA THR A 233 14.04 -34.92 15.12
C THR A 233 15.15 -33.95 15.47
N TYR A 234 15.57 -33.18 14.47
CA TYR A 234 16.57 -32.14 14.62
C TYR A 234 15.96 -30.80 14.19
N LEU A 235 16.20 -29.76 14.99
CA LEU A 235 15.65 -28.44 14.72
C LEU A 235 16.75 -27.40 14.85
N THR A 236 16.85 -26.53 13.85
CA THR A 236 17.77 -25.40 13.90
C THR A 236 17.18 -24.29 14.77
N PHE A 237 17.94 -23.20 14.93
CA PHE A 237 17.48 -22.11 15.78
C PHE A 237 16.21 -21.47 15.22
N GLU A 238 16.18 -21.22 13.92
CA GLU A 238 14.98 -20.65 13.30
C GLU A 238 13.81 -21.60 13.42
N MET A 239 14.06 -22.91 13.28
CA MET A 239 12.99 -23.88 13.48
C MET A 239 12.46 -23.86 14.90
N VAL A 240 13.35 -23.72 15.89
CA VAL A 240 12.92 -23.66 17.28
C VAL A 240 12.08 -22.41 17.52
N LEU A 241 12.52 -21.27 16.98
CA LEU A 241 11.76 -20.04 17.12
C LEU A 241 10.38 -20.16 16.48
N MET A 242 10.33 -20.75 15.28
CA MET A 242 9.04 -20.93 14.60
C MET A 242 8.12 -21.85 15.40
N VAL A 243 8.67 -22.95 15.92
CA VAL A 243 7.85 -23.91 16.66
C VAL A 243 7.30 -23.27 17.93
N THR A 244 8.13 -22.54 18.67
CA THR A 244 7.63 -21.92 19.89
C THR A 244 6.66 -20.79 19.60
N ASP A 245 6.86 -20.04 18.50
CA ASP A 245 5.90 -19.02 18.13
C ASP A 245 4.55 -19.63 17.76
N MET A 246 4.58 -20.73 17.01
CA MET A 246 3.34 -21.40 16.63
C MET A 246 2.63 -21.98 17.85
N LEU A 247 3.39 -22.55 18.79
CA LEU A 247 2.79 -23.10 19.99
C LEU A 247 2.19 -21.99 20.86
N GLU A 248 2.87 -20.85 20.97
CA GLU A 248 2.32 -19.72 21.70
C GLU A 248 1.04 -19.21 21.03
N GLY A 249 1.03 -19.15 19.70
CA GLY A 249 -0.18 -18.75 19.00
C GLY A 249 -1.33 -19.72 19.21
N ARG A 250 -1.03 -21.02 19.18
CA ARG A 250 -2.06 -22.03 19.47
C ARG A 250 -2.60 -21.87 20.88
N LEU A 251 -1.71 -21.64 21.85
CA LEU A 251 -2.13 -21.44 23.23
C LEU A 251 -3.04 -20.23 23.35
N ASN A 252 -2.64 -19.10 22.75
CA ASN A 252 -3.45 -17.89 22.83
C ASN A 252 -4.82 -18.10 22.18
N VAL A 253 -4.85 -18.71 21.01
CA VAL A 253 -6.10 -18.90 20.29
C VAL A 253 -7.03 -19.83 21.07
N SER A 254 -6.51 -20.96 21.55
CA SER A 254 -7.34 -21.90 22.29
C SER A 254 -7.85 -21.28 23.58
N SER A 255 -7.00 -20.54 24.30
CA SER A 255 -7.41 -19.94 25.55
C SER A 255 -8.45 -18.85 25.33
N LEU A 256 -8.29 -18.04 24.28
CA LEU A 256 -9.29 -17.01 24.00
C LEU A 256 -10.61 -17.64 23.59
N CYS A 257 -10.57 -18.72 22.80
CA CYS A 257 -11.80 -19.40 22.44
C CYS A 257 -12.48 -20.00 23.68
N THR A 258 -11.69 -20.50 24.63
CA THR A 258 -12.25 -21.01 25.87
C THR A 258 -12.85 -19.89 26.71
N ALA A 259 -12.23 -18.70 26.68
CA ALA A 259 -12.63 -17.62 27.58
C ALA A 259 -13.85 -16.88 27.05
N SER A 260 -13.74 -16.27 25.87
CA SER A 260 -14.82 -15.45 25.34
C SER A 260 -16.01 -16.29 24.93
N HIS A 261 -17.20 -15.87 25.35
CA HIS A 261 -18.44 -16.50 24.88
C HIS A 261 -18.63 -16.28 23.38
N TYR A 262 -18.08 -15.19 22.85
CA TYR A 262 -18.19 -14.89 21.42
C TYR A 262 -17.45 -15.94 20.59
N LEU A 263 -16.27 -16.36 21.03
CA LEU A 263 -15.43 -17.27 20.27
C LEU A 263 -15.53 -18.72 20.77
N SER A 264 -16.46 -19.00 21.68
CA SER A 264 -16.59 -20.36 22.19
C SER A 264 -16.87 -21.41 21.12
N PRO A 265 -17.75 -21.19 20.13
CA PRO A 265 -17.98 -22.24 19.12
C PRO A 265 -16.75 -22.57 18.30
N LEU A 266 -15.76 -21.68 18.22
CA LEU A 266 -14.62 -21.92 17.34
C LEU A 266 -13.59 -22.86 17.98
N LYS A 267 -13.68 -23.10 19.28
CA LYS A 267 -12.63 -23.86 19.96
C LYS A 267 -12.52 -25.28 19.44
N LYS A 268 -13.65 -26.00 19.43
CA LYS A 268 -13.63 -27.39 18.99
C LYS A 268 -13.27 -27.50 17.52
N ARG A 269 -13.79 -26.59 16.69
CA ARG A 269 -13.48 -26.63 15.27
C ARG A 269 -12.00 -26.39 15.02
N ILE A 270 -11.41 -25.42 15.73
CA ILE A 270 -9.98 -25.15 15.56
C ILE A 270 -9.15 -26.31 16.04
N GLU A 271 -9.53 -26.93 17.16
CA GLU A 271 -8.78 -28.08 17.66
C GLU A 271 -8.83 -29.25 16.67
N VAL A 272 -10.02 -29.53 16.12
CA VAL A 272 -10.15 -30.62 15.17
C VAL A 272 -9.37 -30.33 13.90
N LEU A 273 -9.42 -29.07 13.43
CA LEU A 273 -8.64 -28.70 12.25
C LEU A 273 -7.15 -28.85 12.50
N LEU A 274 -6.69 -28.44 13.67
CA LEU A 274 -5.27 -28.57 13.99
C LEU A 274 -4.84 -30.03 13.99
N THR A 275 -5.65 -30.90 14.61
CA THR A 275 -5.30 -32.32 14.63
C THR A 275 -5.29 -32.92 13.22
N LEU A 276 -6.31 -32.59 12.42
CA LEU A 276 -6.40 -33.16 11.08
C LEU A 276 -5.23 -32.71 10.22
N VAL A 277 -4.89 -31.42 10.24
CA VAL A 277 -3.79 -30.95 9.42
C VAL A 277 -2.43 -31.38 9.98
N ASP A 278 -2.32 -31.62 11.29
CA ASP A 278 -1.09 -32.20 11.81
C ASP A 278 -0.89 -33.63 11.29
N ASP A 279 -1.95 -34.43 11.30
CA ASP A 279 -1.84 -35.78 10.73
C ASP A 279 -1.53 -35.70 9.24
N LEU A 280 -2.17 -34.78 8.53
CA LEU A 280 -1.89 -34.60 7.10
C LEU A 280 -0.43 -34.21 6.87
N ALA A 281 0.10 -33.33 7.72
CA ALA A 281 1.50 -32.93 7.61
C ALA A 281 2.42 -34.12 7.82
N LEU A 282 2.14 -34.94 8.83
CA LEU A 282 2.95 -36.13 9.05
C LEU A 282 2.90 -37.06 7.85
N LEU A 283 1.73 -37.23 7.24
CA LEU A 283 1.60 -38.17 6.13
C LEU A 283 2.19 -37.62 4.83
N MET A 284 2.19 -36.30 4.65
CA MET A 284 2.58 -35.69 3.38
C MET A 284 4.00 -35.14 3.39
N GLY A 285 4.32 -34.24 4.31
CA GLY A 285 5.60 -33.57 4.29
C GLY A 285 5.45 -32.06 4.26
N ASP A 286 6.11 -31.42 3.30
CA ASP A 286 6.00 -29.98 3.13
C ASP A 286 4.88 -29.58 2.19
N LYS A 287 4.14 -30.53 1.65
CA LYS A 287 3.04 -30.25 0.74
C LYS A 287 1.73 -29.95 1.45
N VAL A 288 1.71 -30.02 2.78
CA VAL A 288 0.49 -29.72 3.52
C VAL A 288 0.21 -28.23 3.58
N TYR A 289 1.20 -27.39 3.29
CA TYR A 289 0.94 -25.95 3.29
C TYR A 289 0.16 -25.51 2.06
N GLY A 290 0.19 -26.30 0.99
CA GLY A 290 -0.78 -26.11 -0.07
C GLY A 290 -2.20 -26.31 0.41
N ILE A 291 -2.42 -27.32 1.25
CA ILE A 291 -3.73 -27.54 1.85
C ILE A 291 -4.08 -26.38 2.79
N VAL A 292 -3.08 -25.85 3.49
CA VAL A 292 -3.33 -24.71 4.38
C VAL A 292 -3.79 -23.49 3.58
N SER A 293 -3.11 -23.21 2.46
CA SER A 293 -3.52 -22.10 1.60
C SER A 293 -4.91 -22.35 1.00
N SER A 294 -5.18 -23.61 0.63
CA SER A 294 -6.51 -23.94 0.14
C SER A 294 -7.57 -23.70 1.20
N LEU A 295 -7.25 -23.95 2.48
CA LEU A 295 -8.18 -23.63 3.56
C LEU A 295 -8.37 -22.12 3.70
N GLU A 296 -7.28 -21.36 3.51
CA GLU A 296 -7.38 -19.91 3.52
C GLU A 296 -8.38 -19.43 2.48
N SER A 297 -8.31 -19.99 1.27
CA SER A 297 -9.29 -19.64 0.24
C SER A 297 -10.67 -20.22 0.55
N PHE A 298 -10.71 -21.38 1.22
CA PHE A 298 -11.98 -22.01 1.56
C PHE A 298 -12.77 -21.21 2.57
N VAL A 299 -12.10 -20.38 3.37
CA VAL A 299 -12.85 -19.46 4.24
C VAL A 299 -13.75 -18.56 3.40
N TYR A 300 -13.20 -17.94 2.37
CA TYR A 300 -14.00 -17.09 1.49
C TYR A 300 -15.00 -17.92 0.69
N ALA A 301 -14.62 -19.14 0.31
CA ALA A 301 -15.57 -20.01 -0.39
C ALA A 301 -16.79 -20.30 0.47
N GLN A 302 -16.57 -20.55 1.76
CA GLN A 302 -17.69 -20.78 2.68
C GLN A 302 -18.50 -19.51 2.91
N LEU A 303 -17.83 -18.36 2.93
CA LEU A 303 -18.55 -17.10 3.02
C LEU A 303 -19.47 -16.90 1.83
N GLN A 304 -19.00 -17.24 0.63
CA GLN A 304 -19.80 -17.13 -0.58
C GLN A 304 -20.91 -18.18 -0.65
N TYR A 305 -20.88 -19.20 0.21
CA TYR A 305 -21.87 -20.26 0.15
C TYR A 305 -23.26 -19.80 0.55
N GLY A 306 -23.38 -18.64 1.20
CA GLY A 306 -24.67 -18.15 1.63
C GLY A 306 -25.24 -17.05 0.75
N ASP A 307 -24.72 -16.92 -0.46
CA ASP A 307 -25.16 -15.84 -1.34
C ASP A 307 -26.59 -16.09 -1.80
N PRO A 308 -27.43 -15.05 -1.85
CA PRO A 308 -28.81 -15.23 -2.33
C PRO A 308 -28.89 -15.72 -3.77
N VAL A 309 -27.94 -15.33 -4.63
CA VAL A 309 -28.01 -15.72 -6.03
C VAL A 309 -27.62 -17.19 -6.17
N ILE A 310 -28.47 -17.95 -6.85
CA ILE A 310 -28.18 -19.37 -7.06
C ILE A 310 -27.00 -19.57 -7.99
N ASP A 311 -26.85 -18.68 -8.99
CA ASP A 311 -25.80 -18.86 -10.02
C ASP A 311 -24.40 -18.62 -9.44
N ILE A 312 -24.30 -17.89 -8.32
CA ILE A 312 -23.00 -17.54 -7.75
C ILE A 312 -22.76 -18.20 -6.40
N LYS A 313 -23.71 -18.98 -5.89
CA LYS A 313 -23.57 -19.65 -4.61
C LYS A 313 -23.00 -21.04 -4.82
N GLY A 314 -21.87 -21.33 -4.17
CA GLY A 314 -21.27 -22.64 -4.22
C GLY A 314 -20.24 -22.85 -5.31
N THR A 315 -20.04 -21.89 -6.21
CA THR A 315 -19.04 -22.05 -7.26
C THR A 315 -17.63 -22.08 -6.67
N PHE A 316 -17.30 -21.10 -5.83
CA PHE A 316 -15.98 -21.08 -5.20
C PHE A 316 -15.80 -22.26 -4.26
N TYR A 317 -16.87 -22.66 -3.57
CA TYR A 317 -16.81 -23.84 -2.71
C TYR A 317 -16.40 -25.06 -3.51
N GLY A 318 -17.08 -25.31 -4.63
CA GLY A 318 -16.75 -26.48 -5.44
C GLY A 318 -15.36 -26.40 -6.03
N PHE A 319 -14.96 -25.21 -6.48
CA PHE A 319 -13.62 -25.08 -7.07
C PHE A 319 -12.54 -25.33 -6.03
N ILE A 320 -12.71 -24.80 -4.82
CA ILE A 320 -11.73 -25.01 -3.77
C ILE A 320 -11.71 -26.47 -3.34
N CYS A 321 -12.87 -27.12 -3.30
CA CYS A 321 -12.89 -28.55 -2.98
C CYS A 321 -12.15 -29.35 -4.04
N ASN A 322 -12.32 -29.01 -5.31
CA ASN A 322 -11.59 -29.69 -6.37
C ASN A 322 -10.10 -29.46 -6.24
N GLU A 323 -9.69 -28.22 -5.89
CA GLU A 323 -8.27 -27.94 -5.70
C GLU A 323 -7.70 -28.75 -4.54
N ILE A 324 -8.45 -28.86 -3.45
CA ILE A 324 -7.98 -29.64 -2.30
C ILE A 324 -7.84 -31.11 -2.68
N LEU A 325 -8.81 -31.64 -3.43
CA LEU A 325 -8.72 -33.02 -3.88
C LEU A 325 -7.50 -33.22 -4.78
N ASP A 326 -7.28 -32.19 -5.69
CA ASP A 326 -6.07 -32.37 -6.53
C ASP A 326 -4.85 -32.38 -5.62
N LEU A 327 -4.69 -31.49 -4.74
CA LEU A 327 -3.51 -31.46 -3.90
C LEU A 327 -3.34 -32.75 -3.11
N LEU A 328 -4.45 -33.30 -2.59
CA LEU A 328 -4.38 -34.52 -1.81
C LEU A 328 -3.94 -35.71 -2.65
N THR A 329 -4.44 -35.81 -3.89
CA THR A 329 -4.14 -36.95 -4.75
C THR A 329 -3.01 -36.68 -5.74
N GLU A 330 -2.29 -35.57 -5.58
CA GLU A 330 -1.24 -35.22 -6.53
C GLU A 330 -0.11 -36.26 -6.50
N ASP A 331 0.37 -36.60 -5.31
CA ASP A 331 1.47 -37.54 -5.16
C ASP A 331 1.01 -38.94 -4.76
N ASN A 332 -0.28 -39.21 -4.86
CA ASN A 332 -0.85 -40.54 -4.61
C ASN A 332 -0.62 -40.99 -3.16
N ILE A 333 -0.55 -40.04 -2.23
CA ILE A 333 -0.51 -40.41 -0.82
C ILE A 333 -1.84 -41.01 -0.40
N PHE A 334 -2.95 -40.42 -0.85
CA PHE A 334 -4.28 -40.92 -0.58
C PHE A 334 -4.95 -41.30 -1.89
N THR A 335 -5.80 -42.34 -1.84
CA THR A 335 -6.64 -42.68 -2.98
C THR A 335 -7.82 -41.71 -3.05
N GLU A 336 -8.72 -41.95 -4.01
CA GLU A 336 -9.84 -41.05 -4.20
C GLU A 336 -10.75 -41.01 -2.97
N GLU A 337 -11.04 -42.18 -2.39
CA GLU A 337 -11.96 -42.22 -1.26
C GLU A 337 -11.33 -41.61 -0.02
N GLU A 338 -10.04 -41.87 0.21
CA GLU A 338 -9.37 -41.27 1.37
C GLU A 338 -9.26 -39.75 1.22
N ALA A 339 -8.96 -39.27 0.01
CA ALA A 339 -8.92 -37.84 -0.22
C ALA A 339 -10.30 -37.22 -0.04
N ASN A 340 -11.35 -37.90 -0.48
CA ASN A 340 -12.71 -37.40 -0.29
C ASN A 340 -13.06 -37.32 1.19
N LYS A 341 -12.69 -38.34 1.97
CA LYS A 341 -12.95 -38.32 3.40
C LYS A 341 -12.19 -37.19 4.08
N VAL A 342 -10.93 -36.98 3.69
CA VAL A 342 -10.13 -35.90 4.26
C VAL A 342 -10.75 -34.55 3.92
N LEU A 343 -11.20 -34.38 2.68
CA LEU A 343 -11.85 -33.14 2.29
C LEU A 343 -13.12 -32.91 3.09
N LEU A 344 -13.93 -33.96 3.28
CA LEU A 344 -15.15 -33.81 4.05
C LEU A 344 -14.84 -33.42 5.48
N ASP A 345 -13.83 -34.04 6.09
CA ASP A 345 -13.46 -33.69 7.46
C ASP A 345 -12.97 -32.24 7.55
N LEU A 346 -12.19 -31.80 6.56
CA LEU A 346 -11.69 -30.43 6.58
C LEU A 346 -12.82 -29.42 6.41
N THR A 347 -13.77 -29.71 5.51
CA THR A 347 -14.85 -28.76 5.24
C THR A 347 -15.91 -28.75 6.33
N SER A 348 -16.08 -29.87 7.06
CA SER A 348 -17.12 -29.93 8.08
C SER A 348 -16.87 -28.99 9.23
N GLN A 349 -15.64 -28.47 9.37
CA GLN A 349 -15.31 -27.55 10.45
C GLN A 349 -15.70 -26.11 10.13
N PHE A 350 -16.09 -25.82 8.90
CA PHE A 350 -16.46 -24.46 8.50
C PHE A 350 -17.96 -24.26 8.37
N ASP A 351 -18.75 -25.33 8.40
CA ASP A 351 -20.19 -25.23 8.21
C ASP A 351 -20.87 -24.75 9.48
N ASN A 352 -22.10 -24.26 9.31
CA ASN A 352 -22.95 -23.84 10.43
C ASN A 352 -22.25 -22.81 11.32
N LEU A 353 -21.62 -21.83 10.69
CA LEU A 353 -20.93 -20.76 11.39
C LEU A 353 -21.43 -19.41 10.89
N SER A 354 -21.48 -18.45 11.80
CA SER A 354 -21.84 -17.09 11.42
C SER A 354 -20.73 -16.49 10.55
N PRO A 355 -21.07 -15.50 9.73
CA PRO A 355 -20.04 -14.92 8.85
C PRO A 355 -18.84 -14.37 9.60
N ASP A 356 -19.06 -13.80 10.79
CA ASP A 356 -17.96 -13.29 11.58
C ASP A 356 -16.99 -14.40 11.98
N LEU A 357 -17.53 -15.52 12.46
CA LEU A 357 -16.67 -16.63 12.86
C LEU A 357 -16.02 -17.29 11.65
N THR A 358 -16.74 -17.37 10.53
CA THR A 358 -16.17 -17.92 9.31
C THR A 358 -14.97 -17.10 8.85
N ALA A 359 -14.92 -15.85 9.24
CA ALA A 359 -13.73 -15.06 8.90
C ALA A 359 -12.69 -15.13 10.02
N GLU A 360 -13.09 -15.53 11.22
CA GLU A 360 -12.12 -15.68 12.32
C GLU A 360 -11.62 -17.09 12.34
N LEU A 361 -11.53 -17.74 11.19
CA LEU A 361 -10.92 -19.06 11.06
C LEU A 361 -9.89 -18.76 10.01
N LEU A 362 -9.59 -17.49 9.86
CA LEU A 362 -8.47 -17.10 8.99
C LEU A 362 -7.31 -16.85 9.93
N CYS A 363 -7.44 -17.15 11.23
CA CYS A 363 -6.36 -17.09 12.21
C CYS A 363 -5.44 -18.31 12.14
N ILE A 364 -5.94 -19.43 11.62
CA ILE A 364 -5.18 -20.69 11.64
C ILE A 364 -4.11 -20.77 10.59
N MET A 365 -3.92 -19.72 9.77
CA MET A 365 -2.92 -19.79 8.71
C MET A 365 -1.51 -19.93 9.28
N ARG A 366 -1.22 -19.21 10.37
CA ARG A 366 0.09 -19.25 11.00
C ARG A 366 0.18 -20.29 12.11
N LEU A 367 -0.87 -21.09 12.32
CA LEU A 367 -0.91 -22.03 13.43
C LEU A 367 -0.23 -23.36 13.11
N TRP A 368 0.22 -23.57 11.87
CA TRP A 368 0.93 -24.79 11.49
C TRP A 368 2.38 -24.53 11.10
N GLY A 369 2.94 -23.40 11.55
CA GLY A 369 4.31 -23.10 11.21
C GLY A 369 4.46 -22.70 9.75
N HIS A 370 5.69 -22.84 9.26
CA HIS A 370 6.03 -22.48 7.89
C HIS A 370 6.86 -23.59 7.26
N PRO A 371 6.73 -23.77 5.95
CA PRO A 371 7.45 -24.85 5.28
C PRO A 371 8.95 -24.57 5.22
N THR A 372 9.72 -25.66 5.11
CA THR A 372 11.16 -25.55 4.89
C THR A 372 11.41 -25.24 3.42
N LEU A 373 12.04 -24.09 3.16
CA LEU A 373 12.16 -23.57 1.81
C LEU A 373 13.46 -24.02 1.17
N THR A 374 13.41 -24.21 -0.14
CA THR A 374 14.57 -24.53 -0.96
C THR A 374 14.62 -23.53 -2.11
N ALA A 375 15.83 -23.06 -2.43
CA ALA A 375 15.97 -22.03 -3.44
C ALA A 375 15.51 -22.51 -4.82
N SER A 376 15.80 -23.77 -5.15
CA SER A 376 15.40 -24.30 -6.45
C SER A 376 13.88 -24.34 -6.59
N GLN A 377 13.18 -24.80 -5.55
CA GLN A 377 11.72 -24.85 -5.61
C GLN A 377 11.12 -23.46 -5.71
N ALA A 378 11.68 -22.50 -4.97
CA ALA A 378 11.19 -21.12 -5.03
C ALA A 378 11.41 -20.52 -6.42
N ALA A 379 12.56 -20.81 -7.02
CA ALA A 379 12.85 -20.28 -8.36
C ALA A 379 12.00 -20.94 -9.43
N SER A 380 11.59 -22.20 -9.20
CA SER A 380 10.82 -22.91 -10.20
C SER A 380 9.49 -22.23 -10.51
N LYS A 381 8.79 -21.75 -9.47
CA LYS A 381 7.49 -21.12 -9.67
C LYS A 381 7.62 -19.84 -10.51
N VAL A 382 8.55 -18.97 -10.15
CA VAL A 382 8.71 -17.73 -10.89
C VAL A 382 9.23 -18.00 -12.30
N ARG A 383 10.10 -19.00 -12.47
CA ARG A 383 10.56 -19.33 -13.82
C ARG A 383 9.43 -19.91 -14.66
N GLU A 384 8.46 -20.57 -14.03
CA GLU A 384 7.30 -21.06 -14.78
C GLU A 384 6.39 -19.90 -15.18
N SER A 385 6.09 -19.00 -14.24
CA SER A 385 5.22 -17.88 -14.55
C SER A 385 5.92 -16.87 -15.45
N MET A 386 7.04 -16.31 -14.99
CA MET A 386 7.85 -15.42 -15.79
C MET A 386 8.60 -16.20 -16.86
N CYS A 387 9.26 -15.46 -17.76
CA CYS A 387 10.01 -16.06 -18.86
C CYS A 387 9.15 -16.99 -19.70
N ALA A 388 7.91 -16.56 -19.97
CA ALA A 388 6.97 -17.37 -20.72
C ALA A 388 6.40 -16.58 -21.88
N PRO A 389 6.13 -17.23 -23.02
CA PRO A 389 5.49 -16.54 -24.13
C PRO A 389 4.09 -16.07 -23.76
N LYS A 390 3.69 -14.95 -24.34
CA LYS A 390 2.40 -14.35 -24.01
C LYS A 390 1.89 -13.58 -25.22
N VAL A 391 0.67 -13.89 -25.65
CA VAL A 391 0.05 -13.24 -26.79
C VAL A 391 -0.83 -12.11 -26.28
N LEU A 392 -0.67 -10.92 -26.86
CA LEU A 392 -1.33 -9.71 -26.40
C LEU A 392 -2.20 -9.13 -27.51
N ASP A 393 -3.33 -8.54 -27.11
CA ASP A 393 -4.27 -7.95 -28.05
C ASP A 393 -3.94 -6.48 -28.25
N PHE A 394 -3.62 -6.07 -29.47
CA PHE A 394 -3.20 -4.67 -29.69
C PHE A 394 -4.39 -3.73 -29.68
N GLN A 395 -5.59 -4.20 -29.99
CA GLN A 395 -6.77 -3.35 -29.85
C GLN A 395 -7.08 -3.08 -28.39
N THR A 396 -6.98 -4.11 -27.54
CA THR A 396 -7.20 -3.92 -26.11
C THR A 396 -6.17 -2.97 -25.52
N ILE A 397 -4.90 -3.11 -25.93
CA ILE A 397 -3.85 -2.24 -25.42
C ILE A 397 -4.14 -0.79 -25.77
N MET A 398 -4.60 -0.53 -26.98
CA MET A 398 -4.80 0.88 -27.37
C MET A 398 -6.10 1.39 -26.77
N LYS A 399 -7.12 0.55 -26.60
CA LYS A 399 -8.31 1.03 -25.89
C LYS A 399 -7.97 1.40 -24.45
N THR A 400 -7.17 0.56 -23.78
CA THR A 400 -6.74 0.86 -22.42
C THR A 400 -5.90 2.13 -22.38
N LEU A 401 -5.04 2.33 -23.38
CA LEU A 401 -4.23 3.55 -23.43
C LEU A 401 -5.10 4.78 -23.65
N ALA A 402 -6.12 4.68 -24.50
CA ALA A 402 -7.02 5.80 -24.71
C ALA A 402 -7.77 6.16 -23.43
N PHE A 403 -8.25 5.14 -22.70
CA PHE A 403 -8.93 5.43 -21.44
C PHE A 403 -7.96 5.93 -20.38
N PHE A 404 -6.70 5.50 -20.45
CA PHE A 404 -5.66 6.05 -19.58
C PHE A 404 -5.48 7.54 -19.84
N HIS A 405 -5.44 7.92 -21.12
CA HIS A 405 -5.37 9.34 -21.48
C HIS A 405 -6.58 10.09 -20.96
N ALA A 406 -7.77 9.51 -21.12
CA ALA A 406 -8.98 10.19 -20.67
C ALA A 406 -8.98 10.40 -19.16
N ILE A 407 -8.60 9.37 -18.40
CA ILE A 407 -8.57 9.49 -16.95
C ILE A 407 -7.51 10.50 -16.51
N LEU A 408 -6.35 10.49 -17.17
CA LEU A 408 -5.31 11.46 -16.82
C LEU A 408 -5.76 12.88 -17.10
N ILE A 409 -6.43 13.11 -18.24
CA ILE A 409 -6.92 14.43 -18.57
C ILE A 409 -7.98 14.88 -17.57
N ASN A 410 -8.92 13.99 -17.24
CA ASN A 410 -9.97 14.35 -16.27
C ASN A 410 -9.38 14.61 -14.89
N GLY A 411 -8.33 13.89 -14.51
CA GLY A 411 -7.70 14.13 -13.23
C GLY A 411 -6.87 15.39 -13.18
N TYR A 412 -6.26 15.78 -14.31
CA TYR A 412 -5.61 17.08 -14.36
C TYR A 412 -6.65 18.19 -14.32
N ARG A 413 -7.79 17.99 -14.96
CA ARG A 413 -8.96 18.82 -14.68
C ARG A 413 -9.46 18.51 -13.27
N ARG A 414 -10.45 19.31 -12.84
CA ARG A 414 -10.96 19.26 -11.47
C ARG A 414 -9.89 19.80 -10.52
N SER A 415 -8.71 20.08 -11.07
CA SER A 415 -7.64 20.81 -10.42
C SER A 415 -7.00 21.70 -11.49
N HIS A 416 -6.04 22.53 -11.07
CA HIS A 416 -5.36 23.45 -11.98
C HIS A 416 -6.36 24.33 -12.73
N ASN A 417 -7.40 24.75 -12.02
CA ASN A 417 -8.45 25.63 -12.56
C ASN A 417 -9.16 25.01 -13.77
N GLY A 418 -9.23 23.67 -13.81
CA GLY A 418 -9.96 23.00 -14.88
C GLY A 418 -9.41 23.26 -16.26
N ILE A 419 -8.08 23.24 -16.42
CA ILE A 419 -7.43 23.54 -17.68
C ILE A 419 -6.76 22.27 -18.18
N TRP A 420 -6.93 21.97 -19.47
CA TRP A 420 -6.35 20.76 -20.03
C TRP A 420 -4.83 20.82 -19.97
N PRO A 421 -4.16 19.68 -19.78
CA PRO A 421 -2.69 19.67 -19.83
C PRO A 421 -2.21 19.92 -21.24
N PRO A 422 -0.96 20.36 -21.41
CA PRO A 422 -0.43 20.54 -22.77
C PRO A 422 -0.47 19.25 -23.56
N THR A 423 -1.29 19.21 -24.61
CA THR A 423 -1.53 17.99 -25.37
C THR A 423 -1.38 18.27 -26.86
N THR A 424 -1.03 17.23 -27.60
CA THR A 424 -0.91 17.28 -29.04
C THR A 424 -1.91 16.31 -29.66
N LEU A 425 -2.74 16.82 -30.56
CA LEU A 425 -3.78 16.03 -31.21
C LEU A 425 -3.24 15.41 -32.49
N HIS A 426 -3.57 14.13 -32.70
CA HIS A 426 -3.15 13.44 -33.91
C HIS A 426 -3.93 13.95 -35.12
N GLY A 427 -3.53 13.53 -36.32
CA GLY A 427 -4.16 14.08 -37.54
C GLY A 427 -5.58 13.57 -37.79
N ASN A 428 -5.93 12.46 -37.11
CA ASN A 428 -7.23 11.78 -37.33
C ASN A 428 -8.29 12.30 -36.40
N ALA A 429 -7.87 13.06 -35.41
CA ALA A 429 -8.84 13.49 -34.41
C ALA A 429 -10.05 14.13 -35.07
N PRO A 430 -11.26 13.81 -34.62
CA PRO A 430 -12.46 14.42 -35.20
C PRO A 430 -12.68 15.83 -34.66
N LYS A 431 -13.67 16.50 -35.25
CA LYS A 431 -13.97 17.89 -34.89
C LYS A 431 -14.39 17.98 -33.43
N SER A 432 -15.14 17.00 -32.93
CA SER A 432 -15.56 17.01 -31.54
C SER A 432 -14.35 17.03 -30.60
N LEU A 433 -13.33 16.23 -30.90
CA LEU A 433 -12.10 16.29 -30.11
C LEU A 433 -11.43 17.64 -30.23
N ILE A 434 -11.47 18.24 -31.43
CA ILE A 434 -10.89 19.56 -31.63
C ILE A 434 -11.54 20.56 -30.68
N GLU A 435 -12.87 20.59 -30.64
CA GLU A 435 -13.58 21.56 -29.82
C GLU A 435 -13.41 21.24 -28.34
N MET A 436 -13.35 19.96 -27.98
CA MET A 436 -13.17 19.61 -26.56
C MET A 436 -11.79 20.02 -26.07
N ARG A 437 -10.76 19.86 -26.90
CA ARG A 437 -9.44 20.39 -26.55
C ARG A 437 -9.47 21.91 -26.49
N HIS A 438 -10.18 22.56 -27.41
CA HIS A 438 -10.27 24.01 -27.39
C HIS A 438 -11.06 24.50 -26.19
N ASP A 439 -12.21 23.88 -25.91
CA ASP A 439 -13.09 24.27 -24.83
C ASP A 439 -12.51 23.92 -23.46
N ASN A 440 -11.78 22.81 -23.35
CA ASN A 440 -11.31 22.25 -22.09
C ASN A 440 -12.50 21.84 -21.21
N SER A 441 -13.29 20.92 -21.75
CA SER A 441 -14.43 20.34 -21.05
C SER A 441 -14.09 18.94 -20.58
N GLU A 442 -14.99 18.37 -19.78
CA GLU A 442 -14.77 17.04 -19.23
C GLU A 442 -14.91 15.99 -20.33
N LEU A 443 -13.95 15.07 -20.39
CA LEU A 443 -13.97 13.97 -21.36
C LEU A 443 -14.90 12.88 -20.84
N LYS A 444 -16.11 12.82 -21.38
CA LYS A 444 -17.06 11.80 -20.97
C LYS A 444 -16.58 10.44 -21.41
N TYR A 445 -16.62 9.46 -20.50
CA TYR A 445 -16.11 8.13 -20.78
C TYR A 445 -16.86 7.47 -21.93
N GLU A 446 -18.17 7.72 -22.03
CA GLU A 446 -18.92 7.21 -23.18
C GLU A 446 -18.41 7.79 -24.48
N TYR A 447 -18.04 9.08 -24.48
CA TYR A 447 -17.42 9.67 -25.65
C TYR A 447 -16.06 9.04 -25.94
N VAL A 448 -15.27 8.78 -24.89
CA VAL A 448 -13.94 8.23 -25.09
C VAL A 448 -14.01 6.81 -25.66
N LEU A 449 -15.05 6.05 -25.29
CA LEU A 449 -15.19 4.70 -25.84
C LEU A 449 -15.23 4.74 -27.37
N LYS A 450 -16.02 5.64 -27.93
CA LYS A 450 -15.95 5.90 -29.36
C LYS A 450 -14.73 6.75 -29.68
N ASN A 451 -14.27 6.63 -30.92
CA ASN A 451 -13.09 7.37 -31.39
C ASN A 451 -11.89 7.10 -30.50
N TRP A 452 -11.76 5.84 -30.05
CA TRP A 452 -10.63 5.49 -29.20
C TRP A 452 -9.31 5.60 -29.96
N LYS A 453 -9.36 5.46 -31.27
CA LYS A 453 -8.09 5.65 -31.99
C LYS A 453 -7.64 7.08 -31.77
N SER A 454 -8.58 8.04 -31.78
CA SER A 454 -8.21 9.44 -31.64
C SER A 454 -7.90 9.84 -30.21
N ILE A 455 -8.57 9.23 -29.24
CA ILE A 455 -8.20 9.45 -27.84
C ILE A 455 -6.79 8.93 -27.57
N SER A 456 -6.47 7.77 -28.12
CA SER A 456 -5.10 7.30 -28.14
C SER A 456 -4.29 8.09 -29.16
N MET A 457 -2.98 7.83 -29.20
CA MET A 457 -2.05 8.59 -30.02
C MET A 457 -2.10 10.08 -29.67
N LEU A 458 -2.60 10.48 -28.51
CA LEU A 458 -2.65 11.91 -28.11
C LEU A 458 -1.67 12.15 -26.97
N ARG A 459 -0.61 12.95 -27.18
CA ARG A 459 0.44 13.09 -26.14
C ARG A 459 0.13 14.16 -25.10
N ILE A 460 0.32 13.83 -23.83
CA ILE A 460 0.17 14.85 -22.75
C ILE A 460 1.59 15.35 -22.46
N HIS A 461 1.91 16.56 -22.92
CA HIS A 461 3.28 17.11 -22.76
C HIS A 461 3.59 17.40 -21.29
N LYS A 462 4.76 17.94 -21.02
CA LYS A 462 5.17 18.11 -19.61
C LYS A 462 4.01 18.72 -18.84
N CYS A 463 3.57 18.08 -17.76
CA CYS A 463 2.49 18.66 -16.91
C CYS A 463 3.02 19.09 -15.56
N PHE A 464 4.07 18.45 -15.02
CA PHE A 464 4.58 18.70 -13.68
C PHE A 464 6.04 19.11 -13.74
N ASP A 465 6.41 20.08 -12.91
CA ASP A 465 7.82 20.39 -12.66
C ASP A 465 8.37 19.52 -11.54
N ALA A 466 8.17 18.22 -11.66
CA ALA A 466 8.54 17.28 -10.61
C ALA A 466 10.05 17.19 -10.47
N SER A 467 10.52 17.18 -9.22
CA SER A 467 11.94 17.04 -8.93
C SER A 467 12.18 15.73 -8.19
N PRO A 468 13.20 14.97 -8.57
CA PRO A 468 13.50 13.73 -7.84
C PRO A 468 13.78 13.94 -6.36
N ASP A 469 14.39 15.08 -5.99
CA ASP A 469 14.68 15.38 -4.60
C ASP A 469 13.54 16.10 -3.89
N GLU A 470 12.31 15.98 -4.40
CA GLU A 470 11.18 16.64 -3.76
C GLU A 470 10.91 16.06 -2.37
N ASP A 471 11.02 14.74 -2.23
CA ASP A 471 10.80 14.05 -0.96
C ASP A 471 12.13 13.56 -0.42
N LEU A 472 12.40 13.84 0.86
CA LEU A 472 13.63 13.41 1.50
C LEU A 472 13.49 12.10 2.26
N SER A 473 12.28 11.76 2.69
CA SER A 473 12.08 10.55 3.49
C SER A 473 12.33 9.29 2.68
N ILE A 474 12.20 9.35 1.36
CA ILE A 474 12.37 8.15 0.54
C ILE A 474 13.82 7.70 0.55
N PHE A 475 14.76 8.65 0.55
CA PHE A 475 16.18 8.32 0.52
C PHE A 475 16.70 7.79 1.85
N MET A 476 15.95 7.96 2.93
CA MET A 476 16.41 7.62 4.27
C MET A 476 15.93 6.26 4.74
N LYS A 477 15.25 5.50 3.87
CA LYS A 477 14.74 4.19 4.21
C LYS A 477 15.70 3.12 3.66
N ASP A 478 16.16 2.25 4.55
CA ASP A 478 17.13 1.23 4.16
C ASP A 478 16.45 0.13 3.37
N LYS A 479 17.04 -0.20 2.21
CA LYS A 479 16.56 -1.27 1.36
C LYS A 479 17.70 -2.24 1.09
N ALA A 480 17.36 -3.52 0.98
CA ALA A 480 18.37 -4.54 0.72
C ALA A 480 18.95 -4.35 -0.67
N ILE A 481 20.29 -4.36 -0.76
CA ILE A 481 21.00 -4.20 -2.01
C ILE A 481 21.87 -5.43 -2.25
N SER A 482 21.89 -5.90 -3.49
CA SER A 482 22.63 -7.09 -3.85
C SER A 482 24.08 -6.76 -4.18
N CYS A 483 24.92 -7.79 -4.18
CA CYS A 483 26.31 -7.65 -4.55
C CYS A 483 26.44 -7.45 -6.05
N PRO A 484 27.56 -6.90 -6.51
CA PRO A 484 27.81 -6.82 -7.96
C PRO A 484 27.75 -8.18 -8.64
N ARG A 485 27.70 -8.19 -9.96
CA ARG A 485 27.60 -9.43 -10.73
C ARG A 485 28.85 -10.29 -10.64
N GLN A 486 29.95 -9.74 -10.11
CA GLN A 486 31.18 -10.50 -9.94
C GLN A 486 31.28 -11.18 -8.58
N ASP A 487 30.66 -10.61 -7.54
CA ASP A 487 30.63 -11.21 -6.21
C ASP A 487 29.31 -11.91 -5.92
N TRP A 488 28.62 -12.38 -6.97
CA TRP A 488 27.31 -13.00 -6.80
C TRP A 488 27.36 -14.30 -6.03
N MET A 489 28.52 -14.95 -5.96
CA MET A 489 28.68 -16.19 -5.21
C MET A 489 29.07 -15.96 -3.76
N GLY A 490 29.21 -14.70 -3.33
CA GLY A 490 29.57 -14.42 -1.95
C GLY A 490 28.44 -14.64 -0.96
N VAL A 491 27.20 -14.73 -1.44
CA VAL A 491 26.07 -14.96 -0.55
C VAL A 491 26.12 -16.37 0.03
N PHE A 492 26.64 -17.34 -0.73
CA PHE A 492 26.67 -18.72 -0.29
C PHE A 492 27.75 -18.91 0.78
N ARG A 493 27.56 -19.96 1.59
CA ARG A 493 28.52 -20.27 2.64
C ARG A 493 29.88 -20.61 2.05
N ARG A 494 30.94 -20.15 2.72
CA ARG A 494 32.28 -20.35 2.20
C ARG A 494 32.66 -21.83 2.16
N SER A 495 32.20 -22.61 3.12
CA SER A 495 32.56 -24.02 3.19
C SER A 495 32.05 -24.77 1.96
N LEU A 496 30.84 -24.44 1.51
CA LEU A 496 30.23 -25.17 0.39
C LEU A 496 30.87 -24.81 -0.95
N ILE A 497 31.32 -23.56 -1.12
CA ILE A 497 31.87 -23.12 -2.40
C ILE A 497 33.39 -23.17 -2.45
N LYS A 498 34.05 -23.44 -1.32
CA LYS A 498 35.51 -23.47 -1.30
C LYS A 498 36.06 -24.56 -2.22
N GLN A 499 35.46 -25.75 -2.17
CA GLN A 499 35.93 -26.84 -3.02
C GLN A 499 35.71 -26.52 -4.50
N ARG A 500 34.57 -25.93 -4.84
CA ARG A 500 34.31 -25.55 -6.23
C ARG A 500 35.31 -24.53 -6.72
N TYR A 501 35.64 -23.55 -5.87
CA TYR A 501 36.58 -22.52 -6.30
C TYR A 501 38.02 -23.03 -6.32
N ARG A 502 38.34 -24.04 -5.51
CA ARG A 502 39.66 -24.65 -5.57
C ARG A 502 39.81 -25.50 -6.83
N ASP A 503 38.75 -26.23 -7.20
CA ASP A 503 38.80 -27.04 -8.42
C ASP A 503 38.95 -26.16 -9.65
N ALA A 504 38.22 -25.04 -9.70
CA ALA A 504 38.28 -24.13 -10.83
C ALA A 504 39.47 -23.19 -10.80
N ASN A 505 40.23 -23.19 -9.69
CA ASN A 505 41.41 -22.33 -9.54
C ASN A 505 41.05 -20.85 -9.73
N ARG A 506 40.04 -20.41 -8.99
CA ARG A 506 39.60 -19.03 -9.00
C ARG A 506 39.56 -18.49 -7.58
N PRO A 507 39.80 -17.19 -7.39
CA PRO A 507 39.73 -16.61 -6.05
C PRO A 507 38.32 -16.67 -5.49
N LEU A 508 38.23 -16.81 -4.17
CA LEU A 508 36.94 -16.86 -3.51
C LEU A 508 36.24 -15.50 -3.61
N PRO A 509 34.93 -15.47 -3.83
CA PRO A 509 34.22 -14.20 -3.89
C PRO A 509 34.18 -13.52 -2.54
N GLN A 510 34.17 -12.19 -2.57
CA GLN A 510 34.15 -11.41 -1.34
C GLN A 510 32.72 -11.30 -0.82
N PRO A 511 32.47 -11.66 0.44
CA PRO A 511 31.13 -11.48 1.00
C PRO A 511 30.71 -10.01 0.98
N PHE A 512 29.43 -9.79 0.75
CA PHE A 512 28.86 -8.45 0.63
C PHE A 512 27.95 -8.18 1.83
N ASN A 513 28.22 -7.08 2.53
CA ASN A 513 27.47 -6.73 3.73
C ASN A 513 27.02 -5.26 3.74
N ARG A 514 27.14 -4.56 2.63
CA ARG A 514 26.78 -3.15 2.59
C ARG A 514 25.26 -2.98 2.65
N ARG A 515 24.84 -1.76 2.98
CA ARG A 515 23.43 -1.41 3.04
C ARG A 515 23.19 -0.14 2.22
N LEU A 516 21.98 -0.02 1.69
CA LEU A 516 21.65 1.15 0.88
C LEU A 516 21.67 2.43 1.71
N LEU A 517 21.14 2.37 2.94
CA LEU A 517 21.13 3.56 3.78
C LEU A 517 22.53 4.04 4.11
N LEU A 518 23.43 3.11 4.44
CA LEU A 518 24.79 3.49 4.77
C LEU A 518 25.54 4.01 3.55
N ASN A 519 25.28 3.43 2.37
CA ASN A 519 25.88 3.96 1.14
C ASN A 519 25.39 5.37 0.85
N PHE A 520 24.09 5.61 1.03
CA PHE A 520 23.55 6.95 0.80
C PHE A 520 24.13 7.95 1.79
N LEU A 521 24.22 7.57 3.07
CA LEU A 521 24.69 8.48 4.09
C LEU A 521 26.19 8.78 3.96
N GLU A 522 26.98 7.79 3.55
CA GLU A 522 28.42 7.94 3.41
C GLU A 522 28.82 8.28 1.98
N ASP A 523 27.95 8.96 1.24
CA ASP A 523 28.21 9.34 -0.14
C ASP A 523 28.59 10.82 -0.17
N ASP A 524 29.80 11.11 -0.65
CA ASP A 524 30.29 12.47 -0.64
C ASP A 524 29.51 13.36 -1.61
N ARG A 525 29.34 12.90 -2.84
CA ARG A 525 28.66 13.66 -3.88
C ARG A 525 27.40 12.91 -4.31
N PHE A 526 26.26 13.31 -3.75
CA PHE A 526 24.98 12.67 -4.03
C PHE A 526 24.02 13.71 -4.57
N ASP A 527 23.36 13.38 -5.67
CA ASP A 527 22.38 14.27 -6.28
C ASP A 527 21.37 13.45 -7.06
N PRO A 528 20.08 13.47 -6.67
CA PRO A 528 19.07 12.71 -7.42
C PRO A 528 18.97 13.13 -8.88
N ILE A 529 19.25 14.40 -9.20
CA ILE A 529 19.21 14.85 -10.58
C ILE A 529 20.21 14.05 -11.42
N LYS A 530 21.44 13.90 -10.92
CA LYS A 530 22.43 13.07 -11.59
C LYS A 530 22.25 11.59 -11.30
N GLU A 531 21.48 11.24 -10.28
CA GLU A 531 21.24 9.83 -9.98
C GLU A 531 20.27 9.20 -10.97
N LEU A 532 19.23 9.95 -11.35
CA LEU A 532 18.27 9.42 -12.32
C LEU A 532 18.87 9.27 -13.70
N GLU A 533 20.03 9.88 -13.96
CA GLU A 533 20.68 9.71 -15.25
C GLU A 533 21.11 8.27 -15.50
N TYR A 534 21.25 7.47 -14.43
CA TYR A 534 21.55 6.06 -14.58
C TYR A 534 20.53 5.36 -15.46
N VAL A 535 19.26 5.69 -15.29
CA VAL A 535 18.19 5.13 -16.11
C VAL A 535 17.92 6.01 -17.33
N THR A 536 17.99 7.33 -17.17
CA THR A 536 17.66 8.23 -18.27
C THR A 536 18.60 8.06 -19.45
N SER A 537 19.91 7.97 -19.19
CA SER A 537 20.91 7.88 -20.25
C SER A 537 21.11 6.47 -20.76
N GLY A 538 20.43 5.48 -20.21
CA GLY A 538 20.59 4.11 -20.64
C GLY A 538 21.81 3.41 -20.08
N GLU A 539 22.47 3.98 -19.08
CA GLU A 539 23.65 3.35 -18.50
C GLU A 539 23.27 2.06 -17.78
N TYR A 540 22.04 1.97 -17.28
CA TYR A 540 21.61 0.75 -16.60
C TYR A 540 21.63 -0.45 -17.54
N LEU A 541 21.19 -0.26 -18.79
CA LEU A 541 21.22 -1.35 -19.76
C LEU A 541 22.65 -1.77 -20.09
N ARG A 542 23.59 -0.83 -20.05
CA ARG A 542 24.98 -1.11 -20.37
C ARG A 542 25.83 -1.39 -19.14
N ASP A 543 25.23 -1.45 -17.96
CA ASP A 543 25.99 -1.67 -16.74
C ASP A 543 26.32 -3.15 -16.57
N PRO A 544 27.59 -3.54 -16.52
CA PRO A 544 27.92 -4.95 -16.27
C PRO A 544 27.88 -5.33 -14.80
N GLU A 545 28.08 -4.38 -13.89
CA GLU A 545 28.10 -4.70 -12.47
C GLU A 545 26.70 -5.02 -11.93
N PHE A 546 25.65 -4.56 -12.61
CA PHE A 546 24.29 -4.75 -12.12
C PHE A 546 23.98 -6.22 -11.91
N CYS A 547 23.40 -6.52 -10.75
CA CYS A 547 23.00 -7.88 -10.42
C CYS A 547 21.77 -7.82 -9.52
N ALA A 548 20.69 -8.46 -9.96
CA ALA A 548 19.46 -8.55 -9.18
C ALA A 548 19.25 -9.99 -8.75
N SER A 549 18.98 -10.20 -7.47
CA SER A 549 18.84 -11.54 -6.93
C SER A 549 17.63 -11.60 -6.01
N TYR A 550 17.07 -12.79 -5.88
CA TYR A 550 15.97 -13.06 -4.97
C TYR A 550 16.49 -13.65 -3.67
N SER A 551 15.64 -13.61 -2.65
CA SER A 551 15.95 -14.26 -1.38
C SER A 551 14.63 -14.74 -0.77
N LEU A 552 14.71 -15.87 -0.07
CA LEU A 552 13.51 -16.49 0.48
C LEU A 552 12.82 -15.56 1.46
N LYS A 553 11.48 -15.52 1.37
CA LYS A 553 10.68 -14.65 2.22
C LYS A 553 10.23 -15.39 3.47
N GLU A 554 10.29 -14.70 4.60
CA GLU A 554 9.92 -15.30 5.88
C GLU A 554 8.42 -15.25 6.09
N LYS A 555 8.02 -16.32 6.95
CA LYS A 555 6.60 -16.42 7.35
C LYS A 555 5.73 -16.39 6.12
N GLU A 556 6.00 -17.09 5.14
CA GLU A 556 5.24 -17.26 3.91
C GLU A 556 4.93 -18.73 3.69
N ILE A 557 3.67 -19.03 3.40
CA ILE A 557 3.25 -20.41 3.18
C ILE A 557 2.78 -20.66 1.74
N LYS A 558 2.40 -19.63 1.00
CA LYS A 558 1.92 -19.80 -0.37
C LYS A 558 3.10 -19.98 -1.31
N ALA A 559 2.84 -20.67 -2.43
CA ALA A 559 3.88 -20.89 -3.44
C ALA A 559 4.33 -19.56 -4.04
N THR A 560 3.40 -18.67 -4.35
CA THR A 560 3.74 -17.36 -4.85
C THR A 560 4.12 -16.42 -3.71
N GLY A 561 5.04 -15.50 -4.00
CA GLY A 561 5.48 -14.55 -3.01
C GLY A 561 6.47 -15.08 -2.00
N ARG A 562 7.07 -16.24 -2.26
CA ARG A 562 8.06 -16.82 -1.34
C ARG A 562 9.43 -16.15 -1.47
N ILE A 563 9.63 -15.29 -2.45
CA ILE A 563 10.91 -14.62 -2.66
C ILE A 563 10.66 -13.14 -2.89
N PHE A 564 11.54 -12.30 -2.35
CA PHE A 564 11.56 -10.88 -2.67
C PHE A 564 12.91 -10.52 -3.25
N ALA A 565 12.91 -9.63 -4.24
CA ALA A 565 14.11 -9.35 -5.00
C ALA A 565 14.89 -8.19 -4.38
N LYS A 566 16.20 -8.19 -4.65
CA LYS A 566 17.09 -7.13 -4.22
C LYS A 566 17.96 -6.73 -5.40
N MET A 567 18.28 -5.45 -5.50
CA MET A 567 18.97 -4.88 -6.65
C MET A 567 20.16 -4.03 -6.18
N THR A 568 21.00 -3.66 -7.13
CA THR A 568 22.18 -2.88 -6.82
C THR A 568 21.81 -1.49 -6.31
N LYS A 569 22.80 -0.78 -5.77
CA LYS A 569 22.53 0.50 -5.11
C LYS A 569 21.98 1.53 -6.09
N ARG A 570 22.63 1.69 -7.24
CA ARG A 570 22.18 2.67 -8.22
C ARG A 570 20.78 2.32 -8.73
N MET A 571 20.56 1.04 -9.03
CA MET A 571 19.27 0.63 -9.57
C MET A 571 18.16 0.78 -8.53
N ARG A 572 18.45 0.43 -7.27
CA ARG A 572 17.45 0.60 -6.21
C ARG A 572 17.13 2.08 -5.98
N SER A 573 18.15 2.94 -6.01
CA SER A 573 17.90 4.37 -5.85
C SER A 573 17.06 4.90 -7.00
N CYS A 574 17.34 4.48 -8.22
CA CYS A 574 16.52 4.89 -9.36
C CYS A 574 15.09 4.39 -9.19
N GLN A 575 14.92 3.15 -8.69
CA GLN A 575 13.60 2.59 -8.50
C GLN A 575 12.79 3.41 -7.50
N VAL A 576 13.40 3.76 -6.36
CA VAL A 576 12.66 4.49 -5.34
C VAL A 576 12.36 5.91 -5.83
N ILE A 577 13.29 6.53 -6.56
CA ILE A 577 13.04 7.86 -7.10
C ILE A 577 11.87 7.82 -8.09
N ALA A 578 11.87 6.82 -8.98
CA ALA A 578 10.78 6.72 -9.96
C ALA A 578 9.44 6.45 -9.29
N GLU A 579 9.42 5.59 -8.26
CA GLU A 579 8.17 5.32 -7.56
C GLU A 579 7.66 6.58 -6.86
N SER A 580 8.55 7.35 -6.23
CA SER A 580 8.13 8.59 -5.59
C SER A 580 7.63 9.60 -6.61
N LEU A 581 8.29 9.67 -7.77
CA LEU A 581 7.83 10.57 -8.82
C LEU A 581 6.44 10.20 -9.30
N LEU A 582 6.18 8.90 -9.48
CA LEU A 582 4.86 8.46 -9.93
C LEU A 582 3.79 8.73 -8.88
N ALA A 583 4.12 8.48 -7.60
CA ALA A 583 3.10 8.61 -6.56
C ALA A 583 2.78 10.07 -6.23
N ASN A 584 3.75 10.97 -6.41
CA ASN A 584 3.56 12.36 -5.97
C ASN A 584 2.61 13.12 -6.90
N HIS A 585 2.76 12.95 -8.21
CA HIS A 585 2.01 13.76 -9.17
C HIS A 585 1.03 12.93 -9.99
N ALA A 586 1.51 11.91 -10.70
CA ALA A 586 0.62 11.13 -11.56
C ALA A 586 -0.36 10.29 -10.75
N GLY A 587 0.07 9.77 -9.61
CA GLY A 587 -0.81 8.97 -8.78
C GLY A 587 -1.98 9.75 -8.22
N LYS A 588 -1.77 11.03 -7.92
CA LYS A 588 -2.84 11.85 -7.37
C LYS A 588 -3.90 12.20 -8.41
N LEU A 589 -3.59 12.05 -9.70
CA LEU A 589 -4.55 12.39 -10.75
C LEU A 589 -5.70 11.40 -10.82
N MET A 590 -5.54 10.19 -10.30
CA MET A 590 -6.55 9.15 -10.41
C MET A 590 -7.40 9.12 -9.15
N ARG A 591 -8.62 9.63 -9.25
CA ARG A 591 -9.59 9.56 -8.16
C ARG A 591 -10.68 8.53 -8.43
N GLU A 592 -10.57 7.77 -9.54
CA GLU A 592 -11.53 6.71 -9.79
C GLU A 592 -11.46 5.63 -8.72
N ASN A 593 -10.25 5.28 -8.27
CA ASN A 593 -10.07 4.44 -7.10
C ASN A 593 -10.07 5.32 -5.86
N GLY A 594 -10.62 4.78 -4.77
CA GLY A 594 -10.78 5.53 -3.54
C GLY A 594 -9.58 5.55 -2.62
N VAL A 595 -8.41 5.13 -3.07
CA VAL A 595 -7.25 5.07 -2.19
C VAL A 595 -6.86 6.48 -1.76
N VAL A 596 -6.62 6.64 -0.46
CA VAL A 596 -6.18 7.90 0.12
C VAL A 596 -5.17 7.61 1.22
N LEU A 597 -4.31 8.60 1.49
CA LEU A 597 -3.35 8.46 2.56
C LEU A 597 -3.97 8.52 3.94
N ASP A 598 -5.26 8.88 4.03
CA ASP A 598 -5.97 8.92 5.30
C ASP A 598 -6.78 7.64 5.45
N GLN A 599 -6.53 6.91 6.54
CA GLN A 599 -7.25 5.66 6.78
C GLN A 599 -8.73 5.90 7.06
N LEU A 600 -9.06 7.00 7.72
CA LEU A 600 -10.45 7.29 8.06
C LEU A 600 -11.31 7.46 6.81
N LYS A 601 -10.82 8.25 5.86
CA LYS A 601 -11.55 8.40 4.59
C LYS A 601 -11.62 7.08 3.85
N LEU A 602 -10.56 6.26 3.94
CA LEU A 602 -10.57 4.97 3.27
C LEU A 602 -11.66 4.06 3.82
N THR A 603 -11.75 3.94 5.14
CA THR A 603 -12.77 3.06 5.71
C THR A 603 -14.16 3.63 5.51
N LYS A 604 -14.31 4.96 5.51
CA LYS A 604 -15.61 5.54 5.19
C LYS A 604 -16.03 5.21 3.76
N SER A 605 -15.10 5.33 2.81
CA SER A 605 -15.41 5.01 1.42
C SER A 605 -15.76 3.54 1.26
N LEU A 606 -15.01 2.65 1.91
CA LEU A 606 -15.30 1.23 1.81
C LEU A 606 -16.65 0.89 2.46
N LEU A 607 -16.96 1.53 3.58
CA LEU A 607 -18.26 1.31 4.21
C LEU A 607 -19.40 1.76 3.32
N THR A 608 -19.26 2.92 2.68
CA THR A 608 -20.29 3.37 1.75
C THR A 608 -20.42 2.42 0.56
N MET A 609 -19.29 1.98 0.01
CA MET A 609 -19.32 1.06 -1.12
C MET A 609 -20.03 -0.24 -0.76
N ASN A 610 -19.76 -0.77 0.43
CA ASN A 610 -20.43 -1.99 0.85
C ASN A 610 -21.89 -1.74 1.22
N GLN A 611 -22.24 -0.54 1.65
CA GLN A 611 -23.60 -0.19 2.03
C GLN A 611 -24.43 0.32 0.87
N ILE A 612 -23.86 0.34 -0.34
CA ILE A 612 -24.63 0.73 -1.52
C ILE A 612 -25.86 -0.16 -1.68
N GLY A 613 -25.69 -1.47 -1.51
CA GLY A 613 -26.75 -2.41 -1.82
C GLY A 613 -27.87 -2.49 -0.79
N ILE A 614 -27.61 -2.09 0.45
CA ILE A 614 -28.61 -2.17 1.51
C ILE A 614 -29.44 -0.89 1.52
N ILE A 615 -30.70 -1.00 1.12
CA ILE A 615 -31.66 0.09 1.15
C ILE A 615 -32.92 -0.42 1.84
N SER A 616 -33.40 0.31 2.84
CA SER A 616 -34.54 -0.10 3.65
C SER A 616 -35.84 0.48 3.11
N GLU A 617 -36.95 0.00 3.68
CA GLU A 617 -38.27 0.48 3.33
C GLU A 617 -38.64 1.78 4.04
N HIS A 618 -37.89 2.16 5.07
CA HIS A 618 -38.14 3.37 5.84
C HIS A 618 -39.55 3.36 6.44
N GLY A 658 -40.68 3.69 -7.81
CA GLY A 658 -39.34 4.21 -7.96
C GLY A 658 -38.35 3.14 -8.37
N PHE A 659 -37.13 3.41 -8.55
CA PHE A 659 -36.09 2.44 -8.93
C PHE A 659 -34.93 2.51 -7.94
N GLU A 660 -34.58 1.51 -7.25
CA GLU A 660 -33.53 1.39 -6.25
C GLU A 660 -32.18 1.23 -6.92
N ILE A 661 -31.14 1.14 -6.09
CA ILE A 661 -29.78 0.95 -6.56
C ILE A 661 -29.26 -0.37 -6.01
N ALA A 662 -28.76 -1.22 -6.90
CA ALA A 662 -28.27 -2.55 -6.55
C ALA A 662 -26.80 -2.68 -6.87
N ALA A 663 -26.09 -3.48 -6.08
CA ALA A 663 -24.66 -3.64 -6.22
C ALA A 663 -24.29 -5.12 -6.19
N CYS A 664 -23.34 -5.49 -7.05
CA CYS A 664 -22.73 -6.81 -7.04
C CYS A 664 -21.22 -6.62 -6.92
N PHE A 665 -20.62 -7.26 -5.92
CA PHE A 665 -19.23 -7.02 -5.60
C PHE A 665 -18.33 -8.09 -6.21
N LEU A 666 -17.20 -7.64 -6.76
CA LEU A 666 -16.25 -8.53 -7.42
C LEU A 666 -14.86 -8.20 -6.92
N THR A 667 -14.19 -9.19 -6.34
CA THR A 667 -12.86 -9.03 -5.78
C THR A 667 -11.88 -10.01 -6.42
N THR A 668 -10.73 -9.49 -6.85
CA THR A 668 -9.68 -10.29 -7.47
C THR A 668 -8.35 -9.87 -6.90
N ASP A 669 -7.52 -10.85 -6.52
CA ASP A 669 -6.19 -10.56 -6.01
C ASP A 669 -5.21 -10.41 -7.17
N LEU A 670 -4.26 -9.50 -6.99
CA LEU A 670 -3.30 -9.15 -8.04
C LEU A 670 -1.88 -9.58 -7.69
N THR A 671 -1.73 -10.61 -6.84
CA THR A 671 -0.40 -11.04 -6.42
C THR A 671 0.42 -11.55 -7.61
N LYS A 672 -0.21 -12.32 -8.50
CA LYS A 672 0.47 -12.88 -9.65
C LYS A 672 0.54 -11.92 -10.83
N TYR A 673 -0.03 -10.72 -10.70
CA TYR A 673 0.00 -9.76 -11.80
C TYR A 673 1.40 -9.29 -12.11
N CYS A 674 2.27 -9.19 -11.10
CA CYS A 674 3.61 -8.65 -11.29
C CYS A 674 4.42 -9.50 -12.26
N LEU A 675 4.33 -10.83 -12.14
CA LEU A 675 5.08 -11.71 -13.01
C LEU A 675 4.53 -11.74 -14.42
N ASN A 676 3.29 -11.29 -14.63
CA ASN A 676 2.63 -11.37 -15.92
C ASN A 676 2.68 -10.06 -16.71
N TRP A 677 3.32 -9.03 -16.18
CA TRP A 677 3.43 -7.77 -16.90
C TRP A 677 4.47 -7.88 -18.00
N ARG A 678 4.12 -7.45 -19.21
CA ARG A 678 5.01 -7.52 -20.35
C ARG A 678 5.34 -6.11 -20.84
N TYR A 679 6.48 -6.02 -21.53
CA TYR A 679 6.95 -4.72 -22.01
C TYR A 679 6.01 -4.11 -23.03
N GLN A 680 5.41 -4.94 -23.86
CA GLN A 680 4.59 -4.40 -24.95
C GLN A 680 3.25 -3.86 -24.46
N VAL A 681 2.75 -4.31 -23.31
CA VAL A 681 1.50 -3.77 -22.77
C VAL A 681 1.71 -2.56 -21.87
N ILE A 682 2.96 -2.25 -21.53
CA ILE A 682 3.25 -1.09 -20.68
C ILE A 682 4.07 -0.04 -21.39
N ILE A 683 4.58 -0.30 -22.60
CA ILE A 683 5.38 0.71 -23.30
C ILE A 683 4.60 1.97 -23.62
N PRO A 684 3.35 1.94 -24.08
CA PRO A 684 2.70 3.21 -24.43
C PRO A 684 2.35 4.04 -23.20
N PHE A 685 1.83 3.41 -22.15
CA PHE A 685 1.52 4.14 -20.92
C PHE A 685 2.77 4.78 -20.34
N ALA A 686 3.87 4.02 -20.29
CA ALA A 686 5.11 4.56 -19.74
C ALA A 686 5.70 5.63 -20.65
N ARG A 687 5.36 5.56 -21.93
CA ARG A 687 5.89 6.50 -22.94
C ARG A 687 5.16 7.82 -22.75
N THR A 688 3.88 7.77 -22.43
CA THR A 688 3.10 8.95 -22.13
C THR A 688 3.48 9.54 -20.79
N LEU A 689 3.76 8.71 -19.79
CA LEU A 689 4.23 9.21 -18.51
C LEU A 689 5.58 9.89 -18.64
N ASN A 690 6.46 9.34 -19.47
CA ASN A 690 7.74 9.99 -19.75
C ASN A 690 7.54 11.36 -20.36
N SER A 691 6.62 11.47 -21.32
CA SER A 691 6.35 12.77 -21.93
C SER A 691 5.77 13.74 -20.90
N MET A 692 4.88 13.26 -20.04
CA MET A 692 4.27 14.12 -19.03
C MET A 692 5.31 14.64 -18.04
N TYR A 693 6.20 13.77 -17.57
CA TYR A 693 7.21 14.17 -16.61
C TYR A 693 8.40 14.87 -17.25
N GLY A 694 8.55 14.77 -18.57
CA GLY A 694 9.64 15.42 -19.26
C GLY A 694 10.92 14.62 -19.35
N ILE A 695 11.02 13.51 -18.63
CA ILE A 695 12.19 12.64 -18.68
C ILE A 695 12.06 11.73 -19.89
N PRO A 696 13.02 11.77 -20.82
CA PRO A 696 12.85 11.01 -22.08
C PRO A 696 12.71 9.51 -21.88
N HIS A 697 13.35 8.88 -20.91
CA HIS A 697 13.27 7.39 -20.80
C HIS A 697 13.47 6.91 -19.36
N LEU A 698 12.54 7.13 -18.46
CA LEU A 698 12.62 6.84 -17.03
C LEU A 698 11.92 5.54 -16.67
N PHE A 699 10.67 5.37 -17.09
CA PHE A 699 9.94 4.14 -16.84
C PHE A 699 10.39 3.10 -17.87
N GLU A 700 9.64 2.00 -17.97
CA GLU A 700 9.92 0.78 -18.72
C GLU A 700 11.28 0.20 -18.38
N TRP A 701 11.90 0.62 -17.27
CA TRP A 701 13.25 0.19 -16.95
C TRP A 701 13.30 -1.24 -16.44
N ILE A 702 12.25 -1.70 -15.77
CA ILE A 702 12.31 -3.01 -15.11
C ILE A 702 12.39 -4.13 -16.15
N HIS A 703 11.52 -4.10 -17.16
CA HIS A 703 11.54 -5.14 -18.17
C HIS A 703 12.80 -5.05 -19.03
N LEU A 704 13.18 -3.84 -19.43
CA LEU A 704 14.35 -3.69 -20.29
C LEU A 704 15.60 -4.19 -19.60
N ARG A 705 15.76 -3.89 -18.30
CA ARG A 705 16.92 -4.38 -17.58
C ARG A 705 16.81 -5.88 -17.31
N LEU A 706 15.60 -6.40 -17.11
CA LEU A 706 15.46 -7.79 -16.73
C LEU A 706 15.73 -8.73 -17.89
N MET A 707 15.27 -8.40 -19.11
CA MET A 707 15.50 -9.31 -20.22
C MET A 707 16.99 -9.48 -20.53
N ARG A 708 17.83 -8.60 -20.03
CA ARG A 708 19.25 -8.66 -20.44
C ARG A 708 20.04 -9.33 -19.34
N SER A 709 19.45 -9.46 -18.17
CA SER A 709 20.15 -9.92 -16.99
C SER A 709 19.64 -11.29 -16.58
N THR A 710 20.50 -12.03 -15.88
CA THR A 710 20.15 -13.33 -15.32
C THR A 710 19.97 -13.20 -13.81
N LEU A 711 18.83 -13.66 -13.31
CA LEU A 711 18.51 -13.57 -11.90
C LEU A 711 18.72 -14.91 -11.22
N TYR A 712 18.98 -14.87 -9.92
CA TYR A 712 19.21 -16.07 -9.15
C TYR A 712 18.69 -15.86 -7.74
N VAL A 713 18.47 -16.96 -7.03
CA VAL A 713 17.98 -16.93 -5.66
C VAL A 713 19.18 -17.06 -4.73
N GLY A 714 19.41 -16.04 -3.92
CA GLY A 714 20.55 -16.01 -3.03
C GLY A 714 20.25 -16.54 -1.64
N ASP A 715 20.70 -17.76 -1.35
CA ASP A 715 20.52 -18.39 -0.06
C ASP A 715 21.87 -18.93 0.41
N PRO A 716 22.29 -18.61 1.64
CA PRO A 716 23.63 -19.02 2.08
C PRO A 716 23.86 -20.53 2.04
N PHE A 717 22.83 -21.33 2.30
CA PHE A 717 22.96 -22.77 2.33
C PHE A 717 22.45 -23.45 1.07
N ASN A 718 22.17 -22.68 0.01
CA ASN A 718 21.64 -23.22 -1.24
C ASN A 718 22.52 -22.76 -2.40
N PRO A 719 23.71 -23.35 -2.55
CA PRO A 719 24.55 -23.04 -3.71
C PRO A 719 24.03 -23.75 -4.95
N PRO A 720 24.48 -23.36 -6.13
CA PRO A 720 24.05 -24.06 -7.34
C PRO A 720 24.45 -25.53 -7.31
N SER A 721 23.59 -26.38 -7.88
CA SER A 721 23.87 -27.80 -7.88
C SER A 721 25.10 -28.14 -8.71
N ASP A 722 25.25 -27.51 -9.86
CA ASP A 722 26.41 -27.76 -10.70
C ASP A 722 27.62 -27.02 -10.15
N PRO A 723 28.70 -27.71 -9.77
CA PRO A 723 29.87 -27.01 -9.23
C PRO A 723 30.66 -26.24 -10.27
N THR A 724 30.40 -26.45 -11.55
CA THR A 724 31.14 -25.78 -12.61
C THR A 724 30.51 -24.46 -13.04
N GLN A 725 29.41 -24.05 -12.43
CA GLN A 725 28.75 -22.79 -12.77
C GLN A 725 29.30 -21.71 -11.85
N LEU A 726 30.41 -21.10 -12.27
CA LEU A 726 31.08 -20.08 -11.50
C LEU A 726 30.71 -18.66 -11.91
N ASP A 727 29.91 -18.50 -12.97
CA ASP A 727 29.50 -17.19 -13.43
C ASP A 727 28.00 -17.15 -13.68
N LEU A 728 27.42 -15.98 -13.47
CA LEU A 728 25.96 -15.82 -13.52
C LEU A 728 25.45 -15.77 -14.95
N ASP A 729 26.17 -15.11 -15.85
CA ASP A 729 25.63 -14.82 -17.18
C ASP A 729 25.38 -16.09 -17.99
N THR A 730 26.31 -17.04 -17.94
CA THR A 730 26.22 -18.26 -18.74
C THR A 730 25.51 -19.40 -18.01
N ALA A 731 24.74 -19.09 -16.97
CA ALA A 731 23.99 -20.12 -16.26
C ALA A 731 22.79 -20.56 -17.11
N LEU A 732 22.26 -21.74 -16.77
CA LEU A 732 21.12 -22.29 -17.47
C LEU A 732 19.82 -21.92 -16.75
N ASN A 733 18.70 -22.12 -17.44
CA ASN A 733 17.38 -21.82 -16.90
C ASN A 733 16.88 -23.02 -16.08
N ASP A 734 17.61 -23.29 -14.99
CA ASP A 734 17.26 -24.35 -14.08
C ASP A 734 17.95 -24.10 -12.74
N ASP A 735 17.71 -24.99 -11.78
CA ASP A 735 18.28 -24.91 -10.43
C ASP A 735 17.81 -23.61 -9.80
N ILE A 736 18.70 -22.69 -9.43
CA ILE A 736 18.30 -21.44 -8.78
C ILE A 736 18.33 -20.25 -9.72
N PHE A 737 18.60 -20.47 -11.00
CA PHE A 737 18.77 -19.38 -11.95
C PHE A 737 17.48 -19.14 -12.73
N ILE A 738 17.25 -17.87 -13.07
CA ILE A 738 16.11 -17.47 -13.91
C ILE A 738 16.71 -16.68 -15.06
N VAL A 739 16.88 -17.32 -16.20
CA VAL A 739 17.59 -16.74 -17.33
C VAL A 739 16.64 -15.89 -18.15
N SER A 740 17.04 -14.64 -18.40
CA SER A 740 16.30 -13.67 -19.21
C SER A 740 14.86 -13.53 -18.74
N PRO A 741 14.62 -12.99 -17.54
CA PRO A 741 13.24 -12.70 -17.13
C PRO A 741 12.57 -11.69 -18.04
N ARG A 742 11.28 -11.89 -18.30
CA ARG A 742 10.50 -11.00 -19.13
C ARG A 742 9.33 -10.36 -18.40
N GLY A 743 9.12 -10.69 -17.13
CA GLY A 743 8.06 -10.10 -16.34
C GLY A 743 8.58 -9.07 -15.36
N GLY A 744 7.69 -8.68 -14.44
CA GLY A 744 8.03 -7.72 -13.41
C GLY A 744 8.39 -8.37 -12.09
N ILE A 745 8.60 -7.52 -11.09
CA ILE A 745 8.92 -7.94 -9.73
C ILE A 745 7.91 -7.31 -8.79
N GLU A 746 7.47 -8.09 -7.80
CA GLU A 746 6.48 -7.61 -6.85
C GLU A 746 6.98 -6.34 -6.14
N GLY A 747 6.12 -5.33 -6.10
CA GLY A 747 6.44 -4.06 -5.48
C GLY A 747 7.08 -3.05 -6.41
N LEU A 748 7.92 -3.51 -7.32
CA LEU A 748 8.59 -2.62 -8.26
C LEU A 748 7.61 -2.08 -9.27
N CYS A 749 7.65 -0.77 -9.51
CA CYS A 749 6.79 -0.11 -10.49
C CYS A 749 5.32 -0.44 -10.26
N GLN A 750 4.91 -0.46 -8.99
CA GLN A 750 3.53 -0.77 -8.65
C GLN A 750 2.56 0.33 -9.05
N LYS A 751 2.98 1.59 -9.00
CA LYS A 751 2.08 2.69 -9.33
C LYS A 751 1.63 2.64 -10.79
N LEU A 752 2.57 2.41 -11.70
CA LEU A 752 2.23 2.32 -13.12
C LEU A 752 1.28 1.16 -13.38
N TRP A 753 1.55 0.02 -12.76
CA TRP A 753 0.68 -1.15 -12.96
C TRP A 753 -0.71 -0.90 -12.39
N THR A 754 -0.81 -0.24 -11.24
CA THR A 754 -2.11 0.07 -10.68
C THR A 754 -2.88 1.03 -11.56
N MET A 755 -2.20 2.04 -12.12
CA MET A 755 -2.88 2.95 -13.03
C MET A 755 -3.35 2.25 -14.29
N ILE A 756 -2.53 1.33 -14.83
CA ILE A 756 -2.95 0.57 -16.00
C ILE A 756 -4.17 -0.29 -15.67
N SER A 757 -4.17 -0.92 -14.50
CA SER A 757 -5.32 -1.72 -14.09
C SER A 757 -6.57 -0.87 -13.92
N ILE A 758 -6.41 0.34 -13.37
CA ILE A 758 -7.54 1.24 -13.22
C ILE A 758 -8.11 1.62 -14.59
N SER A 759 -7.23 1.92 -15.54
CA SER A 759 -7.69 2.24 -16.88
C SER A 759 -8.42 1.06 -17.52
N THR A 760 -7.90 -0.15 -17.32
CA THR A 760 -8.57 -1.34 -17.85
C THR A 760 -9.95 -1.52 -17.22
N ILE A 761 -10.06 -1.30 -15.91
CA ILE A 761 -11.34 -1.45 -15.23
C ILE A 761 -12.34 -0.41 -15.73
N ILE A 762 -11.89 0.84 -15.92
CA ILE A 762 -12.77 1.88 -16.44
C ILE A 762 -13.22 1.52 -17.85
N LEU A 763 -12.30 1.05 -18.69
CA LEU A 763 -12.65 0.66 -20.05
C LEU A 763 -13.70 -0.44 -20.04
N SER A 764 -13.51 -1.46 -19.19
CA SER A 764 -14.48 -2.54 -19.12
C SER A 764 -15.83 -2.04 -18.62
N ALA A 765 -15.83 -1.14 -17.64
CA ALA A 765 -17.08 -0.62 -17.10
C ALA A 765 -17.86 0.15 -18.16
N THR A 766 -17.18 1.00 -18.92
CA THR A 766 -17.87 1.75 -19.97
C THR A 766 -18.30 0.85 -21.12
N GLU A 767 -17.54 -0.22 -21.38
CA GLU A 767 -17.89 -1.11 -22.49
C GLU A 767 -19.21 -1.81 -22.22
N ALA A 768 -19.49 -2.15 -20.97
CA ALA A 768 -20.75 -2.79 -20.59
C ALA A 768 -21.81 -1.79 -20.15
N ASN A 769 -21.51 -0.49 -20.16
CA ASN A 769 -22.45 0.55 -19.74
C ASN A 769 -22.96 0.31 -18.32
N THR A 770 -22.05 -0.03 -17.42
CA THR A 770 -22.37 -0.26 -16.02
C THR A 770 -21.55 0.69 -15.15
N ARG A 771 -22.19 1.22 -14.10
CA ARG A 771 -21.51 2.10 -13.18
C ARG A 771 -20.81 1.29 -12.10
N VAL A 772 -19.51 1.54 -11.91
CA VAL A 772 -18.72 0.84 -10.92
C VAL A 772 -17.86 1.85 -10.16
N MET A 773 -17.34 1.42 -9.01
CA MET A 773 -16.34 2.16 -8.26
C MET A 773 -15.19 1.21 -7.94
N SER A 774 -14.06 1.42 -8.60
CA SER A 774 -12.90 0.56 -8.44
C SER A 774 -12.21 0.81 -7.11
N MET A 775 -11.48 -0.02 -6.55
CA MET A 775 -10.67 0.25 -5.33
C MET A 775 -9.42 -0.61 -5.46
N VAL A 776 -8.68 -0.45 -6.56
CA VAL A 776 -7.43 -1.22 -6.79
C VAL A 776 -6.46 -0.95 -5.65
N GLN A 777 -5.83 -1.98 -5.09
CA GLN A 777 -4.95 -1.86 -3.90
C GLN A 777 -3.49 -2.22 -4.24
N GLY A 778 -3.16 -2.52 -5.52
CA GLY A 778 -1.89 -3.15 -5.84
C GLY A 778 -1.92 -4.66 -5.80
N ASP A 779 -2.10 -5.24 -4.62
CA ASP A 779 -2.15 -6.69 -4.45
C ASP A 779 -3.58 -7.22 -4.42
N ASN A 780 -4.58 -6.35 -4.57
CA ASN A 780 -5.98 -6.75 -4.55
C ASN A 780 -6.79 -5.62 -5.18
N GLN A 781 -8.04 -5.94 -5.52
CA GLN A 781 -8.94 -4.94 -6.04
C GLN A 781 -10.37 -5.37 -5.75
N ALA A 782 -11.26 -4.38 -5.62
CA ALA A 782 -12.67 -4.63 -5.35
C ALA A 782 -13.50 -3.74 -6.25
N ILE A 783 -14.48 -4.34 -6.92
CA ILE A 783 -15.34 -3.64 -7.85
C ILE A 783 -16.79 -3.87 -7.43
N ALA A 784 -17.58 -2.79 -7.39
CA ALA A 784 -18.99 -2.85 -7.03
C ALA A 784 -19.79 -2.39 -8.25
N ILE A 785 -20.36 -3.34 -8.98
CA ILE A 785 -21.14 -3.03 -10.17
C ILE A 785 -22.50 -2.52 -9.75
N THR A 786 -22.88 -1.35 -10.23
CA THR A 786 -24.10 -0.68 -9.79
C THR A 786 -25.13 -0.69 -10.92
N THR A 787 -26.38 -0.97 -10.57
CA THR A 787 -27.48 -1.00 -11.53
C THR A 787 -28.76 -0.55 -10.83
N ARG A 788 -29.74 -0.12 -11.62
CA ARG A 788 -31.02 0.35 -11.05
C ARG A 788 -32.10 -0.71 -11.22
N VAL A 789 -32.71 -1.16 -10.15
CA VAL A 789 -33.73 -2.20 -10.10
C VAL A 789 -35.01 -1.61 -9.53
N VAL A 790 -36.09 -2.37 -9.67
CA VAL A 790 -37.40 -1.94 -9.19
C VAL A 790 -37.44 -2.03 -7.68
N ARG A 791 -38.03 -1.02 -7.04
CA ARG A 791 -38.15 -1.01 -5.58
C ARG A 791 -39.02 -2.16 -5.09
N SER A 792 -40.12 -2.44 -5.80
CA SER A 792 -41.05 -3.48 -5.36
C SER A 792 -40.49 -4.89 -5.50
N LEU A 793 -39.36 -5.06 -6.18
CA LEU A 793 -38.77 -6.37 -6.34
C LEU A 793 -38.30 -6.93 -5.00
N SER A 794 -38.36 -8.25 -4.87
CA SER A 794 -37.82 -8.90 -3.69
C SER A 794 -36.30 -8.87 -3.71
N HIS A 795 -35.70 -8.82 -2.51
CA HIS A 795 -34.26 -8.60 -2.40
C HIS A 795 -33.47 -9.64 -3.17
N SER A 796 -33.92 -10.91 -3.15
CA SER A 796 -33.25 -11.93 -3.94
C SER A 796 -33.32 -11.62 -5.42
N GLU A 797 -34.47 -11.12 -5.89
CA GLU A 797 -34.60 -10.80 -7.31
C GLU A 797 -33.79 -9.56 -7.68
N LYS A 798 -33.69 -8.59 -6.78
CA LYS A 798 -32.81 -7.45 -7.04
C LYS A 798 -31.36 -7.90 -7.14
N LYS A 799 -30.95 -8.81 -6.26
CA LYS A 799 -29.58 -9.33 -6.32
C LYS A 799 -29.35 -10.11 -7.61
N GLU A 800 -30.34 -10.89 -8.04
CA GLU A 800 -30.23 -11.60 -9.31
C GLU A 800 -30.10 -10.64 -10.48
N GLN A 801 -30.89 -9.57 -10.48
CA GLN A 801 -30.80 -8.57 -11.54
C GLN A 801 -29.45 -7.89 -11.53
N ALA A 802 -28.92 -7.58 -10.34
CA ALA A 802 -27.60 -6.98 -10.25
C ALA A 802 -26.52 -7.91 -10.79
N TYR A 803 -26.62 -9.19 -10.46
CA TYR A 803 -25.64 -10.15 -10.99
C TYR A 803 -25.75 -10.27 -12.50
N LYS A 804 -26.98 -10.28 -13.03
CA LYS A 804 -27.16 -10.36 -14.47
C LYS A 804 -26.56 -9.14 -15.17
N ALA A 805 -26.74 -7.95 -14.58
CA ALA A 805 -26.12 -6.75 -15.13
C ALA A 805 -24.61 -6.81 -15.05
N SER A 806 -24.08 -7.35 -13.94
CA SER A 806 -22.63 -7.37 -13.74
C SER A 806 -21.96 -8.46 -14.58
N LYS A 807 -22.74 -9.40 -15.11
CA LYS A 807 -22.15 -10.47 -15.91
C LYS A 807 -21.45 -9.93 -17.15
N LEU A 808 -22.07 -8.96 -17.84
CA LEU A 808 -21.44 -8.36 -19.01
C LEU A 808 -20.17 -7.62 -18.65
N PHE A 809 -20.20 -6.88 -17.53
CA PHE A 809 -19.00 -6.18 -17.09
C PHE A 809 -17.88 -7.16 -16.76
N PHE A 810 -18.21 -8.26 -16.09
CA PHE A 810 -17.19 -9.25 -15.78
C PHE A 810 -16.61 -9.88 -17.04
N GLU A 811 -17.47 -10.16 -18.01
CA GLU A 811 -16.99 -10.71 -19.28
C GLU A 811 -16.03 -9.74 -19.97
N ARG A 812 -16.40 -8.46 -20.02
CA ARG A 812 -15.53 -7.46 -20.64
C ARG A 812 -14.22 -7.30 -19.87
N LEU A 813 -14.29 -7.31 -18.54
CA LEU A 813 -13.08 -7.20 -17.73
C LEU A 813 -12.15 -8.38 -17.96
N ARG A 814 -12.70 -9.60 -18.01
CA ARG A 814 -11.88 -10.77 -18.28
C ARG A 814 -11.27 -10.70 -19.68
N ALA A 815 -12.05 -10.27 -20.67
CA ALA A 815 -11.52 -10.15 -22.03
C ALA A 815 -10.39 -9.13 -22.11
N ASN A 816 -10.56 -7.97 -21.45
CA ASN A 816 -9.51 -6.96 -21.47
C ASN A 816 -8.26 -7.43 -20.74
N ASN A 817 -8.44 -8.10 -19.60
CA ASN A 817 -7.30 -8.62 -18.85
C ASN A 817 -6.55 -9.67 -19.66
N HIS A 818 -7.28 -10.54 -20.36
CA HIS A 818 -6.63 -11.50 -21.25
C HIS A 818 -5.90 -10.79 -22.39
N GLY A 819 -6.50 -9.71 -22.91
CA GLY A 819 -5.84 -8.97 -23.96
C GLY A 819 -4.54 -8.33 -23.51
N ILE A 820 -4.51 -7.79 -22.30
CA ILE A 820 -3.28 -7.18 -21.77
C ILE A 820 -2.35 -8.22 -21.15
N GLY A 821 -2.70 -9.50 -21.19
CA GLY A 821 -1.81 -10.55 -20.78
C GLY A 821 -2.03 -11.13 -19.39
N HIS A 822 -3.09 -10.75 -18.71
CA HIS A 822 -3.38 -11.25 -17.36
C HIS A 822 -4.61 -12.15 -17.42
N HIS A 823 -4.38 -13.45 -17.52
CA HIS A 823 -5.48 -14.41 -17.51
C HIS A 823 -6.03 -14.52 -16.10
N LEU A 824 -7.35 -14.42 -15.98
CA LEU A 824 -8.03 -14.50 -14.70
C LEU A 824 -8.62 -15.90 -14.53
N LYS A 825 -8.15 -16.62 -13.52
CA LYS A 825 -8.63 -17.95 -13.22
C LYS A 825 -9.65 -17.89 -12.10
N GLU A 826 -10.17 -19.06 -11.71
CA GLU A 826 -11.15 -19.10 -10.64
C GLU A 826 -10.54 -18.81 -9.28
N GLN A 827 -9.23 -19.03 -9.14
CA GLN A 827 -8.55 -18.68 -7.89
C GLN A 827 -8.64 -17.19 -7.61
N GLU A 828 -8.41 -16.36 -8.64
CA GLU A 828 -8.37 -14.92 -8.44
C GLU A 828 -9.75 -14.34 -8.20
N THR A 829 -10.75 -14.81 -8.95
CA THR A 829 -12.06 -14.20 -8.99
C THR A 829 -12.97 -14.75 -7.89
N ILE A 830 -13.52 -13.85 -7.09
CA ILE A 830 -14.56 -14.17 -6.12
C ILE A 830 -15.72 -13.23 -6.38
N LEU A 831 -16.85 -13.76 -6.83
CA LEU A 831 -18.04 -12.97 -7.12
C LEU A 831 -19.04 -13.17 -5.99
N SER A 832 -19.41 -12.08 -5.33
CA SER A 832 -20.35 -12.14 -4.23
C SER A 832 -21.25 -10.91 -4.26
N SER A 833 -22.53 -11.13 -3.99
CA SER A 833 -23.49 -10.03 -3.90
C SER A 833 -23.50 -9.36 -2.54
N ASP A 834 -22.72 -9.86 -1.58
CA ASP A 834 -22.73 -9.34 -0.21
C ASP A 834 -21.41 -8.71 0.18
N PHE A 835 -20.29 -9.37 -0.05
CA PHE A 835 -19.01 -8.94 0.51
C PHE A 835 -17.96 -8.79 -0.58
N PHE A 836 -16.98 -7.94 -0.28
CA PHE A 836 -15.74 -7.85 -1.04
C PHE A 836 -14.57 -7.81 -0.06
N ILE A 837 -13.39 -8.14 -0.56
CA ILE A 837 -12.20 -8.30 0.27
C ILE A 837 -11.27 -7.13 0.00
N TYR A 838 -10.87 -6.43 1.04
CA TYR A 838 -9.90 -5.35 0.95
C TYR A 838 -8.97 -5.39 2.15
N SER A 839 -7.66 -5.31 1.89
CA SER A 839 -6.66 -5.27 2.95
C SER A 839 -6.81 -6.45 3.91
N LYS A 840 -7.05 -7.63 3.35
CA LYS A 840 -7.24 -8.87 4.10
C LYS A 840 -8.41 -8.80 5.07
N ARG A 841 -9.30 -7.83 4.87
CA ARG A 841 -10.48 -7.66 5.71
C ARG A 841 -11.73 -7.77 4.86
N VAL A 842 -12.73 -8.48 5.36
CA VAL A 842 -13.96 -8.76 4.64
C VAL A 842 -15.02 -7.74 5.04
N PHE A 843 -15.63 -7.10 4.04
CA PHE A 843 -16.70 -6.12 4.27
C PHE A 843 -18.02 -6.81 3.94
N TYR A 844 -18.62 -7.43 4.94
CA TYR A 844 -19.81 -8.26 4.77
C TYR A 844 -21.06 -7.46 5.11
N LYS A 845 -21.84 -7.11 4.08
CA LYS A 845 -23.16 -6.49 4.25
C LYS A 845 -23.09 -5.22 5.10
N GLY A 846 -22.16 -4.34 4.75
CA GLY A 846 -22.03 -3.07 5.43
C GLY A 846 -21.29 -3.11 6.75
N ARG A 847 -20.73 -4.25 7.13
CA ARG A 847 -19.94 -4.39 8.34
C ARG A 847 -18.48 -4.67 7.96
N ILE A 848 -17.64 -4.80 8.98
CA ILE A 848 -16.29 -5.33 8.84
C ILE A 848 -16.15 -6.48 9.81
N LEU A 849 -15.83 -7.67 9.29
CA LEU A 849 -15.77 -8.85 10.12
C LEU A 849 -14.56 -8.79 11.06
N THR A 850 -14.68 -9.51 12.18
CA THR A 850 -13.86 -9.20 13.36
C THR A 850 -12.41 -9.63 13.19
N GLN A 851 -12.17 -10.90 12.89
CA GLN A 851 -10.84 -11.51 12.82
C GLN A 851 -9.98 -11.14 14.05
N ALA A 852 -10.58 -11.32 15.23
CA ALA A 852 -9.87 -11.05 16.48
C ALA A 852 -8.87 -12.14 16.82
N LEU A 853 -9.15 -13.39 16.44
CA LEU A 853 -8.22 -14.48 16.73
C LEU A 853 -6.89 -14.29 16.00
N LYS A 854 -6.92 -13.73 14.80
CA LYS A 854 -5.67 -13.42 14.11
C LYS A 854 -4.83 -12.42 14.91
N ASN A 855 -5.49 -11.50 15.61
CA ASN A 855 -4.76 -10.55 16.45
C ASN A 855 -4.24 -11.23 17.72
N VAL A 856 -5.05 -12.09 18.33
CA VAL A 856 -4.63 -12.74 19.56
C VAL A 856 -3.54 -13.77 19.33
N SER A 857 -3.42 -14.29 18.09
CA SER A 857 -2.40 -15.30 17.83
C SER A 857 -0.99 -14.74 17.95
N LYS A 858 -0.80 -13.45 17.69
CA LYS A 858 0.52 -12.82 17.73
C LYS A 858 0.77 -12.09 19.04
N MET A 859 0.20 -12.57 20.14
CA MET A 859 0.44 -12.02 21.46
C MET A 859 1.43 -12.93 22.18
N CYS A 860 2.72 -12.64 22.01
CA CYS A 860 3.79 -13.46 22.53
C CYS A 860 4.34 -12.86 23.83
N LEU A 861 5.41 -13.45 24.34
CA LEU A 861 5.94 -13.12 25.66
C LEU A 861 7.13 -12.17 25.62
N THR A 862 7.50 -11.67 24.44
CA THR A 862 8.62 -10.74 24.35
C THR A 862 8.54 -10.01 23.01
N ALA A 863 8.78 -8.71 23.04
CA ALA A 863 8.88 -7.96 21.79
C ALA A 863 10.16 -8.33 21.05
N ASP A 864 10.08 -8.43 19.73
CA ASP A 864 11.24 -8.78 18.93
C ASP A 864 12.23 -7.63 18.81
N ILE A 865 11.87 -6.44 19.28
CA ILE A 865 12.72 -5.24 19.17
C ILE A 865 13.91 -5.35 20.11
N LEU A 866 14.90 -4.48 19.92
CA LEU A 866 16.24 -4.70 20.48
C LEU A 866 16.24 -4.61 22.00
N GLY A 867 15.63 -3.57 22.56
CA GLY A 867 15.78 -3.30 23.97
C GLY A 867 15.27 -4.42 24.85
N ASP A 868 14.16 -5.06 24.44
CA ASP A 868 13.57 -6.17 25.18
C ASP A 868 13.21 -5.78 26.61
N CYS A 869 12.84 -4.52 26.82
CA CYS A 869 12.44 -4.06 28.14
C CYS A 869 11.08 -4.62 28.51
N SER A 870 10.78 -4.60 29.80
CA SER A 870 9.45 -5.00 30.26
C SER A 870 8.40 -4.02 29.77
N GLN A 871 8.73 -2.72 29.73
CA GLN A 871 7.77 -1.72 29.30
C GLN A 871 7.40 -1.91 27.83
N ALA A 872 8.38 -2.23 26.98
CA ALA A 872 8.08 -2.43 25.56
C ALA A 872 7.17 -3.64 25.36
N SER A 873 7.44 -4.73 26.06
CA SER A 873 6.60 -5.91 25.95
C SER A 873 5.19 -5.63 26.46
N CYS A 874 5.07 -4.92 27.58
CA CYS A 874 3.76 -4.59 28.10
C CYS A 874 3.00 -3.66 27.15
N SER A 875 3.71 -2.73 26.51
CA SER A 875 3.07 -1.86 25.51
C SER A 875 2.56 -2.66 24.32
N ASN A 876 3.36 -3.64 23.87
CA ASN A 876 2.91 -4.48 22.77
C ASN A 876 1.67 -5.28 23.16
N LEU A 877 1.67 -5.84 24.37
CA LEU A 877 0.50 -6.59 24.83
C LEU A 877 -0.72 -5.69 24.92
N ALA A 878 -0.54 -4.47 25.41
CA ALA A 878 -1.66 -3.54 25.50
C ALA A 878 -2.19 -3.17 24.13
N THR A 879 -1.30 -2.99 23.15
CA THR A 879 -1.74 -2.69 21.80
C THR A 879 -2.56 -3.85 21.22
N THR A 880 -2.10 -5.08 21.45
CA THR A 880 -2.86 -6.23 20.97
C THR A 880 -4.21 -6.32 21.67
N VAL A 881 -4.26 -5.96 22.95
CA VAL A 881 -5.54 -5.95 23.67
C VAL A 881 -6.47 -4.88 23.11
N MET A 882 -5.93 -3.73 22.73
CA MET A 882 -6.74 -2.72 22.07
C MET A 882 -7.31 -3.24 20.75
N ARG A 883 -6.49 -3.96 19.99
CA ARG A 883 -6.99 -4.57 18.75
C ARG A 883 -8.11 -5.57 19.05
N LEU A 884 -7.96 -6.35 20.12
CA LEU A 884 -9.00 -7.29 20.52
C LEU A 884 -10.29 -6.55 20.87
N THR A 885 -10.19 -5.43 21.58
CA THR A 885 -11.38 -4.62 21.87
C THR A 885 -12.04 -4.15 20.59
N GLU A 886 -11.24 -3.68 19.63
CA GLU A 886 -11.80 -3.18 18.38
C GLU A 886 -12.43 -4.31 17.56
N ASN A 887 -11.97 -5.54 17.74
CA ASN A 887 -12.40 -6.67 16.91
C ASN A 887 -13.42 -7.56 17.61
N GLY A 888 -14.33 -6.98 18.39
CA GLY A 888 -15.49 -7.68 18.86
C GLY A 888 -15.37 -8.41 20.17
N VAL A 889 -14.16 -8.63 20.67
CA VAL A 889 -13.99 -9.33 21.94
C VAL A 889 -14.55 -8.46 23.07
N GLU A 890 -15.06 -9.13 24.11
CA GLU A 890 -15.68 -8.42 25.23
C GLU A 890 -14.70 -7.43 25.85
N LYS A 891 -15.18 -6.21 26.09
CA LYS A 891 -14.32 -5.17 26.65
C LYS A 891 -13.88 -5.52 28.07
N ASP A 892 -14.80 -6.08 28.87
CA ASP A 892 -14.43 -6.52 30.21
C ASP A 892 -13.39 -7.63 30.16
N LEU A 893 -13.61 -8.61 29.28
CA LEU A 893 -12.63 -9.68 29.12
C LEU A 893 -11.31 -9.15 28.61
N CYS A 894 -11.35 -8.15 27.72
CA CYS A 894 -10.11 -7.56 27.22
C CYS A 894 -9.35 -6.84 28.33
N TYR A 895 -10.05 -6.13 29.21
CA TYR A 895 -9.40 -5.48 30.35
C TYR A 895 -8.75 -6.51 31.26
N PHE A 896 -9.50 -7.57 31.58
CA PHE A 896 -8.95 -8.63 32.42
C PHE A 896 -7.74 -9.29 31.76
N LEU A 897 -7.81 -9.51 30.45
CA LEU A 897 -6.71 -10.13 29.73
C LEU A 897 -5.48 -9.23 29.70
N ASN A 898 -5.67 -7.93 29.51
CA ASN A 898 -4.54 -7.01 29.54
C ASN A 898 -3.85 -7.05 30.89
N ALA A 899 -4.63 -7.01 31.97
CA ALA A 899 -4.01 -7.09 33.30
C ALA A 899 -3.29 -8.43 33.50
N PHE A 900 -3.93 -9.53 33.11
CA PHE A 900 -3.35 -10.84 33.30
C PHE A 900 -2.05 -11.00 32.52
N MET A 901 -2.03 -10.55 31.27
CA MET A 901 -0.81 -10.69 30.48
C MET A 901 0.27 -9.70 30.89
N THR A 902 -0.09 -8.54 31.42
CA THR A 902 0.92 -7.67 32.01
C THR A 902 1.60 -8.35 33.19
N ILE A 903 0.79 -8.97 34.06
CA ILE A 903 1.35 -9.71 35.20
C ILE A 903 2.21 -10.86 34.71
N ARG A 904 1.71 -11.61 33.72
CA ARG A 904 2.45 -12.75 33.18
C ARG A 904 3.78 -12.31 32.57
N GLN A 905 3.78 -11.20 31.84
CA GLN A 905 5.00 -10.70 31.23
C GLN A 905 6.00 -10.28 32.30
N LEU A 906 5.55 -9.57 33.34
CA LEU A 906 6.48 -9.17 34.39
C LEU A 906 7.05 -10.37 35.10
N CYS A 907 6.21 -11.38 35.39
CA CYS A 907 6.71 -12.58 36.04
C CYS A 907 7.71 -13.32 35.16
N TYR A 908 7.44 -13.40 33.85
CA TYR A 908 8.36 -14.04 32.93
C TYR A 908 9.70 -13.32 32.88
N ASP A 909 9.66 -11.99 32.84
CA ASP A 909 10.91 -11.22 32.82
C ASP A 909 11.67 -11.36 34.13
N LEU A 910 10.96 -11.49 35.25
CA LEU A 910 11.62 -11.64 36.54
C LEU A 910 12.27 -13.03 36.67
N VAL A 911 11.57 -14.07 36.23
CA VAL A 911 12.06 -15.43 36.45
C VAL A 911 12.85 -15.99 35.28
N PHE A 912 12.86 -15.30 34.13
CA PHE A 912 13.68 -15.65 32.98
C PHE A 912 14.59 -14.48 32.66
N PRO A 913 15.62 -14.25 33.47
CA PRO A 913 16.46 -13.06 33.28
C PRO A 913 17.25 -13.14 31.98
N GLN A 914 17.09 -12.11 31.15
CA GLN A 914 17.82 -12.08 29.88
C GLN A 914 19.31 -11.99 30.10
N THR A 915 19.75 -11.15 31.04
CA THR A 915 21.16 -10.98 31.35
C THR A 915 21.39 -11.31 32.82
N LYS A 916 22.43 -12.10 33.09
CA LYS A 916 22.77 -12.44 34.45
C LYS A 916 23.36 -11.23 35.16
N SER A 917 22.85 -10.94 36.36
CA SER A 917 23.28 -9.79 37.14
C SER A 917 23.98 -10.26 38.41
N LEU A 918 25.03 -9.53 38.81
CA LEU A 918 25.76 -9.89 40.02
C LEU A 918 24.88 -9.76 41.26
N SER A 919 24.08 -8.70 41.33
CA SER A 919 23.20 -8.47 42.46
C SER A 919 21.77 -8.83 42.08
N GLN A 920 21.16 -9.73 42.84
CA GLN A 920 19.79 -10.17 42.63
C GLN A 920 18.86 -9.65 43.71
N ASP A 921 19.21 -8.54 44.36
CA ASP A 921 18.39 -8.00 45.43
C ASP A 921 17.02 -7.55 44.90
N ILE A 922 17.00 -6.85 43.78
CA ILE A 922 15.74 -6.36 43.22
C ILE A 922 14.88 -7.53 42.74
N THR A 923 15.50 -8.48 42.03
CA THR A 923 14.76 -9.61 41.51
C THR A 923 14.20 -10.47 42.63
N ASN A 924 14.98 -10.68 43.69
CA ASN A 924 14.49 -11.45 44.83
C ASN A 924 13.43 -10.70 45.60
N ALA A 925 13.55 -9.37 45.69
CA ALA A 925 12.52 -8.58 46.36
C ALA A 925 11.20 -8.65 45.62
N TYR A 926 11.25 -8.64 44.28
CA TYR A 926 10.01 -8.75 43.51
C TYR A 926 9.46 -10.17 43.52
N LEU A 927 10.32 -11.18 43.47
CA LEU A 927 9.86 -12.56 43.40
C LEU A 927 9.19 -13.00 44.70
N ASN A 928 9.70 -12.54 45.85
CA ASN A 928 9.19 -12.96 47.13
C ASN A 928 7.94 -12.19 47.56
N HIS A 929 7.60 -11.10 46.87
CA HIS A 929 6.43 -10.28 47.21
C HIS A 929 5.59 -10.09 45.95
N PRO A 930 4.67 -11.02 45.68
CA PRO A 930 3.79 -10.86 44.50
C PRO A 930 2.88 -9.64 44.58
N ILE A 931 2.64 -9.11 45.78
CA ILE A 931 1.81 -7.91 45.89
C ILE A 931 2.50 -6.72 45.24
N LEU A 932 3.83 -6.66 45.35
CA LEU A 932 4.60 -5.64 44.64
C LEU A 932 4.44 -5.80 43.13
N ILE A 933 4.45 -7.05 42.65
CA ILE A 933 4.26 -7.30 41.23
C ILE A 933 2.90 -6.80 40.77
N SER A 934 1.86 -7.11 41.55
CA SER A 934 0.52 -6.66 41.20
C SER A 934 0.42 -5.14 41.21
N ARG A 935 1.00 -4.49 42.21
CA ARG A 935 0.95 -3.03 42.29
C ARG A 935 1.67 -2.40 41.11
N LEU A 936 2.81 -2.95 40.72
CA LEU A 936 3.53 -2.41 39.57
C LEU A 936 2.78 -2.65 38.26
N CYS A 937 2.15 -3.81 38.13
CA CYS A 937 1.46 -4.14 36.88
C CYS A 937 0.18 -3.33 36.72
N LEU A 938 -0.52 -3.04 37.82
CA LEU A 938 -1.76 -2.28 37.74
C LEU A 938 -1.53 -0.77 37.69
N LEU A 939 -0.33 -0.30 37.99
CA LEU A 939 -0.06 1.13 37.93
C LEU A 939 0.02 1.58 36.49
N PRO A 940 -0.62 2.70 36.13
CA PRO A 940 -0.56 3.16 34.73
C PRO A 940 0.86 3.52 34.32
N SER A 941 1.13 3.36 33.03
CA SER A 941 2.47 3.62 32.50
C SER A 941 2.87 5.08 32.61
N GLN A 942 1.89 5.99 32.73
CA GLN A 942 2.23 7.41 32.87
C GLN A 942 2.81 7.69 34.25
N LEU A 943 2.47 6.90 35.25
CA LEU A 943 2.96 7.07 36.60
C LEU A 943 4.15 6.17 36.92
N GLY A 944 4.62 5.39 35.94
CA GLY A 944 5.77 4.52 36.12
C GLY A 944 5.46 3.04 36.08
N GLY A 945 4.19 2.66 36.06
CA GLY A 945 3.81 1.26 36.06
C GLY A 945 3.88 0.64 34.68
N LEU A 946 3.25 -0.53 34.55
CA LEU A 946 3.23 -1.28 33.31
C LEU A 946 1.83 -1.45 32.75
N ASN A 947 0.86 -0.66 33.21
CA ASN A 947 -0.51 -0.72 32.70
C ASN A 947 -0.64 0.30 31.58
N PHE A 948 -0.45 -0.16 30.35
CA PHE A 948 -0.47 0.72 29.18
C PHE A 948 -1.85 0.85 28.56
N LEU A 949 -2.86 0.14 29.08
CA LEU A 949 -4.22 0.23 28.58
C LEU A 949 -5.09 0.90 29.64
N SER A 950 -5.56 2.10 29.34
CA SER A 950 -6.42 2.83 30.26
C SER A 950 -7.86 2.36 30.13
N CYS A 951 -8.66 2.64 31.17
CA CYS A 951 -10.05 2.24 31.16
C CYS A 951 -10.82 2.94 30.04
N SER A 952 -10.55 4.22 29.81
CA SER A 952 -11.20 4.95 28.74
C SER A 952 -10.74 4.50 27.36
N ARG A 953 -9.56 3.87 27.27
CA ARG A 953 -9.08 3.37 25.99
C ARG A 953 -9.92 2.23 25.46
N LEU A 954 -10.70 1.58 26.33
CA LEU A 954 -11.56 0.48 25.89
C LEU A 954 -12.70 0.92 24.99
N PHE A 955 -12.97 2.22 24.90
CA PHE A 955 -14.11 2.73 24.15
C PHE A 955 -13.74 3.65 23.01
N ASN A 956 -12.79 4.56 23.21
CA ASN A 956 -12.42 5.52 22.19
C ASN A 956 -10.92 5.48 21.93
N ARG A 957 -10.55 5.50 20.65
CA ARG A 957 -9.14 5.52 20.29
C ARG A 957 -8.47 6.82 20.74
N ASN A 958 -9.14 7.94 20.55
CA ASN A 958 -8.54 9.24 20.86
C ASN A 958 -8.56 9.49 22.36
N ILE A 959 -7.38 9.79 22.92
CA ILE A 959 -7.25 10.15 24.33
C ILE A 959 -6.59 11.52 24.40
N GLY A 960 -7.22 12.43 25.13
CA GLY A 960 -6.73 13.79 25.21
C GLY A 960 -5.54 13.96 26.12
N ASP A 961 -5.75 13.72 27.42
CA ASP A 961 -4.67 13.85 28.40
C ASP A 961 -4.41 12.49 29.03
N PRO A 962 -3.31 11.81 28.70
CA PRO A 962 -3.04 10.51 29.30
C PRO A 962 -2.91 10.54 30.81
N LEU A 963 -2.40 11.65 31.38
CA LEU A 963 -2.24 11.72 32.82
C LEU A 963 -3.57 11.76 33.54
N VAL A 964 -4.57 12.46 32.97
CA VAL A 964 -5.89 12.49 33.59
C VAL A 964 -6.51 11.11 33.58
N SER A 965 -6.37 10.38 32.47
CA SER A 965 -6.87 9.01 32.41
C SER A 965 -6.15 8.11 33.41
N ALA A 966 -4.83 8.30 33.56
CA ALA A 966 -4.08 7.53 34.55
C ALA A 966 -4.57 7.81 35.96
N ILE A 967 -4.82 9.08 36.27
CA ILE A 967 -5.31 9.45 37.61
C ILE A 967 -6.69 8.86 37.84
N ALA A 968 -7.56 8.89 36.83
CA ALA A 968 -8.87 8.29 36.96
C ALA A 968 -8.78 6.79 37.19
N ASP A 969 -7.88 6.12 36.47
CA ASP A 969 -7.69 4.69 36.67
C ASP A 969 -7.17 4.39 38.07
N VAL A 970 -6.25 5.21 38.56
CA VAL A 970 -5.73 5.01 39.92
C VAL A 970 -6.83 5.20 40.95
N LYS A 971 -7.70 6.21 40.74
CA LYS A 971 -8.82 6.42 41.65
C LYS A 971 -9.78 5.24 41.61
N ARG A 972 -10.05 4.69 40.42
CA ARG A 972 -10.92 3.53 40.32
C ARG A 972 -10.32 2.33 41.04
N LEU A 973 -9.02 2.10 40.88
CA LEU A 973 -8.36 0.99 41.55
C LEU A 973 -8.36 1.16 43.06
N ILE A 974 -8.17 2.40 43.54
CA ILE A 974 -8.23 2.66 44.97
C ILE A 974 -9.63 2.39 45.50
N LYS A 975 -10.66 2.84 44.78
CA LYS A 975 -12.03 2.61 45.24
C LYS A 975 -12.35 1.12 45.26
N ALA A 976 -11.91 0.38 44.24
CA ALA A 976 -12.17 -1.06 44.22
C ALA A 976 -11.36 -1.78 45.30
N GLY A 977 -10.07 -1.48 45.39
CA GLY A 977 -9.21 -2.12 46.37
C GLY A 977 -7.97 -2.74 45.76
N CYS A 978 -7.81 -2.58 44.44
CA CYS A 978 -6.62 -3.10 43.77
C CYS A 978 -5.36 -2.42 44.28
N LEU A 979 -5.40 -1.10 44.41
CA LEU A 979 -4.29 -0.31 44.93
C LEU A 979 -4.68 0.29 46.27
N ASP A 980 -3.81 1.17 46.77
CA ASP A 980 -4.02 1.75 48.11
C ASP A 980 -3.74 3.25 48.00
N ILE A 981 -4.42 4.06 48.80
CA ILE A 981 -4.32 5.51 48.71
C ILE A 981 -2.91 5.99 48.97
N TRP A 982 -2.16 5.27 49.81
CA TRP A 982 -0.77 5.66 50.07
C TRP A 982 0.09 5.51 48.83
N VAL A 983 -0.28 4.64 47.89
CA VAL A 983 0.43 4.60 46.61
C VAL A 983 0.24 5.93 45.87
N LEU A 984 -0.99 6.44 45.86
CA LEU A 984 -1.25 7.73 45.23
C LEU A 984 -0.48 8.85 45.94
N TYR A 985 -0.43 8.80 47.27
CA TYR A 985 0.31 9.82 48.01
C TYR A 985 1.81 9.73 47.71
N ASN A 986 2.34 8.52 47.59
CA ASN A 986 3.75 8.36 47.22
C ASN A 986 4.01 8.91 45.83
N ILE A 987 3.10 8.68 44.88
CA ILE A 987 3.26 9.23 43.54
C ILE A 987 3.23 10.75 43.59
N LEU A 988 2.30 11.32 44.37
CA LEU A 988 2.24 12.78 44.50
C LEU A 988 3.51 13.33 45.15
N GLY A 989 3.99 12.66 46.18
CA GLY A 989 5.18 13.08 46.90
C GLY A 989 6.49 12.57 46.36
N ARG A 990 6.47 11.94 45.18
CA ARG A 990 7.70 11.40 44.61
C ARG A 990 8.68 12.51 44.28
N ARG A 991 9.97 12.23 44.49
CA ARG A 991 11.01 13.20 44.19
C ARG A 991 11.08 13.43 42.68
N PRO A 992 11.21 14.68 42.23
CA PRO A 992 11.33 14.94 40.79
C PRO A 992 12.57 14.28 40.20
N GLY A 993 12.43 13.83 38.96
CA GLY A 993 13.50 13.15 38.27
C GLY A 993 14.49 14.11 37.63
N LYS A 994 15.40 13.53 36.84
CA LYS A 994 16.45 14.31 36.17
C LYS A 994 15.94 14.77 34.81
N GLY A 995 14.95 15.66 34.86
CA GLY A 995 14.37 16.19 33.65
C GLY A 995 14.75 17.64 33.38
N LYS A 996 14.76 18.02 32.11
CA LYS A 996 15.12 19.37 31.70
C LYS A 996 13.92 20.02 31.01
N TRP A 997 14.13 21.22 30.47
CA TRP A 997 13.08 21.87 29.70
C TRP A 997 12.82 21.14 28.39
N SER A 998 13.86 20.53 27.82
CA SER A 998 13.72 19.87 26.52
C SER A 998 12.76 18.70 26.58
N THR A 999 12.80 17.90 27.66
CA THR A 999 11.91 16.76 27.74
C THR A 999 10.48 17.17 28.05
N LEU A 1000 10.30 18.25 28.80
CA LEU A 1000 8.95 18.76 29.04
C LEU A 1000 8.34 19.31 27.75
N ALA A 1001 9.12 20.06 26.97
CA ALA A 1001 8.58 20.64 25.74
C ALA A 1001 8.40 19.61 24.65
N ALA A 1002 9.36 18.70 24.48
CA ALA A 1002 9.30 17.74 23.39
C ALA A 1002 8.13 16.78 23.54
N ASP A 1003 7.87 16.31 24.76
CA ASP A 1003 6.79 15.36 25.02
C ASP A 1003 5.98 15.87 26.20
N PRO A 1004 4.97 16.72 25.94
CA PRO A 1004 4.09 17.17 27.03
C PRO A 1004 3.25 16.01 27.58
N TYR A 1005 2.44 16.30 28.61
CA TYR A 1005 1.62 15.34 29.33
C TYR A 1005 2.45 14.33 30.12
N THR A 1006 3.78 14.44 30.12
CA THR A 1006 4.65 13.49 30.80
C THR A 1006 5.16 14.09 32.10
N LEU A 1007 5.12 13.29 33.16
CA LEU A 1007 5.63 13.72 34.45
C LEU A 1007 7.15 13.62 34.48
N ASN A 1008 7.75 14.28 35.48
CA ASN A 1008 9.21 14.25 35.66
C ASN A 1008 9.58 13.01 36.46
N ILE A 1009 9.39 11.86 35.82
CA ILE A 1009 9.64 10.55 36.42
C ILE A 1009 10.69 9.83 35.59
N ASP A 1010 11.73 9.33 36.25
CA ASP A 1010 12.79 8.63 35.54
C ASP A 1010 12.31 7.27 35.05
N TYR A 1011 12.99 6.77 34.02
CA TYR A 1011 12.76 5.44 33.47
C TYR A 1011 11.34 5.29 32.89
N LEU A 1012 10.77 6.38 32.41
CA LEU A 1012 9.55 6.29 31.62
C LEU A 1012 9.85 6.04 30.14
N VAL A 1013 11.10 6.17 29.73
CA VAL A 1013 11.53 5.96 28.35
C VAL A 1013 12.28 4.64 28.29
N PRO A 1014 11.79 3.63 27.58
CA PRO A 1014 12.49 2.35 27.52
C PRO A 1014 13.82 2.47 26.81
N SER A 1015 14.71 1.51 27.12
CA SER A 1015 16.02 1.48 26.48
C SER A 1015 15.93 1.23 24.98
N THR A 1016 14.78 0.73 24.50
CA THR A 1016 14.60 0.48 23.08
C THR A 1016 14.66 1.78 22.29
N THR A 1017 13.89 2.79 22.71
CA THR A 1017 13.93 4.08 22.03
C THR A 1017 15.27 4.76 22.22
N PHE A 1018 15.94 4.52 23.35
CA PHE A 1018 17.30 5.04 23.51
C PHE A 1018 18.24 4.45 22.48
N LEU A 1019 18.14 3.14 22.24
CA LEU A 1019 18.97 2.51 21.22
C LEU A 1019 18.64 3.05 19.83
N LYS A 1020 17.35 3.25 19.55
CA LYS A 1020 16.96 3.82 18.25
C LYS A 1020 17.54 5.21 18.07
N LYS A 1021 17.45 6.05 19.11
CA LYS A 1021 17.97 7.41 19.02
C LYS A 1021 19.50 7.41 18.92
N HIS A 1022 20.16 6.47 19.61
CA HIS A 1022 21.61 6.36 19.49
C HIS A 1022 22.00 5.97 18.07
N ALA A 1023 21.27 5.03 17.46
CA ALA A 1023 21.55 4.66 16.08
C ALA A 1023 21.35 5.83 15.14
N GLN A 1024 20.25 6.58 15.33
CA GLN A 1024 19.99 7.73 14.47
C GLN A 1024 21.07 8.80 14.63
N TYR A 1025 21.50 9.06 15.86
CA TYR A 1025 22.55 10.04 16.11
C TYR A 1025 23.87 9.60 15.50
N THR A 1026 24.20 8.30 15.61
CA THR A 1026 25.43 7.80 15.01
C THR A 1026 25.38 7.92 13.50
N LEU A 1027 24.23 7.61 12.89
CA LEU A 1027 24.09 7.76 11.45
C LEU A 1027 24.23 9.22 11.03
N MET A 1028 23.63 10.14 11.80
CA MET A 1028 23.74 11.55 11.48
C MET A 1028 25.17 12.06 11.60
N GLU A 1029 25.89 11.62 12.64
CA GLU A 1029 27.22 12.15 12.90
C GLU A 1029 28.19 11.83 11.77
N ARG A 1030 28.13 10.60 11.26
CA ARG A 1030 29.03 10.17 10.19
C ARG A 1030 28.48 10.48 8.80
N SER A 1031 27.29 11.07 8.71
CA SER A 1031 26.71 11.38 7.41
C SER A 1031 27.52 12.46 6.70
N VAL A 1032 27.73 12.26 5.40
CA VAL A 1032 28.43 13.22 4.57
C VAL A 1032 27.63 13.59 3.33
N ASN A 1033 26.37 13.19 3.24
CA ASN A 1033 25.57 13.45 2.06
C ASN A 1033 25.34 14.95 1.89
N PRO A 1034 25.39 15.45 0.65
CA PRO A 1034 25.10 16.89 0.44
C PRO A 1034 23.70 17.30 0.86
N MET A 1035 22.72 16.39 0.76
CA MET A 1035 21.35 16.74 1.12
C MET A 1035 21.19 16.99 2.61
N LEU A 1036 22.13 16.53 3.43
CA LEU A 1036 22.08 16.70 4.88
C LEU A 1036 23.32 17.41 5.40
N ARG A 1037 23.79 18.41 4.66
CA ARG A 1037 25.05 19.06 5.01
C ARG A 1037 24.97 19.78 6.35
N GLY A 1038 23.87 20.46 6.62
CA GLY A 1038 23.71 21.20 7.85
C GLY A 1038 22.71 20.65 8.84
N VAL A 1039 22.17 19.46 8.60
CA VAL A 1039 21.18 18.90 9.52
C VAL A 1039 21.79 18.61 10.88
N PHE A 1040 22.97 18.01 10.89
CA PHE A 1040 23.60 17.58 12.13
C PHE A 1040 24.48 18.68 12.72
N SER A 1041 24.35 18.90 14.02
CA SER A 1041 25.20 19.82 14.75
C SER A 1041 25.52 19.23 16.11
N GLU A 1042 26.73 19.50 16.61
CA GLU A 1042 27.14 18.96 17.89
C GLU A 1042 26.36 19.56 19.05
N ASN A 1043 25.96 20.83 18.94
CA ASN A 1043 25.21 21.52 19.98
C ASN A 1043 23.71 21.45 19.77
N ALA A 1044 23.21 20.39 19.13
CA ALA A 1044 21.78 20.27 18.89
C ALA A 1044 21.00 20.17 20.20
N ALA A 1045 21.50 19.36 21.13
CA ALA A 1045 20.82 19.23 22.42
C ALA A 1045 20.81 20.55 23.17
N GLU A 1046 21.93 21.27 23.16
CA GLU A 1046 21.99 22.56 23.83
C GLU A 1046 21.02 23.56 23.19
N GLU A 1047 20.96 23.59 21.86
CA GLU A 1047 20.04 24.49 21.18
C GLU A 1047 18.60 24.16 21.52
N GLU A 1048 18.26 22.87 21.52
CA GLU A 1048 16.90 22.45 21.87
C GLU A 1048 16.55 22.84 23.30
N GLU A 1049 17.49 22.62 24.23
CA GLU A 1049 17.24 22.99 25.62
C GLU A 1049 17.05 24.49 25.78
N GLU A 1050 17.89 25.28 25.11
CA GLU A 1050 17.76 26.74 25.22
C GLU A 1050 16.44 27.21 24.65
N LEU A 1051 16.04 26.69 23.49
CA LEU A 1051 14.77 27.10 22.90
C LEU A 1051 13.59 26.67 23.76
N ALA A 1052 13.64 25.45 24.31
CA ALA A 1052 12.56 24.99 25.18
C ALA A 1052 12.45 25.85 26.44
N GLN A 1053 13.60 26.20 27.03
CA GLN A 1053 13.58 27.08 28.19
C GLN A 1053 13.02 28.46 27.82
N TYR A 1054 13.40 28.98 26.67
CA TYR A 1054 12.88 30.27 26.23
C TYR A 1054 11.37 30.24 26.07
N LEU A 1055 10.85 29.17 25.47
CA LEU A 1055 9.40 29.08 25.25
C LEU A 1055 8.64 28.75 26.53
N LEU A 1056 9.27 28.10 27.49
CA LEU A 1056 8.59 27.62 28.69
C LEU A 1056 8.83 28.48 29.92
N ASP A 1057 10.06 28.98 30.12
CA ASP A 1057 10.36 29.78 31.30
C ASP A 1057 9.73 31.16 31.14
N ARG A 1058 8.43 31.22 31.41
CA ARG A 1058 7.65 32.45 31.31
C ARG A 1058 6.74 32.53 32.53
N GLU A 1059 5.87 33.54 32.55
CA GLU A 1059 4.93 33.67 33.65
C GLU A 1059 3.94 32.51 33.67
N VAL A 1060 3.45 32.10 32.50
CA VAL A 1060 2.56 30.95 32.36
C VAL A 1060 3.21 29.99 31.37
N VAL A 1061 3.34 28.74 31.77
CA VAL A 1061 3.97 27.72 30.95
C VAL A 1061 2.90 27.01 30.12
N MET A 1062 3.18 26.84 28.84
CA MET A 1062 2.26 26.19 27.90
C MET A 1062 3.00 25.09 27.17
N PRO A 1063 3.04 23.87 27.73
CA PRO A 1063 3.80 22.79 27.08
C PRO A 1063 3.35 22.49 25.66
N ARG A 1064 2.05 22.57 25.36
CA ARG A 1064 1.60 22.31 24.00
C ARG A 1064 2.09 23.38 23.03
N VAL A 1065 2.02 24.65 23.43
CA VAL A 1065 2.50 25.72 22.57
C VAL A 1065 3.99 25.59 22.33
N ALA A 1066 4.76 25.31 23.39
CA ALA A 1066 6.19 25.13 23.25
C ALA A 1066 6.51 23.93 22.36
N HIS A 1067 5.76 22.85 22.51
CA HIS A 1067 5.96 21.67 21.67
C HIS A 1067 5.73 21.99 20.21
N VAL A 1068 4.62 22.67 19.90
CA VAL A 1068 4.32 23.00 18.51
C VAL A 1068 5.37 23.94 17.94
N ILE A 1069 5.76 24.96 18.70
CA ILE A 1069 6.74 25.92 18.20
C ILE A 1069 8.09 25.24 17.97
N LEU A 1070 8.51 24.38 18.91
CA LEU A 1070 9.76 23.65 18.73
C LEU A 1070 9.70 22.76 17.50
N ALA A 1071 8.60 22.04 17.31
CA ALA A 1071 8.47 21.14 16.17
C ALA A 1071 8.51 21.92 14.85
N GLN A 1072 7.88 23.07 14.80
CA GLN A 1072 7.84 23.86 13.58
C GLN A 1072 9.06 24.76 13.41
N SER A 1073 9.97 24.79 14.38
CA SER A 1073 11.18 25.59 14.26
C SER A 1073 12.24 24.83 13.47
N SER A 1074 13.41 25.45 13.32
CA SER A 1074 14.50 24.80 12.59
C SER A 1074 14.98 23.55 13.32
N CYS A 1075 15.17 23.65 14.64
CA CYS A 1075 15.66 22.51 15.41
C CYS A 1075 14.67 21.36 15.39
N GLY A 1076 13.37 21.66 15.42
CA GLY A 1076 12.38 20.61 15.27
C GLY A 1076 12.45 19.94 13.91
N ARG A 1077 12.71 20.72 12.86
CA ARG A 1077 12.87 20.14 11.53
C ARG A 1077 14.09 19.22 11.48
N ARG A 1078 15.19 19.64 12.11
CA ARG A 1078 16.38 18.79 12.15
C ARG A 1078 16.12 17.52 12.94
N LYS A 1079 15.38 17.62 14.05
CA LYS A 1079 15.00 16.42 14.79
C LYS A 1079 14.14 15.49 13.95
N GLN A 1080 13.20 16.06 13.20
CA GLN A 1080 12.37 15.25 12.32
C GLN A 1080 13.20 14.54 11.25
N ILE A 1081 14.14 15.27 10.64
CA ILE A 1081 14.99 14.67 9.62
C ILE A 1081 15.83 13.55 10.21
N GLN A 1082 16.40 13.77 11.40
CA GLN A 1082 17.16 12.72 12.07
C GLN A 1082 16.28 11.53 12.42
N GLY A 1083 15.01 11.78 12.76
CA GLY A 1083 14.09 10.70 13.04
C GLY A 1083 13.53 10.01 11.81
N TYR A 1084 13.77 10.55 10.62
CA TYR A 1084 13.36 9.88 9.39
C TYR A 1084 14.08 8.55 9.19
N LEU A 1085 15.24 8.35 9.81
CA LEU A 1085 15.96 7.10 9.69
C LEU A 1085 15.16 5.95 10.28
N ASP A 1086 15.26 4.78 9.66
CA ASP A 1086 14.44 3.64 10.04
C ASP A 1086 14.92 3.01 11.35
N SER A 1087 16.24 2.94 11.55
CA SER A 1087 16.84 2.37 12.75
C SER A 1087 16.39 0.92 12.97
N THR A 1088 16.77 0.07 12.01
CA THR A 1088 16.46 -1.35 12.07
C THR A 1088 17.52 -2.07 12.91
N ARG A 1089 17.30 -3.36 13.15
CA ARG A 1089 18.25 -4.16 13.92
C ARG A 1089 19.65 -4.10 13.32
N THR A 1090 19.75 -4.23 12.00
CA THR A 1090 21.05 -4.11 11.34
C THR A 1090 21.63 -2.73 11.53
N ILE A 1091 20.80 -1.68 11.43
CA ILE A 1091 21.27 -0.32 11.62
C ILE A 1091 21.75 -0.11 13.04
N ILE A 1092 21.00 -0.63 14.02
CA ILE A 1092 21.39 -0.49 15.42
C ILE A 1092 22.71 -1.21 15.68
N ARG A 1093 22.86 -2.42 15.13
CA ARG A 1093 24.11 -3.15 15.30
C ARG A 1093 25.28 -2.41 14.67
N TYR A 1094 25.08 -1.85 13.47
CA TYR A 1094 26.15 -1.09 12.82
C TYR A 1094 26.52 0.14 13.64
N SER A 1095 25.52 0.83 14.18
CA SER A 1095 25.81 2.02 15.00
C SER A 1095 26.57 1.63 16.26
N LEU A 1096 26.18 0.52 16.90
CA LEU A 1096 26.90 0.08 18.09
C LEU A 1096 28.32 -0.37 17.76
N GLU A 1097 28.55 -0.87 16.54
CA GLU A 1097 29.89 -1.30 16.17
C GLU A 1097 30.79 -0.12 15.83
N VAL A 1098 30.36 0.75 14.93
CA VAL A 1098 31.21 1.85 14.49
C VAL A 1098 31.34 2.91 15.59
N ARG A 1099 30.35 3.04 16.46
CA ARG A 1099 30.38 4.00 17.57
C ARG A 1099 30.03 3.25 18.84
N PRO A 1100 31.02 2.64 19.50
CA PRO A 1100 30.73 1.82 20.68
C PRO A 1100 30.24 2.67 21.85
N LEU A 1101 29.36 2.06 22.64
CA LEU A 1101 28.83 2.71 23.82
C LEU A 1101 29.86 2.69 24.95
N SER A 1102 29.80 3.69 25.82
CA SER A 1102 30.68 3.74 26.97
C SER A 1102 30.32 2.65 27.97
N ALA A 1103 31.25 2.36 28.88
CA ALA A 1103 31.04 1.29 29.85
C ALA A 1103 29.84 1.58 30.74
N LYS A 1104 29.69 2.82 31.22
CA LYS A 1104 28.53 3.17 32.00
C LYS A 1104 27.26 3.10 31.17
N LYS A 1105 27.31 3.60 29.92
CA LYS A 1105 26.16 3.48 29.04
C LYS A 1105 25.83 2.03 28.73
N LEU A 1106 26.87 1.21 28.51
CA LEU A 1106 26.64 -0.21 28.28
C LEU A 1106 25.93 -0.85 29.47
N ASN A 1107 26.41 -0.55 30.68
CA ASN A 1107 25.82 -1.14 31.88
C ASN A 1107 24.38 -0.69 32.08
N THR A 1108 24.10 0.60 31.86
CA THR A 1108 22.73 1.07 32.07
C THR A 1108 21.79 0.51 31.00
N VAL A 1109 22.25 0.38 29.75
CA VAL A 1109 21.41 -0.24 28.73
C VAL A 1109 21.14 -1.69 29.08
N ILE A 1110 22.16 -2.40 29.58
CA ILE A 1110 21.98 -3.82 29.90
C ILE A 1110 21.01 -3.99 31.08
N GLU A 1111 21.15 -3.17 32.13
CA GLU A 1111 20.38 -3.34 33.35
C GLU A 1111 19.28 -2.29 33.51
N TYR A 1112 18.78 -1.75 32.41
CA TYR A 1112 17.64 -0.85 32.47
C TYR A 1112 16.46 -1.46 33.20
N ASN A 1113 16.19 -2.75 32.97
CA ASN A 1113 15.04 -3.40 33.60
C ASN A 1113 15.20 -3.41 35.12
N LEU A 1114 16.38 -3.82 35.60
CA LEU A 1114 16.61 -3.86 37.04
C LEU A 1114 16.60 -2.46 37.64
N LEU A 1115 17.17 -1.49 36.94
CA LEU A 1115 17.15 -0.11 37.44
C LEU A 1115 15.73 0.41 37.55
N TYR A 1116 14.89 0.12 36.55
CA TYR A 1116 13.50 0.56 36.56
C TYR A 1116 12.73 -0.11 37.70
N LEU A 1117 12.94 -1.41 37.90
CA LEU A 1117 12.27 -2.10 39.00
C LEU A 1117 12.69 -1.53 40.35
N SER A 1118 13.98 -1.28 40.54
CA SER A 1118 14.44 -0.70 41.79
C SER A 1118 13.90 0.72 41.99
N TYR A 1119 13.81 1.49 40.90
CA TYR A 1119 13.28 2.85 41.00
C TYR A 1119 11.82 2.83 41.42
N ASN A 1120 11.02 1.94 40.86
CA ASN A 1120 9.61 1.86 41.26
C ASN A 1120 9.42 1.20 42.62
N LEU A 1121 10.41 0.44 43.09
CA LEU A 1121 10.35 -0.10 44.44
C LEU A 1121 10.22 0.99 45.49
N GLU A 1122 10.67 2.21 45.20
CA GLU A 1122 10.57 3.29 46.16
C GLU A 1122 9.14 3.80 46.33
N ILE A 1123 8.22 3.45 45.42
CA ILE A 1123 6.85 3.87 45.54
C ILE A 1123 5.87 2.71 45.70
N ILE A 1124 6.21 1.50 45.28
CA ILE A 1124 5.27 0.38 45.33
C ILE A 1124 5.57 -0.56 46.49
N GLU A 1125 6.29 -0.10 47.52
CA GLU A 1125 6.67 -0.96 48.62
C GLU A 1125 6.00 -0.57 49.94
N LYS A 1126 6.19 0.67 50.38
CA LYS A 1126 5.71 1.10 51.69
C LYS A 1126 5.22 2.54 51.59
N PRO A 1127 4.31 2.94 52.48
CA PRO A 1127 3.84 4.34 52.47
C PRO A 1127 4.94 5.31 52.88
N ASN A 1128 5.38 6.15 51.94
CA ASN A 1128 6.38 7.16 52.25
C ASN A 1128 5.76 8.32 53.02
N ILE A 1129 6.61 9.07 53.71
CA ILE A 1129 6.19 10.27 54.41
C ILE A 1129 6.10 11.41 53.40
N VAL A 1130 4.93 12.03 53.30
CA VAL A 1130 4.66 13.06 52.30
C VAL A 1130 4.32 14.36 53.01
N GLN A 1131 4.29 15.43 52.23
CA GLN A 1131 3.97 16.75 52.77
C GLN A 1131 2.53 16.77 53.27
N PRO A 1132 2.26 17.50 54.36
CA PRO A 1132 0.89 17.51 54.91
C PRO A 1132 -0.15 18.07 53.95
N PHE A 1133 0.22 19.01 53.10
CA PHE A 1133 -0.76 19.63 52.20
C PHE A 1133 -1.23 18.68 51.10
N LEU A 1134 -0.58 17.53 50.92
CA LEU A 1134 -1.05 16.55 49.94
C LEU A 1134 -2.25 15.77 50.42
N ASN A 1135 -2.55 15.81 51.72
CA ASN A 1135 -3.71 15.10 52.25
C ASN A 1135 -5.02 15.72 51.81
N ALA A 1136 -5.00 16.95 51.27
CA ALA A 1136 -6.21 17.54 50.72
C ALA A 1136 -6.73 16.74 49.54
N ILE A 1137 -5.82 16.17 48.75
CA ILE A 1137 -6.20 15.32 47.62
C ILE A 1137 -6.80 14.02 48.17
N ASN A 1138 -7.98 13.66 47.67
CA ASN A 1138 -8.65 12.45 48.11
C ASN A 1138 -8.98 11.56 46.93
N VAL A 1139 -9.74 10.48 47.17
CA VAL A 1139 -10.18 9.63 46.07
C VAL A 1139 -11.41 10.21 45.38
N ASP A 1140 -12.10 11.15 46.00
CA ASP A 1140 -13.22 11.84 45.38
C ASP A 1140 -12.82 13.10 44.64
N THR A 1141 -11.55 13.49 44.72
CA THR A 1141 -11.08 14.68 44.02
C THR A 1141 -11.14 14.45 42.51
N CYS A 1142 -11.48 15.51 41.77
CA CYS A 1142 -11.52 15.42 40.31
C CYS A 1142 -10.14 15.08 39.77
N SER A 1143 -10.11 14.21 38.76
CA SER A 1143 -8.84 13.79 38.18
C SER A 1143 -8.08 14.96 37.57
N ILE A 1144 -8.79 16.00 37.13
CA ILE A 1144 -8.12 17.16 36.56
C ILE A 1144 -7.35 17.92 37.64
N ASP A 1145 -7.95 18.10 38.81
CA ASP A 1145 -7.24 18.79 39.90
C ASP A 1145 -6.04 17.98 40.37
N ILE A 1146 -6.20 16.66 40.48
CA ILE A 1146 -5.08 15.80 40.87
C ILE A 1146 -3.97 15.86 39.83
N ALA A 1147 -4.33 15.86 38.55
CA ALA A 1147 -3.34 15.95 37.49
C ALA A 1147 -2.60 17.29 37.55
N ARG A 1148 -3.33 18.38 37.78
CA ARG A 1148 -2.68 19.69 37.88
C ARG A 1148 -1.72 19.73 39.05
N SER A 1149 -2.14 19.24 40.21
CA SER A 1149 -1.25 19.23 41.37
C SER A 1149 -0.04 18.34 41.13
N LEU A 1150 -0.25 17.17 40.53
CA LEU A 1150 0.85 16.24 40.28
C LEU A 1150 1.86 16.83 39.30
N ARG A 1151 1.37 17.52 38.26
CA ARG A 1151 2.28 18.20 37.35
C ARG A 1151 2.98 19.37 38.02
N LYS A 1152 2.33 20.00 39.01
CA LYS A 1152 2.98 21.10 39.72
C LYS A 1152 4.12 20.60 40.60
N LEU A 1153 3.90 19.55 41.38
CA LEU A 1153 4.98 19.05 42.23
C LEU A 1153 6.05 18.31 41.42
N SER A 1154 5.65 17.59 40.38
CA SER A 1154 6.62 16.80 39.61
C SER A 1154 7.64 17.70 38.94
N TRP A 1155 7.20 18.82 38.38
CA TRP A 1155 8.09 19.79 37.75
C TRP A 1155 8.42 20.96 38.67
N ALA A 1156 8.49 20.71 39.98
CA ALA A 1156 8.77 21.79 40.93
C ALA A 1156 10.17 22.33 40.74
N THR A 1157 11.14 21.46 40.44
CA THR A 1157 12.51 21.92 40.24
C THR A 1157 12.61 22.86 39.04
N LEU A 1158 11.94 22.53 37.95
CA LEU A 1158 12.02 23.36 36.75
C LEU A 1158 11.22 24.65 36.90
N LEU A 1159 10.00 24.56 37.41
CA LEU A 1159 9.08 25.69 37.39
C LEU A 1159 9.14 26.53 38.66
N ASN A 1160 9.57 25.96 39.78
CA ASN A 1160 9.64 26.67 41.05
C ASN A 1160 8.28 27.21 41.48
N GLY A 1161 7.24 26.42 41.23
CA GLY A 1161 5.90 26.71 41.71
C GLY A 1161 4.92 27.18 40.67
N ARG A 1162 5.37 27.54 39.47
CA ARG A 1162 4.43 28.01 38.45
C ARG A 1162 3.53 26.87 38.00
N PRO A 1163 2.25 27.14 37.77
CA PRO A 1163 1.33 26.09 37.32
C PRO A 1163 1.45 25.83 35.83
N ILE A 1164 0.99 24.65 35.42
CA ILE A 1164 1.01 24.21 34.04
C ILE A 1164 -0.41 24.30 33.49
N GLU A 1165 -0.56 24.99 32.35
CA GLU A 1165 -1.87 25.24 31.77
C GLU A 1165 -1.88 24.78 30.31
N GLY A 1166 -3.07 24.36 29.87
CA GLY A 1166 -3.28 23.97 28.49
C GLY A 1166 -3.20 22.49 28.21
N LEU A 1167 -3.00 21.65 29.22
CA LEU A 1167 -2.88 20.20 29.03
C LEU A 1167 -4.10 19.42 29.45
N GLU A 1168 -4.80 19.86 30.49
CA GLU A 1168 -5.84 19.04 31.10
C GLU A 1168 -7.00 18.81 30.14
N THR A 1169 -7.48 17.57 30.10
CA THR A 1169 -8.57 17.16 29.24
C THR A 1169 -9.39 16.14 30.05
N PRO A 1170 -10.72 16.28 30.08
CA PRO A 1170 -11.53 15.36 30.89
C PRO A 1170 -11.37 13.91 30.45
N ASP A 1171 -11.35 13.02 31.43
CA ASP A 1171 -11.31 11.59 31.13
C ASP A 1171 -12.67 11.16 30.58
N PRO A 1172 -12.71 10.50 29.41
CA PRO A 1172 -14.01 10.22 28.78
C PRO A 1172 -14.98 9.43 29.66
N ILE A 1173 -14.48 8.46 30.43
CA ILE A 1173 -15.36 7.69 31.30
C ILE A 1173 -15.86 8.55 32.45
N GLU A 1174 -14.97 9.30 33.09
CA GLU A 1174 -15.35 10.12 34.23
C GLU A 1174 -16.13 11.36 33.82
N LEU A 1175 -15.88 11.88 32.62
CA LEU A 1175 -16.52 13.13 32.20
C LEU A 1175 -18.03 12.96 32.08
N VAL A 1176 -18.49 11.85 31.50
CA VAL A 1176 -19.90 11.65 31.20
C VAL A 1176 -20.51 10.74 32.25
N HIS A 1177 -21.76 11.03 32.61
CA HIS A 1177 -22.55 10.20 33.53
C HIS A 1177 -23.77 9.73 32.73
N GLY A 1178 -23.61 8.63 32.01
CA GLY A 1178 -24.63 8.19 31.10
C GLY A 1178 -25.78 7.48 31.80
N CYS A 1179 -26.86 7.30 31.03
CA CYS A 1179 -28.03 6.55 31.48
C CYS A 1179 -28.64 5.87 30.27
N LEU A 1180 -29.04 4.61 30.44
CA LEU A 1180 -29.61 3.81 29.37
C LEU A 1180 -31.11 3.66 29.57
N ILE A 1181 -31.88 3.96 28.55
CA ILE A 1181 -33.34 3.97 28.61
C ILE A 1181 -33.86 2.81 27.78
N ILE A 1182 -34.52 1.86 28.44
CA ILE A 1182 -35.12 0.70 27.79
C ILE A 1182 -36.62 0.75 28.01
N GLY A 1183 -37.38 0.79 26.93
CA GLY A 1183 -38.83 0.77 26.99
C GLY A 1183 -39.44 1.93 27.74
N SER A 1184 -40.00 1.66 28.92
CA SER A 1184 -40.70 2.66 29.71
C SER A 1184 -39.80 3.37 30.70
N ASP A 1185 -38.50 3.10 30.67
CA ASP A 1185 -37.58 3.73 31.60
C ASP A 1185 -37.40 5.21 31.28
N GLU A 1186 -36.80 5.94 32.21
CA GLU A 1186 -36.52 7.36 32.05
C GLU A 1186 -35.14 7.66 32.60
N CYS A 1187 -34.55 8.74 32.11
CA CYS A 1187 -33.21 9.16 32.52
C CYS A 1187 -33.28 9.86 33.87
N GLU A 1188 -32.56 9.34 34.86
CA GLU A 1188 -32.55 9.96 36.18
C GLU A 1188 -31.90 11.34 36.13
N HIS A 1189 -30.80 11.48 35.41
CA HIS A 1189 -30.13 12.78 35.31
C HIS A 1189 -31.00 13.80 34.59
N CYS A 1190 -31.74 13.37 33.56
CA CYS A 1190 -32.66 14.29 32.89
C CYS A 1190 -33.74 14.76 33.83
N SER A 1191 -34.30 13.85 34.63
CA SER A 1191 -35.34 14.21 35.59
C SER A 1191 -34.79 14.99 36.78
N SER A 1192 -33.48 14.97 36.99
CA SER A 1192 -32.85 15.65 38.13
C SER A 1192 -31.81 16.63 37.63
N GLY A 1193 -32.25 17.85 37.32
CA GLY A 1193 -31.34 18.96 37.06
C GLY A 1193 -30.66 18.96 35.71
N ASP A 1194 -29.82 17.96 35.45
CA ASP A 1194 -28.97 17.99 34.26
C ASP A 1194 -29.81 17.98 32.98
N ASP A 1195 -29.43 18.83 32.03
CA ASP A 1195 -30.15 18.94 30.76
C ASP A 1195 -29.22 18.92 29.56
N LYS A 1196 -27.96 18.52 29.74
CA LYS A 1196 -27.00 18.39 28.64
C LYS A 1196 -26.71 16.92 28.40
N PHE A 1197 -26.86 16.50 27.14
CA PHE A 1197 -26.67 15.08 26.83
C PHE A 1197 -26.41 14.91 25.34
N THR A 1198 -25.73 13.85 24.93
CA THR A 1198 -25.53 13.50 23.53
C THR A 1198 -26.50 12.38 23.19
N TRP A 1199 -27.46 12.67 22.33
CA TRP A 1199 -28.59 11.77 22.09
C TRP A 1199 -28.16 10.64 21.16
N PHE A 1200 -28.24 9.40 21.66
CA PHE A 1200 -28.00 8.21 20.86
C PHE A 1200 -29.25 7.34 20.89
N PHE A 1201 -29.76 6.99 19.70
CA PHE A 1201 -30.98 6.22 19.57
C PHE A 1201 -30.73 5.00 18.69
N LEU A 1202 -31.15 3.84 19.17
CA LEU A 1202 -31.08 2.60 18.39
C LEU A 1202 -32.50 2.09 18.15
N PRO A 1203 -32.96 2.05 16.90
CA PRO A 1203 -34.33 1.59 16.64
C PRO A 1203 -34.50 0.12 16.98
N LYS A 1204 -35.75 -0.33 16.92
CA LYS A 1204 -36.10 -1.70 17.24
C LYS A 1204 -36.34 -2.50 15.96
N GLY A 1205 -36.25 -3.81 16.08
CA GLY A 1205 -36.46 -4.70 14.96
C GLY A 1205 -35.25 -4.92 14.07
N ILE A 1206 -34.08 -4.41 14.45
CA ILE A 1206 -32.89 -4.60 13.64
C ILE A 1206 -32.43 -6.05 13.73
N ARG A 1207 -32.14 -6.64 12.57
CA ARG A 1207 -31.60 -8.00 12.49
C ARG A 1207 -30.49 -8.00 11.45
N LEU A 1208 -29.26 -8.22 11.91
CA LEU A 1208 -28.11 -8.21 11.01
C LEU A 1208 -28.16 -9.41 10.08
N ASP A 1209 -27.58 -9.23 8.88
CA ASP A 1209 -27.51 -10.29 7.86
C ASP A 1209 -28.91 -10.83 7.55
N ASP A 1210 -29.87 -9.93 7.39
CA ASP A 1210 -31.24 -10.29 7.10
C ASP A 1210 -31.74 -9.37 5.99
N ASP A 1211 -33.06 -9.39 5.77
CA ASP A 1211 -33.65 -8.61 4.70
C ASP A 1211 -33.41 -7.12 4.94
N PRO A 1212 -32.84 -6.40 3.98
CA PRO A 1212 -32.61 -4.95 4.18
C PRO A 1212 -33.88 -4.15 4.37
N ALA A 1213 -35.04 -4.65 3.93
CA ALA A 1213 -36.27 -3.89 4.08
C ALA A 1213 -36.76 -3.88 5.52
N SER A 1214 -36.55 -4.97 6.27
CA SER A 1214 -37.10 -5.07 7.61
C SER A 1214 -36.42 -4.11 8.58
N ASN A 1215 -35.09 -4.08 8.58
CA ASN A 1215 -34.37 -3.28 9.55
C ASN A 1215 -34.40 -1.80 9.15
N PRO A 1216 -34.21 -0.89 10.12
CA PRO A 1216 -34.23 0.54 9.81
C PRO A 1216 -33.13 0.91 8.84
N PRO A 1217 -33.22 2.09 8.20
CA PRO A 1217 -32.24 2.45 7.17
C PRO A 1217 -30.81 2.49 7.72
N ILE A 1218 -29.87 2.08 6.88
CA ILE A 1218 -28.47 1.99 7.24
C ILE A 1218 -27.75 3.24 6.74
N ARG A 1219 -26.63 3.56 7.39
CA ARG A 1219 -25.81 4.69 7.00
C ARG A 1219 -24.40 4.48 7.52
N VAL A 1220 -23.47 5.23 6.95
CA VAL A 1220 -22.07 5.18 7.38
C VAL A 1220 -21.99 5.79 8.77
N PRO A 1221 -21.50 5.06 9.77
CA PRO A 1221 -21.48 5.58 11.14
C PRO A 1221 -20.39 6.63 11.32
N TYR A 1222 -20.41 7.25 12.50
CA TYR A 1222 -19.39 8.23 12.86
C TYR A 1222 -18.12 7.49 13.25
N ILE A 1223 -17.10 7.58 12.38
CA ILE A 1223 -15.82 6.94 12.65
C ILE A 1223 -14.78 7.93 13.15
N GLY A 1224 -15.11 9.22 13.19
CA GLY A 1224 -14.16 10.22 13.64
C GLY A 1224 -14.08 11.41 12.71
N SER A 1225 -13.46 12.49 13.16
CA SER A 1225 -13.29 13.71 12.37
C SER A 1225 -11.85 14.16 12.46
N LYS A 1226 -11.18 14.20 11.31
CA LYS A 1226 -9.79 14.63 11.25
C LYS A 1226 -9.73 16.13 10.97
N THR A 1227 -8.54 16.63 10.64
CA THR A 1227 -8.37 18.05 10.36
C THR A 1227 -9.18 18.43 9.12
N ASP A 1228 -9.90 19.55 9.22
CA ASP A 1228 -10.74 20.02 8.13
C ASP A 1228 -10.78 21.55 8.10
N VAL A 1232 -8.79 27.75 6.64
CA VAL A 1232 -7.96 28.50 7.57
C VAL A 1232 -8.26 29.99 7.43
N ALA A 1233 -8.84 30.36 6.29
CA ALA A 1233 -9.22 31.74 6.00
C ALA A 1233 -8.02 32.69 6.14
N SER A 1234 -6.91 32.31 5.53
CA SER A 1234 -5.72 33.14 5.55
C SER A 1234 -5.92 34.40 4.70
N MET A 1235 -5.14 35.44 5.02
CA MET A 1235 -5.26 36.70 4.29
C MET A 1235 -4.91 36.52 2.82
N ALA A 1236 -3.83 35.80 2.52
CA ALA A 1236 -3.42 35.50 1.16
C ALA A 1236 -3.25 34.00 1.02
N TYR A 1237 -4.00 33.40 0.10
CA TYR A 1237 -3.98 31.95 -0.11
C TYR A 1237 -2.84 31.63 -1.08
N ILE A 1238 -1.68 31.34 -0.51
CA ILE A 1238 -0.51 31.00 -1.31
C ILE A 1238 -0.62 29.55 -1.76
N LYS A 1239 -0.52 29.34 -3.08
CA LYS A 1239 -0.59 28.01 -3.66
C LYS A 1239 0.82 27.50 -3.93
N GLY A 1240 1.04 26.21 -3.68
CA GLY A 1240 2.36 25.65 -3.85
C GLY A 1240 3.36 26.09 -2.81
N ALA A 1241 2.91 26.53 -1.64
CA ALA A 1241 3.82 26.97 -0.60
C ALA A 1241 4.66 25.79 -0.10
N SER A 1242 5.94 26.06 0.10
CA SER A 1242 6.85 25.02 0.56
C SER A 1242 6.53 24.61 2.00
N VAL A 1243 7.08 23.47 2.42
CA VAL A 1243 6.87 23.00 3.78
C VAL A 1243 7.45 23.99 4.78
N SER A 1244 8.59 24.60 4.45
CA SER A 1244 9.20 25.58 5.33
C SER A 1244 8.29 26.78 5.52
N LEU A 1245 7.67 27.27 4.44
CA LEU A 1245 6.79 28.42 4.56
C LEU A 1245 5.57 28.12 5.42
N LYS A 1246 4.94 26.96 5.22
CA LYS A 1246 3.81 26.58 6.04
C LYS A 1246 4.21 26.43 7.50
N SER A 1247 5.38 25.82 7.75
CA SER A 1247 5.85 25.66 9.12
C SER A 1247 6.08 27.01 9.79
N ALA A 1248 6.72 27.94 9.08
CA ALA A 1248 6.96 29.27 9.63
C ALA A 1248 5.66 30.00 9.90
N LEU A 1249 4.69 29.90 8.98
CA LEU A 1249 3.41 30.57 9.17
C LEU A 1249 2.69 30.01 10.39
N ARG A 1250 2.68 28.67 10.54
CA ARG A 1250 2.02 28.08 11.70
C ARG A 1250 2.73 28.46 12.99
N LEU A 1251 4.07 28.49 12.97
CA LEU A 1251 4.83 28.91 14.15
C LEU A 1251 4.47 30.32 14.55
N ALA A 1252 4.46 31.25 13.59
CA ALA A 1252 4.13 32.63 13.90
C ALA A 1252 2.70 32.76 14.41
N GLY A 1253 1.76 32.05 13.78
CA GLY A 1253 0.38 32.12 14.23
C GLY A 1253 0.20 31.60 15.65
N VAL A 1254 0.82 30.46 15.96
CA VAL A 1254 0.70 29.90 17.29
C VAL A 1254 1.35 30.81 18.32
N TYR A 1255 2.52 31.36 18.00
CA TYR A 1255 3.21 32.25 18.93
C TYR A 1255 2.36 33.49 19.21
N ILE A 1256 1.79 34.10 18.17
CA ILE A 1256 0.97 35.29 18.36
C ILE A 1256 -0.29 34.94 19.16
N TRP A 1257 -0.92 33.79 18.86
CA TRP A 1257 -2.14 33.43 19.54
C TRP A 1257 -1.90 33.14 21.01
N ALA A 1258 -0.75 32.55 21.35
CA ALA A 1258 -0.51 32.11 22.72
C ALA A 1258 0.14 33.19 23.58
N PHE A 1259 1.27 33.73 23.13
CA PHE A 1259 2.07 34.60 23.98
C PHE A 1259 1.68 36.08 23.88
N GLY A 1260 0.77 36.43 22.99
CA GLY A 1260 0.26 37.78 22.91
C GLY A 1260 0.38 38.35 21.51
N ASP A 1261 -0.38 39.42 21.26
CA ASP A 1261 -0.40 40.09 19.96
C ASP A 1261 0.35 41.42 19.99
N THR A 1262 1.17 41.65 21.01
CA THR A 1262 1.94 42.88 21.09
C THR A 1262 3.04 42.89 20.03
N GLU A 1263 3.59 44.08 19.79
CA GLU A 1263 4.65 44.19 18.79
C GLU A 1263 5.92 43.48 19.24
N GLU A 1264 6.20 43.45 20.55
CA GLU A 1264 7.35 42.71 21.05
C GLU A 1264 7.21 41.22 20.78
N SER A 1265 6.01 40.68 20.97
CA SER A 1265 5.75 39.29 20.62
C SER A 1265 5.92 39.06 19.12
N TRP A 1266 5.53 40.04 18.30
CA TRP A 1266 5.71 39.91 16.86
C TRP A 1266 7.19 39.86 16.49
N GLN A 1267 8.01 40.72 17.11
CA GLN A 1267 9.45 40.65 16.86
C GLN A 1267 10.05 39.34 17.35
N ASP A 1268 9.58 38.84 18.51
CA ASP A 1268 10.08 37.56 19.00
C ASP A 1268 9.73 36.41 18.07
N ALA A 1269 8.50 36.39 17.56
CA ALA A 1269 8.10 35.34 16.62
C ALA A 1269 8.74 35.52 15.25
N TYR A 1270 9.16 36.73 14.90
CA TYR A 1270 9.81 36.95 13.62
C TYR A 1270 11.11 36.19 13.53
N GLU A 1271 11.88 36.11 14.61
CA GLU A 1271 13.12 35.34 14.61
C GLU A 1271 12.83 33.84 14.46
N LEU A 1272 11.87 33.33 15.25
CA LEU A 1272 11.54 31.92 15.18
C LEU A 1272 10.89 31.53 13.85
N ALA A 1273 10.36 32.50 13.11
CA ALA A 1273 9.91 32.24 11.75
C ALA A 1273 11.05 32.33 10.74
N SER A 1274 11.93 33.32 10.89
CA SER A 1274 13.08 33.49 10.01
C SER A 1274 14.11 32.37 10.17
N THR A 1275 14.01 31.57 11.23
CA THR A 1275 14.86 30.38 11.30
C THR A 1275 14.47 29.33 10.26
N ARG A 1276 13.34 29.50 9.57
CA ARG A 1276 12.92 28.57 8.54
C ARG A 1276 12.58 29.21 7.20
N VAL A 1277 12.39 30.53 7.14
CA VAL A 1277 12.09 31.24 5.90
C VAL A 1277 12.89 32.53 5.87
N ASN A 1278 12.80 33.23 4.73
CA ASN A 1278 13.49 34.50 4.53
C ASN A 1278 12.51 35.67 4.42
N LEU A 1279 11.34 35.54 5.03
CA LEU A 1279 10.37 36.64 5.05
C LEU A 1279 10.87 37.78 5.94
N THR A 1280 10.44 38.99 5.61
CA THR A 1280 10.60 40.12 6.50
C THR A 1280 9.34 40.23 7.36
N LEU A 1281 9.34 41.20 8.28
CA LEU A 1281 8.23 41.32 9.23
C LEU A 1281 6.91 41.63 8.51
N GLU A 1282 6.95 42.46 7.47
CA GLU A 1282 5.72 42.84 6.78
C GLU A 1282 5.08 41.65 6.07
N GLN A 1283 5.87 40.91 5.29
CA GLN A 1283 5.33 39.75 4.60
C GLN A 1283 4.93 38.65 5.58
N LEU A 1284 5.68 38.50 6.67
CA LEU A 1284 5.31 37.53 7.69
C LEU A 1284 3.96 37.88 8.31
N GLN A 1285 3.75 39.15 8.63
CA GLN A 1285 2.49 39.57 9.23
C GLN A 1285 1.33 39.42 8.24
N SER A 1286 1.55 39.78 6.99
CA SER A 1286 0.49 39.71 5.99
C SER A 1286 0.12 38.26 5.66
N LEU A 1287 1.13 37.39 5.53
CA LEU A 1287 0.90 36.01 5.12
C LEU A 1287 0.50 35.10 6.28
N THR A 1288 0.65 35.55 7.52
CA THR A 1288 0.33 34.70 8.66
C THR A 1288 -1.17 34.41 8.69
N PRO A 1289 -1.59 33.16 8.86
CA PRO A 1289 -3.02 32.86 8.96
C PRO A 1289 -3.67 33.50 10.18
N LEU A 1290 -4.97 33.31 10.33
CA LEU A 1290 -5.70 33.93 11.43
C LEU A 1290 -5.22 33.34 12.76
N PRO A 1291 -4.69 34.16 13.68
CA PRO A 1291 -4.14 33.67 14.94
C PRO A 1291 -5.16 33.53 16.06
N THR A 1292 -6.29 32.88 15.78
CA THR A 1292 -7.30 32.59 16.78
C THR A 1292 -7.72 31.13 16.67
N SER A 1293 -8.08 30.55 17.81
CA SER A 1293 -8.53 29.16 17.90
C SER A 1293 -7.48 28.21 17.33
N ALA A 1294 -6.30 28.21 17.96
CA ALA A 1294 -5.22 27.35 17.52
C ALA A 1294 -5.57 25.89 17.75
N ASN A 1295 -5.33 25.05 16.75
CA ASN A 1295 -5.64 23.64 16.87
C ASN A 1295 -4.69 22.92 17.82
N LEU A 1296 -3.41 23.31 17.82
CA LEU A 1296 -2.39 22.70 18.67
C LEU A 1296 -2.34 21.19 18.48
N VAL A 1297 -2.41 20.76 17.22
CA VAL A 1297 -2.34 19.35 16.87
C VAL A 1297 -0.96 19.05 16.30
N HIS A 1298 -0.31 18.03 16.84
CA HIS A 1298 1.01 17.63 16.38
C HIS A 1298 1.30 16.22 16.91
N ARG A 1299 2.44 15.68 16.51
CA ARG A 1299 2.85 14.35 16.94
C ARG A 1299 4.24 14.39 17.57
N LYS A 1308 -1.86 -2.20 8.98
CA LYS A 1308 -2.04 -0.77 8.74
C LYS A 1308 -3.52 -0.38 8.79
N PHE A 1309 -4.35 -1.15 8.09
CA PHE A 1309 -5.79 -0.91 8.07
C PHE A 1309 -6.40 -1.57 9.30
N THR A 1310 -6.72 -0.75 10.30
CA THR A 1310 -7.24 -1.23 11.58
C THR A 1310 -8.50 -0.46 11.92
N PRO A 1311 -9.67 -0.93 11.49
CA PRO A 1311 -10.92 -0.26 11.84
C PRO A 1311 -11.17 -0.28 13.34
N ALA A 1312 -11.79 0.78 13.83
CA ALA A 1312 -12.03 0.91 15.26
C ALA A 1312 -13.12 -0.02 15.77
N SER A 1313 -13.99 -0.51 14.90
CA SER A 1313 -15.06 -1.42 15.31
C SER A 1313 -15.62 -2.10 14.06
N SER A 1314 -16.53 -3.04 14.30
CA SER A 1314 -17.20 -3.73 13.20
C SER A 1314 -18.31 -2.91 12.58
N TYR A 1315 -18.79 -1.88 13.27
CA TYR A 1315 -19.88 -1.03 12.79
C TYR A 1315 -21.13 -1.84 12.50
N ALA A 1316 -21.37 -2.87 13.31
CA ALA A 1316 -22.52 -3.74 13.10
C ALA A 1316 -23.81 -3.04 13.50
N PHE A 1317 -23.89 -2.55 14.74
CA PHE A 1317 -25.06 -1.86 15.23
C PHE A 1317 -24.90 -0.35 15.27
N SER A 1318 -23.70 0.17 15.05
CA SER A 1318 -23.50 1.62 15.00
C SER A 1318 -23.94 2.23 13.68
N SER A 1319 -24.21 1.40 12.67
CA SER A 1319 -24.71 1.92 11.40
C SER A 1319 -26.19 2.30 11.46
N PHE A 1320 -26.96 1.67 12.33
CA PHE A 1320 -28.39 1.95 12.47
C PHE A 1320 -28.69 2.98 13.55
N VAL A 1321 -27.66 3.58 14.15
CA VAL A 1321 -27.84 4.47 15.29
C VAL A 1321 -28.28 5.84 14.79
N HIS A 1322 -28.93 6.60 15.67
CA HIS A 1322 -29.34 7.97 15.41
C HIS A 1322 -28.69 8.89 16.43
N ILE A 1323 -28.09 9.97 15.95
CA ILE A 1323 -27.36 10.90 16.81
C ILE A 1323 -27.94 12.31 16.64
N SER A 1324 -27.88 13.09 17.72
CA SER A 1324 -28.32 14.48 17.68
C SER A 1324 -27.68 15.20 18.85
N ASN A 1325 -26.80 16.17 18.54
CA ASN A 1325 -26.11 16.94 19.62
C ASN A 1325 -26.69 18.35 19.69
N ASP A 1326 -27.98 18.52 19.37
CA ASP A 1326 -28.59 19.84 19.37
C ASP A 1326 -28.66 20.42 20.77
N CYS A 1327 -28.94 19.60 21.77
CA CYS A 1327 -29.12 20.06 23.15
C CYS A 1327 -27.80 20.27 23.88
N GLN A 1328 -26.68 20.33 23.17
CA GLN A 1328 -25.38 20.60 23.75
C GLN A 1328 -24.82 21.89 23.19
N ILE A 1329 -23.70 22.34 23.77
CA ILE A 1329 -23.08 23.58 23.35
C ILE A 1329 -22.62 23.48 21.90
N LEU A 1330 -21.98 22.37 21.54
CA LEU A 1330 -21.51 22.15 20.18
C LEU A 1330 -21.53 20.67 19.83
N THR A 1337 -10.04 24.37 19.59
CA THR A 1337 -10.94 23.33 19.10
C THR A 1337 -11.03 22.18 20.10
N ASP A 1338 -10.70 22.47 21.36
CA ASP A 1338 -10.73 21.44 22.40
C ASP A 1338 -12.15 20.93 22.64
N SER A 1339 -13.14 21.83 22.59
CA SER A 1339 -14.52 21.40 22.78
C SER A 1339 -14.95 20.46 21.67
N ASN A 1340 -14.50 20.69 20.44
CA ASN A 1340 -14.82 19.78 19.34
C ASN A 1340 -14.24 18.40 19.59
N LEU A 1341 -13.00 18.34 20.07
CA LEU A 1341 -12.39 17.05 20.41
C LEU A 1341 -13.15 16.35 21.54
N ILE A 1342 -13.58 17.12 22.53
CA ILE A 1342 -14.33 16.53 23.65
C ILE A 1342 -15.64 15.95 23.15
N TYR A 1343 -16.34 16.68 22.30
CA TYR A 1343 -17.63 16.18 21.79
C TYR A 1343 -17.43 14.97 20.87
N GLN A 1344 -16.36 14.98 20.08
CA GLN A 1344 -16.07 13.82 19.25
C GLN A 1344 -15.76 12.59 20.10
N GLN A 1345 -15.00 12.78 21.19
CA GLN A 1345 -14.72 11.67 22.11
C GLN A 1345 -16.00 11.17 22.77
N VAL A 1346 -16.89 12.08 23.15
CA VAL A 1346 -18.16 11.67 23.75
C VAL A 1346 -18.99 10.87 22.76
N MET A 1347 -19.04 11.32 21.51
CA MET A 1347 -19.79 10.60 20.49
C MET A 1347 -19.21 9.21 20.25
N ILE A 1348 -17.88 9.11 20.18
CA ILE A 1348 -17.26 7.80 19.95
C ILE A 1348 -17.48 6.89 21.14
N THR A 1349 -17.41 7.44 22.36
CA THR A 1349 -17.67 6.62 23.55
C THR A 1349 -19.11 6.14 23.57
N GLY A 1350 -20.05 6.99 23.18
CA GLY A 1350 -21.44 6.56 23.12
C GLY A 1350 -21.68 5.48 22.07
N LEU A 1351 -21.04 5.63 20.91
CA LEU A 1351 -21.14 4.59 19.88
C LEU A 1351 -20.56 3.27 20.38
N ALA A 1352 -19.41 3.33 21.05
CA ALA A 1352 -18.80 2.11 21.59
C ALA A 1352 -19.68 1.49 22.66
N LEU A 1353 -20.32 2.33 23.49
CA LEU A 1353 -21.23 1.81 24.51
C LEU A 1353 -22.43 1.13 23.89
N ILE A 1354 -22.99 1.71 22.82
CA ILE A 1354 -24.10 1.08 22.12
C ILE A 1354 -23.65 -0.24 21.52
N GLU A 1355 -22.45 -0.27 20.92
CA GLU A 1355 -21.96 -1.50 20.30
C GLU A 1355 -21.71 -2.59 21.34
N THR A 1356 -21.15 -2.24 22.49
CA THR A 1356 -20.89 -3.23 23.52
C THR A 1356 -22.14 -3.62 24.29
N TRP A 1357 -23.21 -2.81 24.22
CA TRP A 1357 -24.49 -3.22 24.78
C TRP A 1357 -25.04 -4.42 24.03
N ASN A 1358 -24.83 -4.47 22.71
CA ASN A 1358 -25.24 -5.58 21.86
C ASN A 1358 -23.98 -6.14 21.21
N ASN A 1359 -23.32 -7.06 21.90
CA ASN A 1359 -22.04 -7.61 21.45
C ASN A 1359 -22.26 -8.50 20.23
N PRO A 1360 -21.18 -8.81 19.49
CA PRO A 1360 -21.31 -9.63 18.28
C PRO A 1360 -22.02 -10.95 18.52
N PRO A 1361 -21.95 -11.54 19.71
CA PRO A 1361 -22.85 -12.67 19.98
C PRO A 1361 -24.32 -12.34 19.77
N ILE A 1362 -24.74 -11.11 20.06
CA ILE A 1362 -26.12 -10.68 19.86
C ILE A 1362 -26.23 -10.05 18.48
N ASN A 1363 -27.25 -10.48 17.72
CA ASN A 1363 -27.46 -9.98 16.37
C ASN A 1363 -28.84 -9.34 16.18
N PHE A 1364 -29.63 -9.20 17.23
CA PHE A 1364 -30.96 -8.62 17.14
C PHE A 1364 -31.17 -7.63 18.26
N SER A 1365 -32.16 -6.75 18.07
CA SER A 1365 -32.54 -5.74 19.07
C SER A 1365 -34.07 -5.66 19.07
N VAL A 1366 -34.69 -6.40 19.98
CA VAL A 1366 -36.15 -6.46 20.03
C VAL A 1366 -36.78 -5.21 20.63
N TYR A 1367 -36.00 -4.38 21.32
CA TYR A 1367 -36.49 -3.14 21.89
C TYR A 1367 -35.59 -1.98 21.48
N GLU A 1368 -36.17 -0.79 21.39
CA GLU A 1368 -35.41 0.40 21.07
C GLU A 1368 -34.67 0.91 22.30
N THR A 1369 -33.43 1.33 22.10
CA THR A 1369 -32.56 1.77 23.18
C THR A 1369 -32.15 3.23 22.95
N THR A 1370 -32.11 3.99 24.03
CA THR A 1370 -31.70 5.39 23.99
C THR A 1370 -30.57 5.61 24.98
N LEU A 1371 -29.48 6.20 24.52
CA LEU A 1371 -28.32 6.52 25.35
C LEU A 1371 -28.18 8.03 25.42
N HIS A 1372 -27.94 8.54 26.64
CA HIS A 1372 -27.88 9.97 26.87
C HIS A 1372 -26.47 10.51 27.05
N LEU A 1373 -25.67 9.89 27.92
CA LEU A 1373 -24.30 10.33 28.19
C LEU A 1373 -24.29 11.80 28.64
N HIS A 1374 -24.87 12.02 29.81
CA HIS A 1374 -25.03 13.37 30.35
C HIS A 1374 -23.66 13.90 30.74
N THR A 1375 -23.08 14.74 29.88
CA THR A 1375 -21.78 15.34 30.18
C THR A 1375 -21.88 16.46 31.20
N GLY A 1376 -23.08 16.97 31.47
CA GLY A 1376 -23.25 18.03 32.43
C GLY A 1376 -23.16 17.54 33.86
N SER A 1377 -23.17 18.51 34.79
CA SER A 1377 -23.07 18.24 36.23
C SER A 1377 -21.82 17.42 36.56
N SER A 1378 -20.72 17.74 35.88
CA SER A 1378 -19.45 17.06 36.09
C SER A 1378 -18.37 18.09 36.43
N CYS A 1379 -17.43 17.67 37.28
CA CYS A 1379 -16.38 18.58 37.72
C CYS A 1379 -15.31 18.79 36.64
N CYS A 1380 -15.25 17.92 35.64
CA CYS A 1380 -14.18 17.99 34.66
C CYS A 1380 -14.40 19.08 33.63
N ILE A 1381 -15.62 19.61 33.52
CA ILE A 1381 -15.89 20.68 32.56
C ILE A 1381 -15.44 22.00 33.16
N ARG A 1382 -14.48 22.65 32.51
CA ARG A 1382 -13.92 23.90 32.98
C ARG A 1382 -13.81 24.91 31.84
N PRO A 1383 -14.04 26.20 32.13
CA PRO A 1383 -13.81 27.22 31.10
C PRO A 1383 -12.38 27.20 30.61
N VAL A 1384 -12.20 27.55 29.34
CA VAL A 1384 -10.89 27.59 28.70
C VAL A 1384 -10.50 29.04 28.48
N GLU A 1385 -9.32 29.41 28.96
CA GLU A 1385 -8.80 30.77 28.83
C GLU A 1385 -7.38 30.72 28.29
N SER A 1386 -7.10 31.61 27.34
CA SER A 1386 -5.79 31.66 26.68
C SER A 1386 -5.59 33.05 26.11
N CYS A 1387 -4.60 33.18 25.23
CA CYS A 1387 -4.28 34.42 24.52
C CYS A 1387 -3.87 35.55 25.46
N VAL A 1388 -3.44 35.22 26.68
CA VAL A 1388 -2.94 36.23 27.59
C VAL A 1388 -1.54 36.66 27.17
N VAL A 1389 -1.08 37.78 27.72
CA VAL A 1389 0.24 38.30 27.41
C VAL A 1389 1.29 37.53 28.20
N ASN A 1390 2.29 37.00 27.50
CA ASN A 1390 3.36 36.22 28.11
C ASN A 1390 4.69 36.76 27.63
N PRO A 1391 5.27 37.73 28.34
CA PRO A 1391 6.59 38.25 27.96
C PRO A 1391 7.63 37.15 27.92
N PRO A 1392 8.64 37.18 27.04
CA PRO A 1392 9.58 36.08 26.95
C PRO A 1392 10.22 35.72 28.28
N LEU A 1393 10.66 36.72 29.04
CA LEU A 1393 11.33 36.51 30.32
C LEU A 1393 12.78 36.04 30.15
N LEU A 1394 13.24 35.80 28.92
CA LEU A 1394 14.57 35.30 28.65
C LEU A 1394 14.97 35.76 27.26
N PRO A 1395 16.25 36.12 27.05
CA PRO A 1395 16.69 36.52 25.71
C PRO A 1395 16.57 35.36 24.73
N VAL A 1396 16.30 35.70 23.47
CA VAL A 1396 16.17 34.70 22.42
C VAL A 1396 17.51 34.01 22.21
N PRO A 1397 17.60 32.69 22.28
CA PRO A 1397 18.89 32.02 22.13
C PRO A 1397 19.44 32.16 20.72
N LEU A 1398 20.77 32.14 20.63
CA LEU A 1398 21.45 32.18 19.34
C LEU A 1398 21.26 30.84 18.65
N ILE A 1399 20.39 30.81 17.64
CA ILE A 1399 20.03 29.58 16.95
C ILE A 1399 20.79 29.51 15.63
N ASN A 1400 21.49 28.40 15.41
CA ASN A 1400 22.18 28.15 14.16
C ASN A 1400 21.20 27.53 13.17
N VAL A 1401 21.08 28.16 12.00
CA VAL A 1401 20.09 27.76 10.99
C VAL A 1401 20.85 27.23 9.78
N PRO A 1402 20.44 26.07 9.23
CA PRO A 1402 21.06 25.57 7.98
C PRO A 1402 20.56 26.35 6.77
N GLN A 1403 21.20 27.50 6.53
CA GLN A 1403 20.78 28.37 5.44
C GLN A 1403 20.95 27.70 4.09
N MET A 1404 22.05 26.97 3.90
CA MET A 1404 22.31 26.32 2.62
C MET A 1404 21.48 25.07 2.39
N ASN A 1405 20.88 24.52 3.45
CA ASN A 1405 20.07 23.32 3.31
C ASN A 1405 18.71 23.66 2.73
N LYS A 1406 18.32 22.95 1.67
CA LYS A 1406 17.04 23.20 1.01
C LYS A 1406 15.86 22.65 1.80
N PHE A 1407 16.03 21.52 2.47
CA PHE A 1407 14.94 20.87 3.16
C PHE A 1407 14.59 21.51 4.50
N VAL A 1408 15.38 22.47 4.97
CA VAL A 1408 15.12 23.16 6.22
C VAL A 1408 14.83 24.65 6.00
N TYR A 1409 15.59 25.29 5.11
CA TYR A 1409 15.50 26.72 4.88
C TYR A 1409 15.32 27.00 3.40
N ASP A 1410 14.42 27.92 3.08
CA ASP A 1410 14.19 28.34 1.69
C ASP A 1410 14.42 29.83 1.57
N PRO A 1411 15.49 30.28 0.90
CA PRO A 1411 15.73 31.72 0.77
C PRO A 1411 14.66 32.46 -0.01
N GLU A 1412 13.88 31.77 -0.85
CA GLU A 1412 12.82 32.37 -1.63
C GLU A 1412 11.50 31.65 -1.38
N PRO A 1413 10.75 32.06 -0.35
CA PRO A 1413 9.47 31.40 -0.06
C PRO A 1413 8.31 31.88 -0.93
N LEU A 1414 8.50 32.91 -1.75
CA LEU A 1414 7.44 33.42 -2.61
C LEU A 1414 7.95 33.49 -4.04
N SER A 1415 7.00 33.40 -4.98
CA SER A 1415 7.33 33.50 -6.40
C SER A 1415 7.30 34.95 -6.87
N ALA B 218 -26.77 44.27 -94.83
CA ALA B 218 -28.12 44.53 -94.38
C ALA B 218 -28.64 43.36 -93.53
N ASN B 219 -29.57 42.59 -94.10
CA ASN B 219 -30.10 41.43 -93.39
C ASN B 219 -29.03 40.37 -93.18
N GLU B 220 -28.00 40.36 -94.02
CA GLU B 220 -26.91 39.40 -93.86
C GLU B 220 -26.17 39.59 -92.55
N ILE B 221 -25.89 40.84 -92.16
CA ILE B 221 -25.24 41.10 -90.87
C ILE B 221 -26.11 40.60 -89.73
N MET B 222 -27.43 40.75 -89.85
CA MET B 222 -28.34 40.19 -88.86
C MET B 222 -28.23 38.68 -88.82
N ASP B 223 -28.11 38.06 -89.99
CA ASP B 223 -27.91 36.58 -90.03
C ASP B 223 -26.64 36.24 -89.25
N LEU B 224 -25.55 36.99 -89.48
CA LEU B 224 -24.29 36.73 -88.79
C LEU B 224 -24.41 36.86 -87.28
N LEU B 225 -25.06 37.93 -86.83
CA LEU B 225 -25.20 38.17 -85.36
C LEU B 225 -26.03 37.04 -84.77
N ARG B 226 -27.12 36.66 -85.43
CA ARG B 226 -27.98 35.58 -84.95
C ARG B 226 -27.19 34.29 -84.80
N GLY B 227 -26.41 33.94 -85.82
CA GLY B 227 -25.57 32.76 -85.72
C GLY B 227 -24.56 32.87 -84.60
N MET B 228 -24.01 34.07 -84.38
CA MET B 228 -23.04 34.11 -83.26
C MET B 228 -23.80 33.84 -81.97
N ASP B 229 -24.86 34.62 -81.70
CA ASP B 229 -25.55 34.47 -80.39
C ASP B 229 -25.95 33.00 -80.18
N ALA B 230 -26.40 32.31 -81.25
CA ALA B 230 -26.74 30.91 -81.12
C ALA B 230 -25.50 30.08 -80.75
N ARG B 231 -24.39 30.36 -81.42
CA ARG B 231 -23.14 29.61 -81.15
C ARG B 231 -22.70 29.85 -79.70
N LEU B 232 -22.74 31.10 -79.23
CA LEU B 232 -22.40 31.38 -77.84
C LEU B 232 -23.36 30.66 -76.90
N GLN B 233 -24.61 30.51 -77.29
CA GLN B 233 -25.55 29.75 -76.47
C GLN B 233 -25.12 28.30 -76.33
N HIS B 234 -24.69 27.70 -77.45
CA HIS B 234 -24.20 26.30 -77.42
C HIS B 234 -23.04 26.22 -76.42
N LEU B 235 -22.02 27.06 -76.60
CA LEU B 235 -20.85 27.06 -75.69
C LEU B 235 -21.33 27.26 -74.25
N GLU B 236 -22.36 28.11 -74.07
CA GLU B 236 -22.86 28.39 -72.72
C GLU B 236 -23.36 27.09 -72.09
N GLN B 237 -24.07 26.28 -72.87
CA GLN B 237 -24.47 24.97 -72.38
C GLN B 237 -23.25 24.12 -72.04
N LYS B 238 -22.22 24.19 -72.89
CA LYS B 238 -20.99 23.40 -72.65
C LYS B 238 -20.36 23.82 -71.32
N VAL B 239 -20.22 25.13 -71.07
CA VAL B 239 -19.56 25.58 -69.86
C VAL B 239 -20.41 25.34 -68.62
N ASP B 240 -21.75 25.43 -68.71
CA ASP B 240 -22.53 25.12 -67.52
C ASP B 240 -22.48 23.63 -67.20
N LYS B 241 -22.40 22.77 -68.22
CA LYS B 241 -22.12 21.36 -67.96
C LYS B 241 -20.78 21.17 -67.26
N VAL B 242 -19.76 21.86 -67.74
CA VAL B 242 -18.43 21.74 -67.15
C VAL B 242 -18.45 22.19 -65.71
N LEU B 243 -19.18 23.27 -65.43
CA LEU B 243 -19.33 23.74 -64.05
C LEU B 243 -20.06 22.70 -63.20
N ALA B 244 -21.12 22.11 -63.73
CA ALA B 244 -21.85 21.09 -62.98
C ALA B 244 -20.96 19.90 -62.66
N GLN B 245 -19.89 19.70 -63.45
CA GLN B 245 -18.98 18.60 -63.18
C GLN B 245 -18.26 18.69 -61.83
N GLY B 246 -18.27 19.86 -61.17
CA GLY B 246 -17.45 20.05 -59.99
C GLY B 246 -18.03 19.51 -58.69
N SER B 247 -19.31 19.10 -58.69
CA SER B 247 -19.91 18.59 -57.47
C SER B 247 -19.20 17.33 -56.98
N MET B 248 -18.88 16.42 -57.90
CA MET B 248 -18.19 15.21 -57.49
C MET B 248 -16.75 15.48 -57.12
N VAL B 249 -16.17 16.57 -57.61
CA VAL B 249 -14.88 17.02 -57.08
C VAL B 249 -15.03 17.42 -55.61
N THR B 250 -16.13 18.10 -55.29
CA THR B 250 -16.39 18.43 -53.89
C THR B 250 -16.51 17.16 -53.05
N GLN B 251 -17.24 16.17 -53.58
CA GLN B 251 -17.41 14.88 -52.86
C GLN B 251 -16.03 14.22 -52.68
N ILE B 252 -15.19 14.26 -53.71
CA ILE B 252 -13.90 13.58 -53.61
C ILE B 252 -13.01 14.29 -52.60
N LYS B 253 -13.16 15.62 -52.45
CA LYS B 253 -12.46 16.31 -51.37
C LYS B 253 -12.98 15.85 -50.01
N ASN B 254 -14.30 15.73 -49.88
CA ASN B 254 -14.88 15.28 -48.63
C ASN B 254 -14.39 13.88 -48.25
N GLU B 255 -14.20 13.01 -49.23
CA GLU B 255 -13.68 11.67 -48.98
C GLU B 255 -12.17 11.63 -48.78
N LEU B 256 -11.41 12.52 -49.44
CA LEU B 256 -9.98 12.59 -49.16
C LEU B 256 -9.74 13.05 -47.74
N SER B 257 -10.68 13.81 -47.16
CA SER B 257 -10.63 14.08 -45.73
C SER B 257 -10.45 12.78 -44.95
N THR B 258 -11.42 11.88 -45.06
CA THR B 258 -11.33 10.59 -44.38
C THR B 258 -10.10 9.82 -44.84
N VAL B 259 -9.63 10.06 -46.06
CA VAL B 259 -8.41 9.38 -46.52
C VAL B 259 -7.26 9.71 -45.61
N LYS B 260 -7.02 11.01 -45.41
CA LYS B 260 -5.92 11.46 -44.54
C LYS B 260 -6.17 10.93 -43.11
N THR B 261 -7.39 11.10 -42.60
CA THR B 261 -7.67 10.68 -41.19
C THR B 261 -7.32 9.21 -41.00
N THR B 262 -7.85 8.33 -41.86
CA THR B 262 -7.63 6.90 -41.70
C THR B 262 -6.16 6.55 -41.93
N LEU B 263 -5.50 7.22 -42.87
CA LEU B 263 -4.09 6.94 -43.11
C LEU B 263 -3.26 7.33 -41.90
N ALA B 264 -3.56 8.46 -41.27
CA ALA B 264 -2.85 8.85 -40.06
C ALA B 264 -3.09 7.85 -38.94
N THR B 265 -4.33 7.36 -38.83
CA THR B 265 -4.62 6.35 -37.80
C THR B 265 -3.80 5.07 -38.05
N ILE B 266 -3.72 4.63 -39.31
CA ILE B 266 -2.93 3.46 -39.65
C ILE B 266 -1.46 3.68 -39.30
N GLU B 267 -0.94 4.85 -39.67
CA GLU B 267 0.48 5.16 -39.39
C GLU B 267 0.71 5.10 -37.88
N GLY B 268 -0.18 5.74 -37.10
CA GLY B 268 -0.02 5.75 -35.66
C GLY B 268 -0.06 4.36 -35.05
N MET B 269 -0.99 3.52 -35.50
CA MET B 269 -1.04 2.12 -35.04
C MET B 269 0.31 1.48 -35.33
N MET B 270 0.76 1.57 -36.57
CA MET B 270 2.00 0.90 -36.95
C MET B 270 3.16 1.38 -36.09
N ALA B 271 3.21 2.68 -35.81
CA ALA B 271 4.29 3.23 -34.98
C ALA B 271 4.23 2.68 -33.57
N THR B 272 3.03 2.66 -32.96
CA THR B 272 2.95 2.18 -31.59
C THR B 272 3.16 0.68 -31.51
N VAL B 273 2.92 -0.03 -32.60
CA VAL B 273 3.28 -1.46 -32.64
C VAL B 273 4.80 -1.61 -32.71
N LYS B 274 5.45 -0.77 -33.51
CA LYS B 274 6.91 -0.87 -33.65
C LYS B 274 7.61 -0.53 -32.34
N ILE B 275 7.13 0.49 -31.61
CA ILE B 275 7.78 0.87 -30.36
C ILE B 275 7.58 -0.21 -29.30
N MET B 276 6.58 -1.06 -29.48
CA MET B 276 6.24 -2.04 -28.43
C MET B 276 7.25 -3.20 -28.39
N ASP B 277 8.21 -3.25 -29.30
CA ASP B 277 9.20 -4.33 -29.29
C ASP B 277 10.18 -4.14 -28.14
N PRO B 278 10.32 -5.12 -27.25
CA PRO B 278 11.21 -4.95 -26.09
C PRO B 278 12.69 -5.01 -26.43
N GLY B 279 13.06 -5.33 -27.67
CA GLY B 279 14.47 -5.41 -28.01
C GLY B 279 15.17 -4.07 -27.96
N ASN B 280 14.53 -3.03 -28.48
CA ASN B 280 15.17 -1.72 -28.61
C ASN B 280 14.57 -0.76 -27.60
N PRO B 281 15.33 -0.34 -26.58
CA PRO B 281 14.84 0.70 -25.67
C PRO B 281 14.57 1.99 -26.42
N THR B 282 13.50 2.67 -26.02
CA THR B 282 13.07 3.88 -26.70
C THR B 282 12.88 4.98 -25.64
N GLY B 283 12.35 6.12 -26.06
CA GLY B 283 12.11 7.23 -25.17
C GLY B 283 11.40 8.38 -25.85
N VAL B 284 10.40 8.94 -25.19
CA VAL B 284 9.69 10.09 -25.76
C VAL B 284 10.60 11.31 -25.71
N PRO B 285 10.71 12.07 -26.81
CA PRO B 285 11.58 13.25 -26.81
C PRO B 285 11.15 14.27 -25.76
N VAL B 286 12.12 14.93 -25.15
CA VAL B 286 11.90 15.93 -24.13
C VAL B 286 11.06 15.37 -22.98
N GLU C 220 -15.68 47.66 -90.53
CA GLU C 220 -15.61 47.24 -89.14
C GLU C 220 -16.41 45.96 -88.91
N ILE C 221 -17.40 45.72 -89.77
CA ILE C 221 -18.23 44.52 -89.64
C ILE C 221 -17.41 43.27 -89.92
N MET C 222 -16.58 43.32 -90.96
CA MET C 222 -15.67 42.18 -91.24
C MET C 222 -14.87 41.95 -89.97
N ASP C 223 -14.21 42.99 -89.45
CA ASP C 223 -13.51 42.86 -88.18
C ASP C 223 -14.46 42.39 -87.08
N LEU C 224 -15.73 42.81 -87.14
CA LEU C 224 -16.72 42.40 -86.15
C LEU C 224 -17.08 40.93 -86.26
N LEU C 225 -16.62 40.23 -87.29
CA LEU C 225 -16.94 38.81 -87.45
C LEU C 225 -15.74 37.88 -87.52
N ARG C 226 -14.65 38.27 -88.21
CA ARG C 226 -13.58 37.30 -88.47
C ARG C 226 -12.87 36.87 -87.19
N GLY C 227 -12.43 37.84 -86.38
CA GLY C 227 -11.80 37.50 -85.12
C GLY C 227 -12.75 36.81 -84.18
N MET C 228 -14.03 37.16 -84.26
CA MET C 228 -15.06 36.51 -83.39
C MET C 228 -15.09 35.01 -83.72
N ASP C 229 -15.18 34.67 -85.01
CA ASP C 229 -15.22 33.27 -85.42
C ASP C 229 -13.92 32.55 -85.04
N ALA C 230 -12.77 33.20 -85.24
CA ALA C 230 -11.51 32.57 -84.88
C ALA C 230 -11.45 32.25 -83.38
N ARG C 231 -11.78 33.25 -82.54
CA ARG C 231 -11.79 33.02 -81.08
C ARG C 231 -12.79 31.92 -80.76
N LEU C 232 -13.91 31.93 -81.45
CA LEU C 232 -14.95 30.95 -81.18
C LEU C 232 -14.45 29.54 -81.42
N GLN C 233 -13.74 29.33 -82.54
CA GLN C 233 -13.17 28.02 -82.83
C GLN C 233 -12.16 27.63 -81.76
N HIS C 234 -11.36 28.59 -81.31
CA HIS C 234 -10.45 28.28 -80.19
C HIS C 234 -11.22 27.84 -78.95
N LEU C 235 -12.35 28.51 -78.69
CA LEU C 235 -13.20 28.10 -77.55
C LEU C 235 -13.65 26.66 -77.77
N GLU C 236 -14.13 26.34 -78.97
CA GLU C 236 -14.60 24.98 -79.24
C GLU C 236 -13.51 23.97 -78.91
N GLN C 237 -12.29 24.22 -79.39
CA GLN C 237 -11.18 23.31 -79.14
C GLN C 237 -10.92 23.16 -77.65
N LYS C 238 -10.89 24.29 -76.92
CA LYS C 238 -10.64 24.23 -75.49
C LYS C 238 -11.76 23.50 -74.77
N VAL C 239 -13.00 23.63 -75.25
CA VAL C 239 -14.12 22.93 -74.64
C VAL C 239 -13.98 21.43 -74.83
N ASP C 240 -13.61 20.99 -76.04
CA ASP C 240 -13.38 19.56 -76.23
C ASP C 240 -12.26 19.06 -75.34
N LYS C 241 -11.23 19.88 -75.14
CA LYS C 241 -10.20 19.52 -74.17
C LYS C 241 -10.77 19.39 -72.76
N VAL C 242 -11.67 20.30 -72.39
CA VAL C 242 -12.13 20.37 -71.00
C VAL C 242 -13.07 19.22 -70.66
N LEU C 243 -13.89 18.75 -71.61
CA LEU C 243 -14.81 17.67 -71.26
C LEU C 243 -14.09 16.41 -70.81
N ALA C 244 -12.80 16.27 -71.11
CA ALA C 244 -12.04 15.16 -70.53
C ALA C 244 -11.90 15.29 -69.02
N GLN C 245 -12.07 16.51 -68.50
CA GLN C 245 -11.99 16.72 -67.04
C GLN C 245 -13.03 15.83 -66.36
N GLY C 246 -14.30 15.93 -66.78
CA GLY C 246 -15.34 15.14 -66.13
C GLY C 246 -14.97 13.66 -66.09
N SER C 247 -14.44 13.15 -67.20
CA SER C 247 -14.11 11.73 -67.29
C SER C 247 -13.00 11.36 -66.30
N MET C 248 -11.88 12.09 -66.36
CA MET C 248 -10.73 11.77 -65.48
C MET C 248 -11.14 11.93 -64.02
N VAL C 249 -11.94 12.96 -63.73
CA VAL C 249 -12.39 13.22 -62.37
C VAL C 249 -13.24 12.06 -61.86
N THR C 250 -14.18 11.56 -62.68
CA THR C 250 -15.03 10.49 -62.17
C THR C 250 -14.24 9.19 -62.03
N GLN C 251 -13.24 8.98 -62.89
CA GLN C 251 -12.37 7.77 -62.75
C GLN C 251 -11.60 7.88 -61.43
N ILE C 252 -11.07 9.06 -61.12
CA ILE C 252 -10.38 9.27 -59.85
C ILE C 252 -11.35 9.03 -58.69
N LYS C 253 -12.59 9.50 -58.83
CA LYS C 253 -13.58 9.30 -57.78
C LYS C 253 -13.77 7.82 -57.48
N ASN C 254 -14.01 7.04 -58.54
CA ASN C 254 -14.27 5.58 -58.34
C ASN C 254 -13.03 4.92 -57.74
N GLU C 255 -11.84 5.24 -58.27
CA GLU C 255 -10.58 4.63 -57.79
C GLU C 255 -10.43 4.93 -56.29
N LEU C 256 -10.71 6.17 -55.88
CA LEU C 256 -10.60 6.54 -54.48
C LEU C 256 -11.67 5.83 -53.65
N SER C 257 -12.82 5.53 -54.25
CA SER C 257 -13.80 4.68 -53.59
C SER C 257 -13.21 3.29 -53.32
N THR C 258 -12.49 2.73 -54.29
CA THR C 258 -11.79 1.47 -54.04
C THR C 258 -10.75 1.63 -52.93
N VAL C 259 -10.11 2.80 -52.86
CA VAL C 259 -9.13 3.06 -51.82
C VAL C 259 -9.80 3.02 -50.45
N LYS C 260 -11.02 3.55 -50.39
CA LYS C 260 -11.80 3.48 -49.13
C LYS C 260 -12.11 2.01 -48.83
N THR C 261 -12.57 1.26 -49.84
CA THR C 261 -12.91 -0.17 -49.61
C THR C 261 -11.70 -0.91 -49.04
N THR C 262 -10.50 -0.74 -49.61
CA THR C 262 -9.35 -1.50 -49.15
C THR C 262 -8.79 -0.96 -47.83
N LEU C 263 -8.87 0.35 -47.60
CA LEU C 263 -8.38 0.90 -46.35
C LEU C 263 -9.26 0.45 -45.18
N ALA C 264 -10.56 0.27 -45.42
CA ALA C 264 -11.40 -0.30 -44.39
C ALA C 264 -10.91 -1.69 -44.00
N THR C 265 -10.56 -2.53 -44.98
CA THR C 265 -10.04 -3.86 -44.67
C THR C 265 -8.71 -3.79 -43.96
N ILE C 266 -7.81 -2.90 -44.36
CA ILE C 266 -6.51 -2.85 -43.70
C ILE C 266 -6.65 -2.38 -42.26
N GLU C 267 -7.59 -1.49 -42.02
CA GLU C 267 -7.75 -1.20 -40.57
C GLU C 267 -8.30 -2.49 -39.96
N GLY C 268 -9.36 -3.09 -40.53
CA GLY C 268 -9.93 -4.25 -39.87
C GLY C 268 -8.87 -5.27 -39.47
N MET C 269 -7.87 -5.44 -40.33
CA MET C 269 -6.79 -6.43 -40.05
C MET C 269 -5.87 -5.87 -38.96
N MET C 270 -5.52 -4.58 -39.02
CA MET C 270 -4.55 -4.05 -38.07
C MET C 270 -5.15 -3.83 -36.70
N ALA C 271 -6.46 -3.61 -36.60
CA ALA C 271 -7.08 -3.35 -35.30
C ALA C 271 -6.95 -4.55 -34.37
N THR C 272 -7.17 -5.75 -34.89
CA THR C 272 -7.08 -6.98 -34.10
C THR C 272 -5.81 -7.73 -34.50
N VAL C 273 -4.72 -7.42 -33.81
CA VAL C 273 -3.41 -8.00 -34.08
C VAL C 273 -2.86 -8.55 -32.77
N LYS C 274 -2.25 -9.73 -32.84
CA LYS C 274 -1.64 -10.37 -31.68
C LYS C 274 -0.17 -10.02 -31.60
N ILE C 275 0.25 -9.50 -30.44
CA ILE C 275 1.66 -9.24 -30.16
C ILE C 275 2.06 -10.14 -28.99
N MET C 276 2.98 -11.04 -29.32
CA MET C 276 3.41 -12.05 -28.34
C MET C 276 4.90 -11.94 -28.07
N ASP C 277 5.30 -11.99 -26.81
CA ASP C 277 6.72 -12.05 -26.48
C ASP C 277 7.12 -13.51 -26.37
N PRO C 278 8.06 -13.99 -27.20
CA PRO C 278 8.41 -15.42 -27.14
C PRO C 278 8.89 -15.88 -25.79
N GLY C 279 9.54 -15.02 -25.02
CA GLY C 279 10.07 -15.47 -23.74
C GLY C 279 11.29 -16.34 -23.92
N ASN C 280 11.64 -17.03 -22.84
CA ASN C 280 12.82 -17.90 -22.80
C ASN C 280 12.44 -19.28 -22.25
N PRO C 281 11.67 -20.06 -23.00
CA PRO C 281 11.33 -21.40 -22.51
C PRO C 281 12.44 -22.42 -22.74
N THR C 282 13.27 -22.22 -23.77
CA THR C 282 14.29 -23.20 -24.11
C THR C 282 15.38 -23.28 -23.05
N GLY C 283 15.68 -22.16 -22.40
CA GLY C 283 16.77 -22.11 -21.45
C GLY C 283 18.12 -21.79 -22.04
N VAL C 284 18.16 -21.12 -23.19
CA VAL C 284 19.41 -20.73 -23.84
C VAL C 284 20.15 -19.77 -22.91
N PRO C 285 21.48 -19.88 -22.80
CA PRO C 285 22.22 -18.98 -21.90
C PRO C 285 22.03 -17.52 -22.28
N VAL C 286 22.01 -16.67 -21.24
CA VAL C 286 21.68 -15.26 -21.43
C VAL C 286 22.70 -14.54 -22.31
N ASP C 287 23.94 -15.04 -22.32
CA ASP C 287 24.99 -14.40 -23.13
C ASP C 287 24.53 -14.38 -24.57
N GLU C 288 24.15 -15.55 -25.07
CA GLU C 288 23.67 -15.62 -26.44
C GLU C 288 22.42 -14.78 -26.63
N LEU C 289 21.49 -14.86 -25.67
CA LEU C 289 20.18 -14.14 -25.82
C LEU C 289 20.44 -12.63 -25.84
N ARG C 290 21.70 -12.23 -25.70
CA ARG C 290 22.02 -10.78 -25.65
C ARG C 290 22.02 -10.24 -27.07
N ARG C 291 20.88 -10.31 -27.75
CA ARG C 291 20.78 -9.68 -29.09
C ARG C 291 19.80 -8.52 -28.96
N SER C 292 20.09 -7.54 -28.10
CA SER C 292 19.20 -6.40 -27.98
C SER C 292 20.03 -5.13 -27.85
N PHE C 293 19.61 -4.07 -28.38
CA PHE C 293 20.39 -2.82 -28.35
C PHE C 293 20.47 -2.29 -26.94
N SER C 294 21.44 -1.58 -26.61
CA SER C 294 21.71 -0.96 -25.31
C SER C 294 21.75 0.56 -25.38
N ASP C 295 21.29 1.15 -26.47
CA ASP C 295 21.33 2.59 -26.68
C ASP C 295 19.91 3.12 -26.77
N HIS C 296 19.59 4.09 -25.92
CA HIS C 296 18.24 4.70 -26.01
C HIS C 296 18.10 5.42 -27.36
N VAL C 297 16.98 5.24 -28.06
CA VAL C 297 16.65 5.86 -29.33
C VAL C 297 15.28 6.51 -29.19
N THR C 298 15.19 7.79 -29.55
CA THR C 298 13.98 8.58 -29.33
C THR C 298 13.09 8.51 -30.57
N ILE C 299 11.99 7.75 -30.47
CA ILE C 299 11.05 7.61 -31.61
C ILE C 299 9.67 8.13 -31.17
N VAL C 300 8.93 8.78 -32.07
CA VAL C 300 7.56 9.29 -31.75
C VAL C 300 6.52 8.45 -32.50
N SER C 301 5.29 8.42 -32.00
CA SER C 301 4.19 7.69 -32.69
C SER C 301 3.18 8.70 -33.26
N GLY C 302 2.19 9.02 -32.43
CA GLY C 302 1.14 9.93 -32.92
C GLY C 302 1.56 11.36 -32.73
N PRO C 303 1.73 11.81 -31.48
CA PRO C 303 2.21 13.16 -31.22
C PRO C 303 3.71 13.29 -31.47
N GLY C 304 4.12 14.34 -32.18
CA GLY C 304 5.54 14.49 -32.54
C GLY C 304 5.71 15.35 -33.78
N ALA D 218 -22.98 50.86 -80.79
CA ALA D 218 -21.99 51.55 -81.60
C ALA D 218 -20.59 51.06 -81.27
N ASN D 219 -19.58 51.90 -81.57
CA ASN D 219 -18.19 51.50 -81.42
C ASN D 219 -17.86 51.16 -79.97
N GLU D 220 -18.61 51.75 -79.04
CA GLU D 220 -18.40 51.46 -77.62
C GLU D 220 -18.55 49.97 -77.34
N ILE D 221 -19.56 49.33 -77.94
CA ILE D 221 -19.76 47.92 -77.65
C ILE D 221 -18.74 47.03 -78.36
N MET D 222 -18.20 47.49 -79.47
CA MET D 222 -17.11 46.72 -80.13
C MET D 222 -15.88 46.78 -79.20
N ASP D 223 -15.60 47.96 -78.63
CA ASP D 223 -14.48 48.07 -77.68
C ASP D 223 -14.71 47.20 -76.46
N LEU D 224 -15.94 47.23 -75.92
CA LEU D 224 -16.27 46.40 -74.77
C LEU D 224 -16.10 44.93 -75.09
N LEU D 225 -16.47 44.53 -76.31
CA LEU D 225 -16.38 43.12 -76.68
C LEU D 225 -14.93 42.68 -76.89
N ARG D 226 -14.08 43.64 -77.26
CA ARG D 226 -12.64 43.34 -77.34
C ARG D 226 -12.15 43.14 -75.91
N GLY D 227 -12.69 43.92 -74.96
CA GLY D 227 -12.36 43.71 -73.56
C GLY D 227 -12.77 42.34 -73.06
N MET D 228 -14.00 41.94 -73.40
CA MET D 228 -14.53 40.63 -72.92
C MET D 228 -13.82 39.46 -73.60
N ASP D 229 -13.36 39.63 -74.85
CA ASP D 229 -12.60 38.53 -75.46
C ASP D 229 -11.16 38.48 -74.95
N ALA D 230 -10.60 39.61 -74.52
CA ALA D 230 -9.31 39.57 -73.83
C ALA D 230 -9.44 38.83 -72.50
N ARG D 231 -10.47 39.16 -71.72
CA ARG D 231 -10.70 38.42 -70.47
C ARG D 231 -10.88 36.95 -70.82
N LEU D 232 -11.58 36.65 -71.92
CA LEU D 232 -11.81 35.29 -72.36
C LEU D 232 -10.51 34.56 -72.64
N GLN D 233 -9.59 35.23 -73.33
CA GLN D 233 -8.28 34.64 -73.57
C GLN D 233 -7.57 34.35 -72.26
N HIS D 234 -7.73 35.23 -71.27
CA HIS D 234 -7.16 34.96 -69.95
C HIS D 234 -7.79 33.74 -69.30
N LEU D 235 -9.11 33.59 -69.41
CA LEU D 235 -9.78 32.41 -68.87
C LEU D 235 -9.23 31.15 -69.52
N GLU D 236 -9.06 31.17 -70.85
CA GLU D 236 -8.46 30.03 -71.52
C GLU D 236 -7.02 29.81 -71.08
N GLN D 237 -6.30 30.89 -70.77
CA GLN D 237 -4.93 30.76 -70.27
C GLN D 237 -4.90 29.92 -68.99
N LYS D 238 -5.73 30.29 -68.01
CA LYS D 238 -5.73 29.49 -66.77
C LYS D 238 -6.41 28.13 -66.96
N VAL D 239 -7.33 28.03 -67.93
CA VAL D 239 -7.92 26.73 -68.26
C VAL D 239 -6.84 25.77 -68.71
N ASP D 240 -5.91 26.25 -69.54
CA ASP D 240 -4.77 25.43 -69.95
C ASP D 240 -3.97 24.96 -68.74
N LYS D 241 -3.87 25.79 -67.70
CA LYS D 241 -3.14 25.41 -66.50
C LYS D 241 -3.90 24.36 -65.68
N VAL D 242 -5.23 24.34 -65.77
CA VAL D 242 -5.99 23.38 -64.98
C VAL D 242 -5.58 21.94 -65.30
N LEU D 243 -5.43 21.62 -66.60
CA LEU D 243 -5.16 20.22 -67.01
C LEU D 243 -3.85 19.66 -66.42
N ALA D 244 -3.03 20.49 -65.77
CA ALA D 244 -1.74 20.03 -65.29
C ALA D 244 -1.86 18.90 -64.26
N GLN D 245 -3.06 18.69 -63.71
CA GLN D 245 -3.27 17.69 -62.66
C GLN D 245 -3.13 16.25 -63.15
N GLY D 246 -3.17 16.01 -64.46
CA GLY D 246 -3.22 14.64 -64.97
C GLY D 246 -2.01 13.81 -64.61
N SER D 247 -0.82 14.41 -64.63
CA SER D 247 0.37 13.67 -64.22
C SER D 247 0.29 13.23 -62.77
N MET D 248 -0.17 14.15 -61.92
CA MET D 248 -0.27 13.87 -60.46
C MET D 248 -1.34 12.81 -60.19
N VAL D 249 -2.41 12.81 -60.99
CA VAL D 249 -3.43 11.77 -60.82
C VAL D 249 -2.91 10.43 -61.33
N THR D 250 -2.06 10.44 -62.36
CA THR D 250 -1.33 9.23 -62.70
C THR D 250 -0.50 8.77 -61.52
N GLN D 251 0.10 9.73 -60.80
CA GLN D 251 0.87 9.40 -59.61
C GLN D 251 0.00 8.78 -58.53
N ILE D 252 -1.23 9.30 -58.40
CA ILE D 252 -2.16 8.81 -57.34
C ILE D 252 -2.58 7.37 -57.67
N LYS D 253 -2.79 7.06 -58.95
CA LYS D 253 -3.11 5.67 -59.37
C LYS D 253 -1.89 4.81 -59.05
N ASN D 254 -0.69 5.33 -59.31
CA ASN D 254 0.52 4.60 -58.96
C ASN D 254 0.55 4.31 -57.46
N GLU D 255 0.12 5.27 -56.66
CA GLU D 255 -0.02 5.08 -55.22
C GLU D 255 -0.95 3.90 -54.92
N LEU D 256 -2.06 3.83 -55.65
CA LEU D 256 -3.02 2.71 -55.44
C LEU D 256 -2.28 1.40 -55.71
N SER D 257 -1.62 1.32 -56.86
CA SER D 257 -0.93 0.09 -57.21
C SER D 257 0.03 -0.31 -56.11
N THR D 258 0.81 0.66 -55.60
CA THR D 258 1.77 0.36 -54.55
C THR D 258 1.07 -0.13 -53.28
N VAL D 259 0.02 0.55 -52.86
CA VAL D 259 -0.64 0.19 -51.60
C VAL D 259 -1.30 -1.18 -51.72
N LYS D 260 -1.86 -1.50 -52.89
CA LYS D 260 -2.41 -2.84 -53.08
C LYS D 260 -1.31 -3.90 -52.99
N THR D 261 -0.20 -3.69 -53.72
CA THR D 261 0.88 -4.66 -53.69
C THR D 261 1.43 -4.86 -52.29
N THR D 262 1.45 -3.79 -51.48
CA THR D 262 2.04 -3.87 -50.16
C THR D 262 1.07 -4.34 -49.08
N LEU D 263 -0.23 -4.13 -49.26
CA LEU D 263 -1.19 -4.75 -48.35
C LEU D 263 -1.34 -6.23 -48.65
N ALA D 264 -1.00 -6.64 -49.88
CA ALA D 264 -0.95 -8.07 -50.16
C ALA D 264 0.06 -8.77 -49.26
N THR D 265 1.14 -8.07 -48.89
CA THR D 265 2.16 -8.67 -48.03
C THR D 265 1.64 -8.87 -46.61
N ILE D 266 0.79 -7.97 -46.13
CA ILE D 266 0.36 -8.02 -44.74
C ILE D 266 -0.43 -9.29 -44.46
N GLU D 267 -1.34 -9.66 -45.35
CA GLU D 267 -2.14 -10.87 -45.17
C GLU D 267 -1.27 -12.11 -45.31
N ALA E 218 -34.22 50.48 -85.91
CA ALA E 218 -32.83 50.12 -85.67
C ALA E 218 -32.57 49.92 -84.18
N ASN E 219 -33.64 49.87 -83.38
CA ASN E 219 -33.49 49.70 -81.91
C ASN E 219 -33.20 48.23 -81.59
N GLU E 220 -33.78 47.31 -82.35
CA GLU E 220 -33.58 45.85 -82.12
C GLU E 220 -32.09 45.59 -81.88
N ILE E 221 -31.22 46.20 -82.67
CA ILE E 221 -29.79 46.00 -82.50
C ILE E 221 -29.38 46.30 -81.07
N MET E 222 -29.85 47.42 -80.53
CA MET E 222 -29.55 47.77 -79.12
C MET E 222 -30.11 46.68 -78.19
N ASP E 223 -31.35 46.23 -78.44
CA ASP E 223 -31.96 45.21 -77.56
C ASP E 223 -31.09 43.95 -77.57
N LEU E 224 -30.75 43.44 -78.76
CA LEU E 224 -29.93 42.21 -78.85
C LEU E 224 -28.57 42.45 -78.18
N LEU E 225 -28.02 43.65 -78.34
CA LEU E 225 -26.73 43.98 -77.75
C LEU E 225 -26.80 43.94 -76.22
N ARG E 226 -27.89 44.46 -75.65
CA ARG E 226 -28.09 44.30 -74.21
C ARG E 226 -28.20 42.83 -73.84
N GLY E 227 -28.86 42.04 -74.69
CA GLY E 227 -28.93 40.60 -74.44
C GLY E 227 -27.57 39.93 -74.44
N MET E 228 -26.71 40.33 -75.39
CA MET E 228 -25.35 39.74 -75.47
C MET E 228 -24.58 40.13 -74.21
N ASP E 229 -24.72 41.39 -73.77
CA ASP E 229 -24.10 41.80 -72.51
C ASP E 229 -24.58 40.94 -71.35
N ALA E 230 -25.88 40.62 -71.34
CA ALA E 230 -26.43 39.80 -70.25
C ALA E 230 -25.83 38.41 -70.25
N ARG E 231 -25.89 37.72 -71.39
CA ARG E 231 -25.24 36.38 -71.46
C ARG E 231 -23.75 36.54 -71.13
N LEU E 232 -23.14 37.66 -71.53
CA LEU E 232 -21.75 37.90 -71.20
C LEU E 232 -21.49 37.83 -69.71
N GLN E 233 -22.26 38.62 -68.95
CA GLN E 233 -22.11 38.64 -67.47
C GLN E 233 -22.27 37.21 -66.97
N HIS E 234 -23.26 36.50 -67.50
CA HIS E 234 -23.48 35.11 -67.10
C HIS E 234 -22.22 34.27 -67.33
N LEU E 235 -21.56 34.44 -68.49
CA LEU E 235 -20.29 33.75 -68.72
C LEU E 235 -19.26 34.14 -67.68
N GLU E 236 -19.19 35.43 -67.35
CA GLU E 236 -18.21 35.86 -66.35
C GLU E 236 -18.42 35.15 -65.02
N GLN E 237 -19.67 35.12 -64.53
CA GLN E 237 -19.91 34.51 -63.23
C GLN E 237 -19.63 33.01 -63.25
N LYS E 238 -20.13 32.29 -64.26
CA LYS E 238 -19.88 30.86 -64.28
C LYS E 238 -18.40 30.55 -64.45
N VAL E 239 -17.68 31.31 -65.28
CA VAL E 239 -16.27 31.01 -65.48
C VAL E 239 -15.45 31.33 -64.23
N ASP E 240 -15.87 32.38 -63.51
CA ASP E 240 -15.16 32.79 -62.27
C ASP E 240 -15.27 31.65 -61.25
N LYS E 241 -16.48 31.11 -61.06
CA LYS E 241 -16.67 30.00 -60.09
C LYS E 241 -15.93 28.76 -60.61
N VAL E 242 -15.86 28.57 -61.93
CA VAL E 242 -15.06 27.47 -62.46
C VAL E 242 -13.59 27.64 -62.05
N LEU E 243 -13.08 28.87 -62.09
CA LEU E 243 -11.73 29.13 -61.61
C LEU E 243 -11.60 28.80 -60.14
N ALA E 244 -12.64 29.09 -59.36
CA ALA E 244 -12.63 28.71 -57.94
C ALA E 244 -12.52 27.20 -57.78
N GLN E 245 -13.28 26.45 -58.61
CA GLN E 245 -13.14 25.00 -58.60
C GLN E 245 -11.72 24.57 -58.92
N GLY E 246 -11.10 25.22 -59.92
CA GLY E 246 -9.72 24.88 -60.26
C GLY E 246 -8.75 25.16 -59.13
N SER E 247 -8.99 26.24 -58.40
CA SER E 247 -8.13 26.57 -57.23
C SER E 247 -8.32 25.52 -56.14
N MET E 248 -9.54 24.98 -55.99
CA MET E 248 -9.77 23.95 -54.98
C MET E 248 -9.17 22.62 -55.40
N VAL E 249 -9.10 22.35 -56.71
CA VAL E 249 -8.39 21.15 -57.14
C VAL E 249 -6.88 21.32 -56.96
N THR E 250 -6.40 22.57 -56.96
CA THR E 250 -4.95 22.76 -56.65
C THR E 250 -4.74 22.42 -55.17
N GLN E 251 -5.70 22.78 -54.31
CA GLN E 251 -5.60 22.37 -52.89
C GLN E 251 -5.59 20.84 -52.85
N ILE E 252 -6.64 20.21 -53.37
CA ILE E 252 -6.70 18.72 -53.39
C ILE E 252 -5.31 18.20 -53.78
N LYS E 253 -4.74 18.71 -54.87
CA LYS E 253 -3.42 18.24 -55.35
C LYS E 253 -2.40 18.29 -54.19
N ASN E 254 -2.37 19.39 -53.44
CA ASN E 254 -1.38 19.56 -52.34
C ASN E 254 -1.60 18.50 -51.26
N GLU E 255 -2.85 18.32 -50.81
CA GLU E 255 -3.15 17.37 -49.70
C GLU E 255 -2.73 15.95 -50.09
N LEU E 256 -3.20 15.50 -51.28
CA LEU E 256 -2.85 14.15 -51.77
C LEU E 256 -1.34 14.07 -51.89
N SER E 257 -0.67 15.18 -52.24
CA SER E 257 0.82 15.09 -52.20
C SER E 257 1.21 14.62 -50.80
N THR E 258 0.70 15.29 -49.76
CA THR E 258 1.09 14.91 -48.38
C THR E 258 0.72 13.44 -48.14
N VAL E 259 -0.44 12.99 -48.66
CA VAL E 259 -0.83 11.59 -48.48
C VAL E 259 0.23 10.67 -49.08
N LYS E 260 0.73 11.04 -50.26
CA LYS E 260 1.80 10.21 -50.89
C LYS E 260 3.02 10.20 -49.97
N THR E 261 3.44 11.37 -49.47
CA THR E 261 4.62 11.41 -48.62
C THR E 261 4.48 10.49 -47.41
N THR E 262 3.34 10.58 -46.70
CA THR E 262 3.20 9.75 -45.51
C THR E 262 3.02 8.29 -45.87
N LEU E 263 2.41 7.99 -47.03
CA LEU E 263 2.34 6.61 -47.48
C LEU E 263 3.73 6.06 -47.75
N ALA E 264 4.60 6.85 -48.37
CA ALA E 264 5.98 6.42 -48.57
C ALA E 264 6.67 6.17 -47.23
N THR E 265 6.41 7.05 -46.25
CA THR E 265 7.03 6.89 -44.91
C THR E 265 6.58 5.54 -44.32
N ILE E 266 5.28 5.22 -44.39
CA ILE E 266 4.82 3.99 -43.76
C ILE E 266 5.31 2.77 -44.55
N GLU E 267 5.45 2.90 -45.88
CA GLU E 267 6.06 1.82 -46.65
C GLU E 267 7.48 1.56 -46.20
N GLY E 268 8.23 2.63 -45.93
CA GLY E 268 9.55 2.43 -45.36
C GLY E 268 9.50 1.79 -43.98
N MET E 269 8.50 2.15 -43.18
CA MET E 269 8.41 1.65 -41.80
C MET E 269 8.05 0.15 -41.78
N MET E 270 7.14 -0.29 -42.64
CA MET E 270 6.67 -1.72 -42.58
C MET E 270 7.81 -2.69 -42.96
N ALA E 271 8.62 -2.34 -43.97
CA ALA E 271 9.67 -3.23 -44.42
C ALA E 271 10.80 -3.32 -43.40
ZN ZN F . -31.21 12.05 30.04
ZN ZN G . -14.45 15.14 37.36
#